data_7CC3
#
_entry.id   7CC3
#
_cell.length_a   99.048
_cell.length_b   99.221
_cell.length_c   193.876
_cell.angle_alpha   90.000
_cell.angle_beta   90.000
_cell.angle_gamma   90.000
#
_symmetry.space_group_name_H-M   'P 21 21 21'
#
loop_
_entity.id
_entity.type
_entity.pdbx_description
1 polymer 'cis-prenyltransferase MM_0014'
2 non-polymer 'PHOSPHATE ION'
3 non-polymer 2-[(2E,6E)-3,7,11-trimethyldodeca-2,6,10-trienoxy]propane-1,3-diol
4 non-polymer (2R)-3-[(2E,6E)-3,7,11-trimethyldodeca-2,6,10-trienoxy]propane-1,2-diol
5 non-polymer (2S)-3-[(2E,6E)-3,7,11-trimethyldodeca-2,6,10-trienoxy]propane-1,2-diol
6 non-polymer DIPHOSPHATE
7 water water
#
_entity_poly.entity_id   1
_entity_poly.type   'polypeptide(L)'
_entity_poly.pdbx_seq_one_letter_code
;GPGYQMDIPKFKRLPRHIAIIPDGNRRWALARGLEKHEGYSSGIIPGLEVYDICVKIGIGEVTFFGFTQDNTKRPQIQRK
AFTDACIKSVQEIAKRDAEILVVGNTNSDIFPEELLEYTKRTKVGKGKIKINFLINYGWYWDLTYAYDNSPDGKKMIENI
ASAEIPRVDLLIRWGGRCRLSGMLPVQTVYSDIYVVDEMWPDFKPEHLFKALEFYQNQDITLGG
;
_entity_poly.pdbx_strand_id   A,B,C,D,E,F,G,H
#
# COMPACT_ATOMS: atom_id res chain seq x y z
N PRO A 2 27.06 -26.03 -2.68
CA PRO A 2 27.80 -26.50 -3.88
C PRO A 2 26.87 -26.63 -5.10
N GLY A 3 25.62 -27.03 -4.88
CA GLY A 3 24.59 -27.22 -5.92
C GLY A 3 23.61 -26.07 -5.96
N TYR A 4 22.61 -26.15 -6.85
CA TYR A 4 21.57 -25.11 -7.06
C TYR A 4 20.73 -24.95 -5.79
N GLN A 5 20.20 -26.06 -5.27
CA GLN A 5 19.38 -26.12 -4.04
C GLN A 5 20.27 -26.56 -2.88
N MET A 6 20.04 -26.03 -1.67
CA MET A 6 20.66 -26.56 -0.43
C MET A 6 20.26 -28.03 -0.31
N ASP A 7 21.19 -28.88 0.12
CA ASP A 7 20.95 -30.34 0.28
C ASP A 7 19.89 -30.54 1.37
N ILE A 8 19.08 -31.58 1.23
CA ILE A 8 18.06 -31.96 2.25
C ILE A 8 18.83 -32.52 3.45
N PRO A 9 18.68 -31.94 4.66
CA PRO A 9 19.38 -32.44 5.84
C PRO A 9 18.93 -33.87 6.20
N LYS A 10 19.82 -34.60 6.89
CA LYS A 10 19.48 -35.86 7.61
C LYS A 10 18.92 -35.46 8.97
N PHE A 11 17.73 -35.97 9.31
CA PHE A 11 17.04 -35.71 10.59
C PHE A 11 17.17 -36.97 11.48
N LYS A 12 17.34 -36.76 12.79
CA LYS A 12 17.55 -37.85 13.79
C LYS A 12 16.19 -38.39 14.27
N ARG A 13 15.13 -37.61 14.10
CA ARG A 13 13.73 -38.01 14.38
C ARG A 13 12.86 -37.37 13.30
N LEU A 14 11.89 -38.11 12.76
CA LEU A 14 10.92 -37.58 11.78
C LEU A 14 9.51 -37.82 12.29
N PRO A 15 8.59 -36.88 11.98
CA PRO A 15 7.17 -37.09 12.25
C PRO A 15 6.61 -38.13 11.27
N ARG A 16 5.72 -38.99 11.74
CA ARG A 16 4.98 -39.91 10.83
C ARG A 16 4.02 -39.10 9.95
N HIS A 17 3.41 -38.07 10.54
CA HIS A 17 2.29 -37.33 9.90
C HIS A 17 2.49 -35.84 10.12
N ILE A 18 2.66 -35.11 9.02
CA ILE A 18 2.75 -33.62 9.00
C ILE A 18 1.42 -33.04 8.51
N ALA A 19 0.88 -32.06 9.22
CA ALA A 19 -0.22 -31.21 8.73
C ALA A 19 0.35 -29.87 8.27
N ILE A 20 -0.15 -29.35 7.17
CA ILE A 20 0.32 -28.09 6.54
C ILE A 20 -0.88 -27.13 6.49
N ILE A 21 -0.74 -25.95 7.10
CA ILE A 21 -1.73 -24.84 6.90
C ILE A 21 -1.07 -23.77 6.03
N PRO A 22 -1.41 -23.76 4.73
CA PRO A 22 -0.76 -22.88 3.75
C PRO A 22 -1.42 -21.51 3.74
N ASP A 23 -1.30 -20.78 4.85
CA ASP A 23 -2.02 -19.52 5.10
C ASP A 23 -1.16 -18.34 4.63
N GLY A 24 -1.81 -17.20 4.40
CA GLY A 24 -1.15 -15.92 4.07
C GLY A 24 -1.23 -15.56 2.59
N ASN A 25 -2.01 -16.28 1.80
CA ASN A 25 -2.08 -16.04 0.33
C ASN A 25 -2.65 -14.64 0.04
N ARG A 26 -3.68 -14.21 0.77
CA ARG A 26 -4.38 -12.92 0.52
C ARG A 26 -3.46 -11.78 0.95
N ARG A 27 -2.84 -11.87 2.13
CA ARG A 27 -1.88 -10.84 2.60
C ARG A 27 -0.69 -10.76 1.65
N TRP A 28 -0.20 -11.90 1.19
CA TRP A 28 0.91 -11.96 0.22
C TRP A 28 0.52 -11.17 -1.03
N ALA A 29 -0.67 -11.43 -1.58
CA ALA A 29 -1.15 -10.80 -2.83
C ALA A 29 -1.25 -9.28 -2.60
N LEU A 30 -1.84 -8.86 -1.49
CA LEU A 30 -2.07 -7.42 -1.19
C LEU A 30 -0.71 -6.71 -1.07
N ALA A 31 0.27 -7.33 -0.42
CA ALA A 31 1.61 -6.75 -0.18
C ALA A 31 2.33 -6.51 -1.53
N ARG A 32 2.00 -7.29 -2.56
CA ARG A 32 2.58 -7.18 -3.94
C ARG A 32 1.74 -6.26 -4.83
N GLY A 33 0.64 -5.68 -4.30
CA GLY A 33 -0.27 -4.78 -5.02
C GLY A 33 -1.24 -5.52 -5.93
N LEU A 34 -1.40 -6.84 -5.74
CA LEU A 34 -2.39 -7.68 -6.46
C LEU A 34 -3.71 -7.66 -5.67
N GLU A 35 -4.80 -8.17 -6.27
CA GLU A 35 -6.11 -8.33 -5.59
C GLU A 35 -6.02 -9.53 -4.63
N LYS A 36 -6.77 -9.50 -3.53
CA LYS A 36 -6.76 -10.55 -2.48
C LYS A 36 -6.78 -11.96 -3.09
N HIS A 37 -7.63 -12.21 -4.09
CA HIS A 37 -7.90 -13.57 -4.64
C HIS A 37 -6.73 -14.06 -5.49
N GLU A 38 -5.78 -13.18 -5.85
CA GLU A 38 -4.70 -13.53 -6.80
C GLU A 38 -3.57 -14.32 -6.12
N GLY A 39 -3.57 -14.44 -4.79
CA GLY A 39 -2.50 -15.16 -4.07
C GLY A 39 -2.57 -16.66 -4.27
N TYR A 40 -3.78 -17.21 -4.40
CA TYR A 40 -4.00 -18.68 -4.30
C TYR A 40 -3.24 -19.42 -5.40
N SER A 41 -3.25 -18.90 -6.62
CA SER A 41 -2.62 -19.57 -7.78
C SER A 41 -1.09 -19.64 -7.60
N SER A 42 -0.52 -18.78 -6.76
CA SER A 42 0.93 -18.76 -6.40
C SER A 42 1.20 -19.69 -5.21
N GLY A 43 0.20 -20.44 -4.73
CA GLY A 43 0.37 -21.36 -3.61
C GLY A 43 0.48 -22.81 -4.05
N ILE A 44 0.40 -23.08 -5.36
CA ILE A 44 0.38 -24.47 -5.89
C ILE A 44 1.81 -25.02 -5.91
N ILE A 45 2.74 -24.28 -6.53
CA ILE A 45 4.17 -24.71 -6.61
C ILE A 45 4.73 -24.94 -5.21
N PRO A 46 4.54 -24.05 -4.21
CA PRO A 46 4.95 -24.33 -2.84
C PRO A 46 4.48 -25.70 -2.34
N GLY A 47 3.23 -26.09 -2.61
CA GLY A 47 2.74 -27.42 -2.21
C GLY A 47 3.53 -28.52 -2.86
N LEU A 48 3.85 -28.38 -4.15
CA LEU A 48 4.62 -29.41 -4.89
C LEU A 48 6.04 -29.48 -4.34
N GLU A 49 6.61 -28.34 -3.89
CA GLU A 49 7.96 -28.31 -3.27
C GLU A 49 7.94 -29.07 -1.94
N VAL A 50 6.91 -28.84 -1.12
CA VAL A 50 6.73 -29.58 0.16
C VAL A 50 6.59 -31.07 -0.15
N TYR A 51 5.78 -31.43 -1.14
CA TYR A 51 5.57 -32.82 -1.57
C TYR A 51 6.93 -33.44 -1.94
N ASP A 52 7.70 -32.76 -2.80
CA ASP A 52 9.00 -33.25 -3.31
C ASP A 52 9.95 -33.48 -2.12
N ILE A 53 10.01 -32.55 -1.17
CA ILE A 53 10.96 -32.63 -0.01
C ILE A 53 10.50 -33.79 0.88
N CYS A 54 9.21 -33.93 1.13
CA CYS A 54 8.67 -34.99 2.02
C CYS A 54 8.94 -36.38 1.41
N VAL A 55 8.83 -36.52 0.09
CA VAL A 55 9.16 -37.80 -0.60
C VAL A 55 10.63 -38.11 -0.38
N LYS A 56 11.50 -37.12 -0.58
CA LYS A 56 12.98 -37.24 -0.46
C LYS A 56 13.38 -37.69 0.94
N ILE A 57 12.80 -37.13 2.02
CA ILE A 57 13.21 -37.50 3.40
C ILE A 57 12.44 -38.74 3.87
N GLY A 58 11.35 -39.10 3.21
CA GLY A 58 10.57 -40.32 3.51
C GLY A 58 9.48 -40.10 4.55
N ILE A 59 8.87 -38.91 4.58
CA ILE A 59 7.67 -38.65 5.43
C ILE A 59 6.53 -39.56 4.93
N GLY A 60 5.83 -40.23 5.85
CA GLY A 60 4.79 -41.22 5.51
C GLY A 60 3.47 -40.60 5.09
N GLU A 61 3.10 -39.45 5.67
CA GLU A 61 1.75 -38.87 5.49
C GLU A 61 1.84 -37.35 5.63
N VAL A 62 1.22 -36.63 4.70
CA VAL A 62 1.08 -35.15 4.76
C VAL A 62 -0.38 -34.80 4.49
N THR A 63 -0.98 -33.99 5.35
CA THR A 63 -2.36 -33.47 5.18
C THR A 63 -2.28 -31.98 4.91
N PHE A 64 -2.84 -31.54 3.80
CA PHE A 64 -2.89 -30.11 3.41
C PHE A 64 -4.28 -29.57 3.70
N PHE A 65 -4.33 -28.48 4.44
CA PHE A 65 -5.55 -27.67 4.66
C PHE A 65 -5.86 -26.94 3.35
N GLY A 66 -6.89 -27.38 2.63
CA GLY A 66 -7.31 -26.73 1.37
C GLY A 66 -8.27 -25.58 1.61
N PHE A 67 -9.53 -25.88 1.90
CA PHE A 67 -10.50 -24.86 2.34
C PHE A 67 -11.58 -25.53 3.18
N THR A 68 -12.20 -24.72 4.02
CA THR A 68 -13.24 -25.15 4.98
C THR A 68 -14.59 -24.59 4.57
N GLN A 69 -15.65 -25.12 5.16
CA GLN A 69 -17.02 -24.61 4.97
C GLN A 69 -17.05 -23.16 5.47
N ASP A 70 -16.41 -22.86 6.61
CA ASP A 70 -16.27 -21.49 7.16
C ASP A 70 -15.69 -20.56 6.08
N ASN A 71 -14.71 -21.04 5.29
CA ASN A 71 -14.02 -20.21 4.25
C ASN A 71 -15.00 -19.82 3.14
N THR A 72 -16.05 -20.61 2.90
CA THR A 72 -17.02 -20.36 1.81
C THR A 72 -17.95 -19.20 2.21
N LYS A 73 -17.75 -18.59 3.38
CA LYS A 73 -18.41 -17.32 3.77
C LYS A 73 -17.75 -16.15 3.03
N ARG A 74 -16.55 -16.36 2.48
CA ARG A 74 -15.74 -15.30 1.82
C ARG A 74 -16.36 -14.93 0.48
N PRO A 75 -16.03 -13.74 -0.07
CA PRO A 75 -16.55 -13.32 -1.38
C PRO A 75 -16.39 -14.37 -2.49
N GLN A 76 -17.36 -14.43 -3.41
CA GLN A 76 -17.43 -15.44 -4.50
C GLN A 76 -16.12 -15.45 -5.29
N ILE A 77 -15.55 -14.28 -5.61
CA ILE A 77 -14.29 -14.18 -6.40
C ILE A 77 -13.17 -14.91 -5.66
N GLN A 78 -13.12 -14.81 -4.32
CA GLN A 78 -12.11 -15.50 -3.48
C GLN A 78 -12.42 -17.00 -3.45
N ARG A 79 -13.69 -17.39 -3.28
CA ARG A 79 -14.12 -18.81 -3.27
C ARG A 79 -13.68 -19.49 -4.57
N LYS A 80 -13.94 -18.86 -5.71
CA LYS A 80 -13.58 -19.47 -7.02
C LYS A 80 -12.06 -19.63 -7.08
N ALA A 81 -11.30 -18.63 -6.64
CA ALA A 81 -9.81 -18.63 -6.69
C ALA A 81 -9.23 -19.77 -5.84
N PHE A 82 -9.66 -19.92 -4.58
CA PHE A 82 -9.07 -20.94 -3.69
C PHE A 82 -9.58 -22.33 -4.11
N THR A 83 -10.79 -22.43 -4.66
CA THR A 83 -11.37 -23.72 -5.09
C THR A 83 -10.59 -24.19 -6.33
N ASP A 84 -10.40 -23.31 -7.30
CA ASP A 84 -9.63 -23.60 -8.55
C ASP A 84 -8.22 -24.05 -8.18
N ALA A 85 -7.55 -23.37 -7.25
CA ALA A 85 -6.16 -23.68 -6.87
C ALA A 85 -6.10 -25.03 -6.14
N CYS A 86 -7.09 -25.32 -5.30
CA CYS A 86 -7.20 -26.65 -4.62
C CYS A 86 -7.36 -27.75 -5.67
N ILE A 87 -8.27 -27.57 -6.64
CA ILE A 87 -8.51 -28.57 -7.72
C ILE A 87 -7.18 -28.83 -8.44
N LYS A 88 -6.50 -27.78 -8.90
CA LYS A 88 -5.20 -27.86 -9.63
C LYS A 88 -4.16 -28.61 -8.78
N SER A 89 -4.10 -28.30 -7.49
CA SER A 89 -3.14 -28.92 -6.54
C SER A 89 -3.33 -30.44 -6.51
N VAL A 90 -4.58 -30.89 -6.35
CA VAL A 90 -4.85 -32.35 -6.26
C VAL A 90 -4.47 -32.98 -7.62
N GLN A 91 -4.85 -32.33 -8.72
CA GLN A 91 -4.58 -32.83 -10.09
C GLN A 91 -3.06 -32.92 -10.32
N GLU A 92 -2.28 -31.99 -9.78
CA GLU A 92 -0.80 -32.01 -9.92
C GLU A 92 -0.22 -33.19 -9.13
N ILE A 93 -0.68 -33.43 -7.90
CA ILE A 93 -0.23 -34.61 -7.10
C ILE A 93 -0.64 -35.89 -7.83
N ALA A 94 -1.78 -35.88 -8.52
CA ALA A 94 -2.33 -37.04 -9.27
C ALA A 94 -1.41 -37.42 -10.44
N LYS A 95 -0.56 -36.51 -10.89
CA LYS A 95 0.43 -36.78 -11.97
C LYS A 95 1.74 -37.35 -11.40
N ARG A 96 1.84 -37.55 -10.08
CA ARG A 96 3.11 -37.91 -9.42
C ARG A 96 2.93 -39.26 -8.69
N ASP A 97 3.67 -39.48 -7.62
CA ASP A 97 3.67 -40.74 -6.83
C ASP A 97 3.05 -40.44 -5.47
N ALA A 98 1.83 -40.93 -5.22
CA ALA A 98 1.13 -40.66 -3.94
C ALA A 98 -0.06 -41.61 -3.76
N GLU A 99 -0.49 -41.74 -2.51
CA GLU A 99 -1.84 -42.26 -2.13
C GLU A 99 -2.68 -41.05 -1.72
N ILE A 100 -3.58 -40.61 -2.60
CA ILE A 100 -4.33 -39.34 -2.46
C ILE A 100 -5.67 -39.62 -1.76
N LEU A 101 -5.97 -38.84 -0.73
CA LEU A 101 -7.32 -38.81 -0.13
C LEU A 101 -7.78 -37.37 0.02
N VAL A 102 -8.99 -37.07 -0.47
CA VAL A 102 -9.71 -35.80 -0.22
C VAL A 102 -10.77 -36.06 0.83
N VAL A 103 -10.80 -35.27 1.90
CA VAL A 103 -11.80 -35.36 3.00
C VAL A 103 -12.56 -34.02 3.05
N GLY A 104 -13.89 -34.09 3.00
CA GLY A 104 -14.73 -32.88 2.97
C GLY A 104 -16.18 -33.23 2.76
N ASN A 105 -17.04 -32.24 2.96
CA ASN A 105 -18.51 -32.38 2.82
C ASN A 105 -18.84 -32.36 1.32
N THR A 106 -19.08 -33.53 0.75
CA THR A 106 -19.38 -33.72 -0.71
C THR A 106 -20.83 -33.31 -1.00
N ASN A 107 -21.68 -33.21 0.03
CA ASN A 107 -23.11 -32.83 -0.08
C ASN A 107 -23.21 -31.30 -0.13
N SER A 108 -22.62 -30.68 -1.15
CA SER A 108 -22.64 -29.22 -1.39
C SER A 108 -22.28 -28.92 -2.84
N ASP A 109 -22.92 -27.90 -3.43
CA ASP A 109 -22.61 -27.38 -4.79
C ASP A 109 -21.37 -26.49 -4.71
N ILE A 110 -20.73 -26.42 -3.52
CA ILE A 110 -19.40 -25.77 -3.30
C ILE A 110 -18.30 -26.82 -3.48
N PHE A 111 -18.55 -28.09 -3.12
CA PHE A 111 -17.57 -29.19 -3.31
C PHE A 111 -17.37 -29.44 -4.81
N PRO A 112 -16.12 -29.38 -5.30
CA PRO A 112 -15.85 -29.56 -6.72
C PRO A 112 -16.02 -31.01 -7.19
N GLU A 113 -16.87 -31.22 -8.21
CA GLU A 113 -17.12 -32.54 -8.84
C GLU A 113 -15.78 -33.20 -9.23
N GLU A 114 -14.79 -32.40 -9.64
CA GLU A 114 -13.45 -32.88 -10.12
C GLU A 114 -12.77 -33.75 -9.06
N LEU A 115 -13.06 -33.54 -7.77
CA LEU A 115 -12.30 -34.20 -6.68
C LEU A 115 -13.10 -35.36 -6.06
N LEU A 116 -14.33 -35.63 -6.49
CA LEU A 116 -15.12 -36.76 -5.93
C LEU A 116 -14.33 -38.08 -6.05
N GLU A 117 -13.63 -38.30 -7.17
CA GLU A 117 -12.93 -39.59 -7.41
C GLU A 117 -11.84 -39.80 -6.34
N TYR A 118 -11.39 -38.74 -5.66
CA TYR A 118 -10.28 -38.84 -4.67
C TYR A 118 -10.81 -38.92 -3.23
N THR A 119 -12.13 -39.03 -3.04
CA THR A 119 -12.75 -39.14 -1.70
C THR A 119 -12.66 -40.59 -1.19
N LYS A 120 -12.18 -41.53 -2.03
CA LYS A 120 -11.63 -42.83 -1.60
C LYS A 120 -10.13 -42.81 -1.90
N ARG A 121 -9.30 -43.33 -0.99
CA ARG A 121 -7.82 -43.24 -1.13
C ARG A 121 -7.41 -43.86 -2.48
N THR A 122 -6.64 -43.11 -3.27
CA THR A 122 -6.32 -43.42 -4.69
C THR A 122 -4.80 -43.47 -4.87
N LYS A 123 -4.26 -44.65 -5.20
CA LYS A 123 -2.81 -44.80 -5.48
C LYS A 123 -2.53 -44.30 -6.90
N VAL A 124 -1.61 -43.33 -7.04
CA VAL A 124 -1.14 -42.81 -8.35
C VAL A 124 0.38 -43.07 -8.44
N GLY A 125 0.88 -43.44 -9.63
CA GLY A 125 2.28 -43.81 -9.82
C GLY A 125 2.71 -44.89 -8.83
N LYS A 126 3.85 -44.69 -8.16
CA LYS A 126 4.47 -45.69 -7.24
C LYS A 126 3.90 -45.54 -5.81
N GLY A 127 3.00 -44.58 -5.57
CA GLY A 127 2.48 -44.29 -4.23
C GLY A 127 3.61 -43.92 -3.29
N LYS A 128 3.70 -44.59 -2.13
CA LYS A 128 4.83 -44.56 -1.16
C LYS A 128 4.81 -43.28 -0.31
N ILE A 129 3.87 -42.36 -0.55
CA ILE A 129 3.54 -41.28 0.43
C ILE A 129 2.02 -41.08 0.44
N LYS A 130 1.43 -40.92 1.62
CA LYS A 130 -0.01 -40.56 1.77
C LYS A 130 -0.13 -39.03 1.72
N ILE A 131 -0.90 -38.51 0.78
CA ILE A 131 -1.21 -37.06 0.66
C ILE A 131 -2.71 -36.89 0.83
N ASN A 132 -3.11 -36.19 1.88
CA ASN A 132 -4.52 -35.87 2.19
C ASN A 132 -4.77 -34.38 1.89
N PHE A 133 -5.96 -34.05 1.40
CA PHE A 133 -6.44 -32.66 1.23
C PHE A 133 -7.77 -32.50 1.96
N LEU A 134 -7.88 -31.46 2.79
CA LEU A 134 -9.16 -31.07 3.40
C LEU A 134 -9.82 -30.04 2.48
N ILE A 135 -10.92 -30.45 1.84
CA ILE A 135 -11.61 -29.67 0.77
C ILE A 135 -13.09 -29.58 1.14
N ASN A 136 -13.58 -28.36 1.39
CA ASN A 136 -14.93 -28.13 1.96
C ASN A 136 -15.04 -28.94 3.25
N TYR A 137 -13.95 -28.95 4.01
CA TYR A 137 -13.87 -29.62 5.33
C TYR A 137 -14.45 -28.69 6.41
N GLY A 138 -14.97 -29.24 7.49
CA GLY A 138 -15.33 -28.44 8.67
C GLY A 138 -15.21 -29.25 9.93
N TRP A 139 -14.69 -28.66 10.99
CA TRP A 139 -14.50 -29.40 12.27
C TRP A 139 -15.87 -29.83 12.79
N TYR A 140 -16.89 -28.99 12.63
CA TYR A 140 -18.25 -29.24 13.19
C TYR A 140 -18.88 -30.41 12.41
N TRP A 141 -18.82 -30.34 11.09
CA TRP A 141 -19.22 -31.42 10.15
C TRP A 141 -18.47 -32.71 10.49
N ASP A 142 -17.17 -32.61 10.74
CA ASP A 142 -16.30 -33.78 11.02
C ASP A 142 -16.81 -34.51 12.28
N LEU A 143 -16.98 -33.78 13.38
CA LEU A 143 -17.35 -34.37 14.70
C LEU A 143 -18.79 -34.90 14.66
N THR A 144 -19.71 -34.19 14.00
CA THR A 144 -21.16 -34.52 13.98
C THR A 144 -21.42 -35.63 12.96
N TYR A 145 -20.46 -35.95 12.09
CA TYR A 145 -20.61 -36.98 11.02
C TYR A 145 -20.92 -38.34 11.63
N ALA A 146 -20.38 -38.61 12.82
CA ALA A 146 -20.51 -39.87 13.61
C ALA A 146 -21.96 -40.39 13.57
N TYR A 147 -22.95 -39.49 13.65
CA TYR A 147 -24.40 -39.81 13.61
C TYR A 147 -24.76 -40.38 12.23
N LYS A 155 -17.70 -45.69 19.87
CA LYS A 155 -17.84 -46.01 18.41
C LYS A 155 -17.91 -44.72 17.60
N MET A 156 -18.76 -43.78 18.02
CA MET A 156 -19.06 -42.51 17.29
C MET A 156 -17.77 -41.71 17.04
N ILE A 157 -16.90 -41.62 18.04
CA ILE A 157 -15.58 -40.92 17.96
C ILE A 157 -14.73 -41.53 16.85
N GLU A 158 -14.79 -42.86 16.68
CA GLU A 158 -13.99 -43.63 15.68
C GLU A 158 -14.62 -43.48 14.29
N ASN A 159 -15.82 -42.88 14.20
CA ASN A 159 -16.63 -42.72 12.97
C ASN A 159 -16.79 -41.24 12.62
N ILE A 160 -15.89 -40.37 13.09
CA ILE A 160 -15.82 -38.98 12.57
C ILE A 160 -15.52 -39.06 11.07
N ALA A 161 -15.87 -38.02 10.33
CA ALA A 161 -15.69 -37.93 8.86
C ALA A 161 -14.24 -38.18 8.49
N SER A 162 -13.28 -37.67 9.28
CA SER A 162 -11.81 -37.70 9.00
C SER A 162 -11.16 -38.95 9.64
N ALA A 163 -11.93 -40.00 9.97
CA ALA A 163 -11.44 -41.18 10.72
C ALA A 163 -10.24 -41.83 10.01
N GLU A 164 -10.15 -41.76 8.68
CA GLU A 164 -9.07 -42.39 7.88
C GLU A 164 -7.74 -41.70 8.11
N ILE A 165 -7.79 -40.44 8.57
CA ILE A 165 -6.59 -39.61 8.80
C ILE A 165 -6.15 -39.81 10.25
N PRO A 166 -4.90 -40.28 10.49
CA PRO A 166 -4.41 -40.52 11.84
C PRO A 166 -3.93 -39.24 12.54
N ARG A 167 -3.55 -39.40 13.81
CA ARG A 167 -2.96 -38.35 14.66
C ARG A 167 -1.89 -37.56 13.86
N VAL A 168 -1.91 -36.24 14.00
CA VAL A 168 -0.92 -35.30 13.40
C VAL A 168 0.23 -35.16 14.39
N ASP A 169 1.46 -35.46 13.97
CA ASP A 169 2.65 -35.36 14.85
C ASP A 169 3.15 -33.92 14.85
N LEU A 170 3.28 -33.35 13.65
CA LEU A 170 3.81 -31.98 13.44
C LEU A 170 2.82 -31.22 12.57
N LEU A 171 2.38 -30.06 13.05
CA LEU A 171 1.55 -29.14 12.24
C LEU A 171 2.38 -27.89 11.96
N ILE A 172 2.51 -27.54 10.68
CA ILE A 172 3.29 -26.35 10.23
C ILE A 172 2.32 -25.37 9.58
N ARG A 173 2.30 -24.14 10.08
CA ARG A 173 1.41 -23.08 9.56
C ARG A 173 2.27 -21.90 9.09
N TRP A 174 2.06 -21.51 7.84
CA TRP A 174 2.64 -20.30 7.22
C TRP A 174 1.72 -19.11 7.52
N GLY A 175 2.26 -17.90 7.41
CA GLY A 175 1.48 -16.65 7.56
C GLY A 175 1.48 -16.11 8.98
N GLY A 176 2.27 -16.70 9.89
CA GLY A 176 2.61 -16.11 11.21
C GLY A 176 1.54 -16.31 12.28
N ARG A 177 0.40 -16.91 11.97
CA ARG A 177 -0.66 -17.11 13.00
C ARG A 177 -0.45 -18.45 13.69
N CYS A 178 -0.56 -18.47 15.02
CA CYS A 178 -0.44 -19.71 15.82
C CYS A 178 -1.84 -20.15 16.24
N ARG A 179 -2.50 -20.91 15.40
CA ARG A 179 -3.92 -21.28 15.57
C ARG A 179 -4.23 -22.43 14.62
N LEU A 180 -5.22 -23.25 14.96
CA LEU A 180 -5.56 -24.46 14.16
C LEU A 180 -6.57 -24.14 13.06
N SER A 181 -7.36 -23.06 13.20
CA SER A 181 -8.47 -22.72 12.28
C SER A 181 -9.34 -23.96 12.06
N GLY A 182 -9.54 -24.74 13.13
CA GLY A 182 -10.44 -25.90 13.15
C GLY A 182 -9.93 -27.02 12.26
N MET A 183 -8.62 -27.14 12.08
CA MET A 183 -8.05 -28.28 11.35
C MET A 183 -8.04 -29.51 12.27
N LEU A 184 -8.89 -30.49 12.00
CA LEU A 184 -8.79 -31.86 12.57
C LEU A 184 -8.63 -31.78 14.09
N PRO A 185 -9.63 -31.28 14.82
CA PRO A 185 -9.51 -31.15 16.28
C PRO A 185 -9.11 -32.46 16.96
N VAL A 186 -9.61 -33.61 16.50
CA VAL A 186 -9.32 -34.91 17.17
C VAL A 186 -7.85 -35.26 16.95
N GLN A 187 -7.34 -35.14 15.72
CA GLN A 187 -5.97 -35.58 15.35
C GLN A 187 -4.91 -34.60 15.85
N THR A 188 -5.29 -33.39 16.25
CA THR A 188 -4.32 -32.31 16.59
C THR A 188 -4.24 -32.12 18.11
N VAL A 189 -4.92 -32.91 18.93
CA VAL A 189 -4.92 -32.71 20.41
C VAL A 189 -3.48 -32.68 20.96
N TYR A 190 -2.55 -33.48 20.43
CA TYR A 190 -1.15 -33.56 20.95
C TYR A 190 -0.12 -33.06 19.92
N SER A 191 -0.54 -32.51 18.79
CA SER A 191 0.38 -32.07 17.71
C SER A 191 1.34 -31.00 18.21
N ASP A 192 2.62 -31.11 17.85
CA ASP A 192 3.59 -29.98 17.98
C ASP A 192 3.33 -29.03 16.81
N ILE A 193 3.21 -27.74 17.13
CA ILE A 193 2.85 -26.68 16.14
C ILE A 193 4.07 -25.79 15.92
N TYR A 194 4.46 -25.63 14.65
CA TYR A 194 5.56 -24.74 14.22
C TYR A 194 4.96 -23.67 13.31
N VAL A 195 5.24 -22.41 13.60
CA VAL A 195 4.72 -21.27 12.81
C VAL A 195 5.87 -20.66 12.01
N VAL A 196 5.63 -20.53 10.70
CA VAL A 196 6.49 -19.79 9.75
C VAL A 196 5.88 -18.39 9.58
N ASP A 197 6.67 -17.34 9.78
CA ASP A 197 6.15 -15.95 9.73
C ASP A 197 5.83 -15.56 8.28
N GLU A 198 6.63 -16.02 7.31
CA GLU A 198 6.42 -15.70 5.88
C GLU A 198 5.10 -16.29 5.39
N MET A 199 4.47 -15.59 4.46
CA MET A 199 3.20 -16.04 3.84
C MET A 199 3.51 -17.27 2.96
N TRP A 200 2.54 -18.16 2.79
CA TRP A 200 2.71 -19.44 2.07
C TRP A 200 3.34 -19.27 0.69
N PRO A 201 2.93 -18.30 -0.18
CA PRO A 201 3.56 -18.17 -1.50
C PRO A 201 5.08 -17.94 -1.45
N ASP A 202 5.60 -17.48 -0.30
CA ASP A 202 7.04 -17.22 -0.03
C ASP A 202 7.73 -18.45 0.59
N PHE A 203 7.09 -19.62 0.50
CA PHE A 203 7.67 -20.91 0.94
C PHE A 203 9.11 -21.03 0.45
N LYS A 204 9.99 -21.46 1.35
CA LYS A 204 11.38 -21.87 1.07
C LYS A 204 11.62 -23.22 1.73
N PRO A 205 12.42 -24.13 1.14
CA PRO A 205 12.75 -25.39 1.80
C PRO A 205 13.21 -25.23 3.26
N GLU A 206 13.97 -24.18 3.58
CA GLU A 206 14.49 -23.94 4.95
C GLU A 206 13.31 -23.84 5.94
N HIS A 207 12.14 -23.36 5.51
CA HIS A 207 10.92 -23.32 6.38
C HIS A 207 10.60 -24.73 6.87
N LEU A 208 10.54 -25.70 5.95
CA LEU A 208 10.25 -27.10 6.31
C LEU A 208 11.42 -27.69 7.10
N PHE A 209 12.67 -27.40 6.73
CA PHE A 209 13.85 -27.92 7.46
C PHE A 209 13.81 -27.44 8.92
N LYS A 210 13.50 -26.16 9.15
CA LYS A 210 13.48 -25.57 10.51
C LYS A 210 12.35 -26.19 11.33
N ALA A 211 11.19 -26.43 10.72
CA ALA A 211 10.04 -27.12 11.36
C ALA A 211 10.47 -28.52 11.81
N LEU A 212 11.22 -29.24 10.97
CA LEU A 212 11.65 -30.62 11.28
C LEU A 212 12.76 -30.59 12.35
N GLU A 213 13.64 -29.59 12.31
CA GLU A 213 14.65 -29.36 13.39
C GLU A 213 13.89 -29.15 14.72
N PHE A 214 12.89 -28.29 14.73
CA PHE A 214 11.99 -28.04 15.90
C PHE A 214 11.43 -29.37 16.41
N TYR A 215 10.86 -30.19 15.52
CA TYR A 215 10.18 -31.46 15.92
C TYR A 215 11.21 -32.41 16.57
N GLN A 216 12.39 -32.54 15.98
CA GLN A 216 13.41 -33.52 16.46
C GLN A 216 13.99 -33.03 17.80
N ASN A 217 13.85 -31.73 18.11
CA ASN A 217 14.33 -31.12 19.38
C ASN A 217 13.30 -31.27 20.50
N GLN A 218 12.07 -31.74 20.22
CA GLN A 218 11.00 -31.89 21.25
C GLN A 218 11.29 -33.13 22.11
N ASP A 219 10.85 -33.11 23.37
CA ASP A 219 10.99 -34.21 24.36
C ASP A 219 9.72 -35.07 24.36
N GLY B 3 -3.18 -8.35 45.91
CA GLY B 3 -1.83 -8.98 45.72
C GLY B 3 -0.70 -8.02 46.06
N TYR B 4 -0.14 -7.36 45.03
CA TYR B 4 0.89 -6.30 45.18
C TYR B 4 0.83 -5.36 43.97
N GLN B 5 1.42 -4.17 44.10
CA GLN B 5 1.33 -3.09 43.08
C GLN B 5 2.13 -3.46 41.83
N MET B 6 1.51 -3.40 40.65
CA MET B 6 2.19 -3.55 39.35
C MET B 6 1.98 -2.28 38.53
N ASP B 7 2.79 -2.09 37.50
CA ASP B 7 2.58 -1.08 36.44
C ASP B 7 2.18 -1.87 35.20
N ILE B 8 0.88 -2.06 35.01
CA ILE B 8 0.31 -2.92 33.93
C ILE B 8 0.17 -2.08 32.67
N PRO B 9 0.73 -2.54 31.53
CA PRO B 9 0.56 -1.86 30.24
C PRO B 9 -0.90 -1.66 29.82
N LYS B 10 -1.13 -0.67 28.94
CA LYS B 10 -2.45 -0.38 28.30
C LYS B 10 -2.58 -1.28 27.07
N PHE B 11 -3.76 -1.89 26.89
CA PHE B 11 -4.11 -2.74 25.72
C PHE B 11 -5.28 -2.09 24.99
N LYS B 12 -5.24 -2.03 23.66
CA LYS B 12 -6.33 -1.49 22.80
C LYS B 12 -7.46 -2.52 22.71
N ARG B 13 -7.11 -3.81 22.73
CA ARG B 13 -8.06 -4.95 22.64
C ARG B 13 -7.67 -5.98 23.69
N LEU B 14 -8.65 -6.61 24.33
CA LEU B 14 -8.43 -7.68 25.33
C LEU B 14 -9.27 -8.91 24.96
N PRO B 15 -8.76 -10.13 25.21
CA PRO B 15 -9.54 -11.35 25.03
C PRO B 15 -10.61 -11.44 26.12
N ARG B 16 -11.79 -11.96 25.82
CA ARG B 16 -12.86 -12.21 26.83
C ARG B 16 -12.47 -13.44 27.66
N HIS B 17 -11.85 -14.43 27.02
CA HIS B 17 -11.60 -15.75 27.65
C HIS B 17 -10.18 -16.22 27.34
N ILE B 18 -9.38 -16.36 28.40
CA ILE B 18 -7.98 -16.85 28.29
C ILE B 18 -7.96 -18.27 28.81
N ALA B 19 -7.29 -19.16 28.10
CA ALA B 19 -6.92 -20.50 28.60
C ALA B 19 -5.44 -20.47 28.99
N ILE B 20 -5.11 -21.12 30.11
CA ILE B 20 -3.74 -21.17 30.69
C ILE B 20 -3.32 -22.63 30.77
N ILE B 21 -2.20 -23.00 30.13
CA ILE B 21 -1.56 -24.33 30.33
C ILE B 21 -0.29 -24.11 31.15
N PRO B 22 -0.35 -24.42 32.46
CA PRO B 22 0.72 -24.09 33.39
C PRO B 22 1.80 -25.19 33.41
N ASP B 23 2.42 -25.40 32.25
CA ASP B 23 3.34 -26.54 32.03
C ASP B 23 4.77 -26.17 32.47
N GLY B 24 5.58 -27.20 32.74
CA GLY B 24 7.03 -27.06 32.96
C GLY B 24 7.43 -27.27 34.42
N ASN B 25 6.49 -27.67 35.28
CA ASN B 25 6.72 -27.79 36.75
C ASN B 25 7.76 -28.87 37.03
N ARG B 26 7.69 -29.99 36.33
CA ARG B 26 8.60 -31.14 36.53
C ARG B 26 10.02 -30.75 36.07
N ARG B 27 10.15 -30.16 34.88
CA ARG B 27 11.48 -29.72 34.36
C ARG B 27 12.07 -28.65 35.27
N TRP B 28 11.24 -27.71 35.76
CA TRP B 28 11.64 -26.65 36.71
C TRP B 28 12.24 -27.30 37.96
N ALA B 29 11.56 -28.29 38.54
CA ALA B 29 11.97 -29.00 39.77
C ALA B 29 13.30 -29.70 39.51
N LEU B 30 13.42 -30.44 38.40
CA LEU B 30 14.66 -31.21 38.06
C LEU B 30 15.85 -30.25 37.94
N ALA B 31 15.64 -29.08 37.33
CA ALA B 31 16.68 -28.05 37.07
C ALA B 31 17.23 -27.49 38.39
N ARG B 32 16.42 -27.51 39.47
CA ARG B 32 16.80 -26.98 40.80
C ARG B 32 17.25 -28.12 41.73
N GLY B 33 17.41 -29.34 41.19
CA GLY B 33 17.87 -30.52 41.94
C GLY B 33 16.82 -31.06 42.89
N LEU B 34 15.53 -30.78 42.61
CA LEU B 34 14.38 -31.36 43.35
C LEU B 34 13.91 -32.60 42.61
N GLU B 35 13.08 -33.42 43.27
CA GLU B 35 12.35 -34.56 42.63
C GLU B 35 11.31 -33.96 41.67
N LYS B 36 11.08 -34.62 40.53
CA LYS B 36 10.15 -34.16 39.45
C LYS B 36 8.86 -33.60 40.05
N HIS B 37 8.21 -34.36 40.94
CA HIS B 37 6.85 -34.09 41.48
C HIS B 37 6.83 -32.84 42.36
N GLU B 38 7.97 -32.35 42.83
CA GLU B 38 8.03 -31.23 43.80
C GLU B 38 7.69 -29.88 43.14
N GLY B 39 7.78 -29.77 41.81
CA GLY B 39 7.57 -28.47 41.13
C GLY B 39 6.13 -27.97 41.24
N TYR B 40 5.15 -28.88 41.36
CA TYR B 40 3.71 -28.51 41.38
C TYR B 40 3.44 -27.58 42.56
N SER B 41 4.13 -27.76 43.69
CA SER B 41 3.88 -26.97 44.92
C SER B 41 4.39 -25.53 44.76
N SER B 42 5.18 -25.26 43.71
CA SER B 42 5.63 -23.90 43.33
C SER B 42 4.79 -23.35 42.16
N GLY B 43 3.65 -23.97 41.85
CA GLY B 43 2.79 -23.55 40.74
C GLY B 43 1.57 -22.78 41.20
N ILE B 44 1.40 -22.59 42.51
CA ILE B 44 0.14 -21.99 43.05
C ILE B 44 0.25 -20.46 42.96
N ILE B 45 1.32 -19.88 43.49
CA ILE B 45 1.47 -18.40 43.53
C ILE B 45 1.45 -17.83 42.10
N PRO B 46 2.14 -18.42 41.09
CA PRO B 46 1.98 -17.94 39.71
C PRO B 46 0.52 -17.84 39.28
N GLY B 47 -0.32 -18.81 39.63
CA GLY B 47 -1.74 -18.77 39.27
C GLY B 47 -2.45 -17.62 39.97
N LEU B 48 -2.08 -17.34 41.22
CA LEU B 48 -2.68 -16.20 41.96
C LEU B 48 -2.26 -14.88 41.32
N GLU B 49 -1.02 -14.78 40.83
CA GLU B 49 -0.53 -13.59 40.09
C GLU B 49 -1.33 -13.41 38.80
N VAL B 50 -1.55 -14.49 38.04
CA VAL B 50 -2.40 -14.44 36.80
C VAL B 50 -3.79 -13.94 37.18
N TYR B 51 -4.37 -14.51 38.22
CA TYR B 51 -5.73 -14.13 38.70
C TYR B 51 -5.74 -12.62 39.00
N ASP B 52 -4.76 -12.15 39.78
CA ASP B 52 -4.71 -10.72 40.21
C ASP B 52 -4.62 -9.83 38.96
N ILE B 53 -3.77 -10.18 38.00
CA ILE B 53 -3.57 -9.34 36.78
C ILE B 53 -4.88 -9.32 35.99
N CYS B 54 -5.53 -10.47 35.81
CA CYS B 54 -6.75 -10.59 35.00
C CYS B 54 -7.88 -9.77 35.64
N VAL B 55 -7.99 -9.79 36.98
CA VAL B 55 -9.02 -8.98 37.70
C VAL B 55 -8.74 -7.51 37.42
N LYS B 56 -7.48 -7.10 37.55
CA LYS B 56 -7.07 -5.67 37.44
C LYS B 56 -7.37 -5.17 36.02
N ILE B 57 -7.11 -5.97 34.99
CA ILE B 57 -7.29 -5.49 33.59
C ILE B 57 -8.73 -5.76 33.10
N GLY B 58 -9.51 -6.60 33.79
CA GLY B 58 -10.94 -6.83 33.48
C GLY B 58 -11.19 -7.99 32.53
N ILE B 59 -10.32 -9.01 32.50
CA ILE B 59 -10.58 -10.27 31.74
C ILE B 59 -11.79 -10.95 32.37
N GLY B 60 -12.76 -11.37 31.57
CA GLY B 60 -14.04 -11.91 32.06
C GLY B 60 -13.89 -13.36 32.51
N GLU B 61 -13.03 -14.15 31.89
CA GLU B 61 -13.04 -15.61 32.08
C GLU B 61 -11.65 -16.17 31.85
N VAL B 62 -11.18 -17.01 32.77
CA VAL B 62 -9.86 -17.66 32.66
C VAL B 62 -10.07 -19.14 32.96
N THR B 63 -9.59 -20.02 32.08
CA THR B 63 -9.66 -21.48 32.27
C THR B 63 -8.23 -22.00 32.47
N PHE B 64 -7.99 -22.65 33.60
CA PHE B 64 -6.68 -23.25 33.94
C PHE B 64 -6.74 -24.76 33.70
N PHE B 65 -5.77 -25.26 32.96
CA PHE B 65 -5.50 -26.71 32.79
C PHE B 65 -4.90 -27.22 34.09
N GLY B 66 -5.65 -28.03 34.84
CA GLY B 66 -5.21 -28.65 36.10
C GLY B 66 -4.56 -30.00 35.86
N PHE B 67 -5.35 -31.03 35.58
CA PHE B 67 -4.81 -32.32 35.11
C PHE B 67 -5.87 -33.04 34.28
N THR B 68 -5.37 -33.92 33.41
CA THR B 68 -6.20 -34.74 32.50
C THR B 68 -6.22 -36.20 32.95
N GLN B 69 -7.17 -36.97 32.43
CA GLN B 69 -7.24 -38.43 32.64
C GLN B 69 -5.92 -39.06 32.14
N ASP B 70 -5.39 -38.55 31.02
CA ASP B 70 -4.10 -38.99 30.42
C ASP B 70 -2.98 -38.84 31.47
N ASN B 71 -2.99 -37.74 32.22
CA ASN B 71 -1.94 -37.40 33.23
C ASN B 71 -1.95 -38.42 34.37
N THR B 72 -3.10 -39.04 34.66
CA THR B 72 -3.28 -39.96 35.81
C THR B 72 -2.63 -41.32 35.50
N LYS B 73 -2.05 -41.49 34.31
CA LYS B 73 -1.23 -42.68 33.94
C LYS B 73 0.17 -42.56 34.56
N ARG B 74 0.56 -41.35 34.99
CA ARG B 74 1.90 -41.05 35.55
C ARG B 74 2.06 -41.67 36.93
N PRO B 75 3.30 -41.78 37.46
CA PRO B 75 3.52 -42.36 38.79
C PRO B 75 2.68 -41.71 39.90
N GLN B 76 2.30 -42.52 40.90
CA GLN B 76 1.45 -42.12 42.05
C GLN B 76 1.99 -40.84 42.71
N ILE B 77 3.30 -40.76 42.94
CA ILE B 77 3.94 -39.62 43.65
C ILE B 77 3.68 -38.33 42.87
N GLN B 78 3.66 -38.40 41.53
CA GLN B 78 3.37 -37.24 40.65
C GLN B 78 1.87 -36.92 40.72
N ARG B 79 1.02 -37.94 40.60
CA ARG B 79 -0.47 -37.81 40.67
C ARG B 79 -0.85 -37.13 42.00
N LYS B 80 -0.29 -37.58 43.13
CA LYS B 80 -0.59 -36.97 44.44
C LYS B 80 -0.16 -35.49 44.40
N ALA B 81 1.02 -35.19 43.87
CA ALA B 81 1.59 -33.83 43.83
C ALA B 81 0.69 -32.91 42.97
N PHE B 82 0.34 -33.31 41.75
CA PHE B 82 -0.44 -32.39 40.87
C PHE B 82 -1.88 -32.31 41.39
N THR B 83 -2.41 -33.37 42.01
CA THR B 83 -3.80 -33.34 42.57
C THR B 83 -3.81 -32.40 43.78
N ASP B 84 -2.83 -32.52 44.68
CA ASP B 84 -2.70 -31.63 45.88
C ASP B 84 -2.63 -30.17 45.40
N ALA B 85 -1.80 -29.88 44.40
CA ALA B 85 -1.58 -28.49 43.92
C ALA B 85 -2.88 -27.96 43.29
N CYS B 86 -3.60 -28.78 42.53
CA CYS B 86 -4.91 -28.42 41.94
C CYS B 86 -5.90 -28.08 43.05
N ILE B 87 -5.98 -28.91 44.09
CA ILE B 87 -6.94 -28.68 45.21
C ILE B 87 -6.62 -27.33 45.86
N LYS B 88 -5.35 -27.10 46.19
CA LYS B 88 -4.89 -25.87 46.86
C LYS B 88 -5.21 -24.67 45.97
N SER B 89 -4.98 -24.78 44.66
CA SER B 89 -5.24 -23.68 43.69
C SER B 89 -6.71 -23.27 43.74
N VAL B 90 -7.62 -24.23 43.68
CA VAL B 90 -9.08 -23.92 43.68
C VAL B 90 -9.42 -23.28 45.02
N GLN B 91 -8.92 -23.85 46.11
CA GLN B 91 -9.20 -23.35 47.48
C GLN B 91 -8.65 -21.92 47.64
N GLU B 92 -7.54 -21.57 47.00
CA GLU B 92 -6.94 -20.21 47.07
C GLU B 92 -7.84 -19.24 46.31
N ILE B 93 -8.35 -19.63 45.15
CA ILE B 93 -9.29 -18.74 44.41
C ILE B 93 -10.57 -18.59 45.25
N ALA B 94 -10.94 -19.62 46.02
CA ALA B 94 -12.15 -19.61 46.88
C ALA B 94 -12.00 -18.59 48.02
N LYS B 95 -10.78 -18.17 48.35
CA LYS B 95 -10.51 -17.12 49.37
C LYS B 95 -10.64 -15.72 48.78
N ARG B 96 -10.93 -15.61 47.48
CA ARG B 96 -10.84 -14.33 46.73
C ARG B 96 -12.23 -14.02 46.14
N ASP B 97 -12.27 -13.23 45.07
CA ASP B 97 -13.50 -12.77 44.38
C ASP B 97 -13.56 -13.48 43.04
N ALA B 98 -14.46 -14.43 42.88
CA ALA B 98 -14.53 -15.22 41.63
C ALA B 98 -15.86 -15.99 41.54
N GLU B 99 -16.21 -16.36 40.31
CA GLU B 99 -17.23 -17.39 40.00
C GLU B 99 -16.45 -18.62 39.55
N ILE B 100 -16.34 -19.61 40.44
CA ILE B 100 -15.47 -20.81 40.22
C ILE B 100 -16.27 -21.94 39.60
N LEU B 101 -15.71 -22.57 38.57
CA LEU B 101 -16.28 -23.82 38.00
C LEU B 101 -15.14 -24.81 37.81
N VAL B 102 -15.31 -26.02 38.32
CA VAL B 102 -14.43 -27.17 38.03
C VAL B 102 -15.14 -28.07 37.02
N VAL B 103 -14.44 -28.46 35.95
CA VAL B 103 -14.98 -29.36 34.90
C VAL B 103 -14.06 -30.58 34.79
N GLY B 104 -14.63 -31.78 34.81
CA GLY B 104 -13.86 -33.01 34.73
C GLY B 104 -14.72 -34.20 35.08
N ASN B 105 -14.14 -35.40 34.98
CA ASN B 105 -14.89 -36.67 35.16
C ASN B 105 -15.01 -36.93 36.66
N THR B 106 -16.18 -36.64 37.22
CA THR B 106 -16.47 -36.80 38.66
C THR B 106 -16.85 -38.26 38.96
N ASN B 107 -17.11 -39.05 37.93
CA ASN B 107 -17.42 -40.51 38.03
C ASN B 107 -16.11 -41.31 38.07
N SER B 108 -15.19 -40.91 38.96
CA SER B 108 -13.84 -41.51 39.13
C SER B 108 -13.35 -41.26 40.55
N ASP B 109 -12.77 -42.28 41.18
CA ASP B 109 -12.12 -42.21 42.52
C ASP B 109 -11.01 -41.16 42.47
N ILE B 110 -10.48 -40.90 41.28
CA ILE B 110 -9.33 -39.98 41.03
C ILE B 110 -9.78 -38.53 41.21
N PHE B 111 -11.07 -38.23 40.97
CA PHE B 111 -11.61 -36.86 41.14
C PHE B 111 -11.64 -36.53 42.64
N PRO B 112 -10.97 -35.46 43.08
CA PRO B 112 -10.89 -35.13 44.50
C PRO B 112 -12.23 -34.66 45.09
N GLU B 113 -12.68 -35.30 46.17
CA GLU B 113 -13.94 -35.00 46.89
C GLU B 113 -13.98 -33.51 47.26
N GLU B 114 -12.83 -32.92 47.61
CA GLU B 114 -12.68 -31.50 48.01
C GLU B 114 -13.22 -30.55 46.94
N LEU B 115 -13.25 -30.96 45.67
CA LEU B 115 -13.60 -30.06 44.53
C LEU B 115 -15.00 -30.33 43.99
N LEU B 116 -15.72 -31.34 44.47
CA LEU B 116 -17.12 -31.62 44.02
C LEU B 116 -18.01 -30.38 44.20
N GLU B 117 -17.82 -29.62 45.27
CA GLU B 117 -18.68 -28.44 45.58
C GLU B 117 -18.55 -27.40 44.45
N TYR B 118 -17.46 -27.43 43.68
CA TYR B 118 -17.18 -26.40 42.63
C TYR B 118 -17.59 -26.88 41.24
N THR B 119 -18.25 -28.05 41.10
CA THR B 119 -18.62 -28.61 39.78
C THR B 119 -19.92 -27.97 39.27
N LYS B 120 -20.55 -27.09 40.05
CA LYS B 120 -21.52 -26.09 39.54
C LYS B 120 -20.96 -24.70 39.86
N ARG B 121 -21.11 -23.75 38.95
CA ARG B 121 -20.46 -22.42 39.11
C ARG B 121 -20.84 -21.84 40.47
N THR B 122 -19.84 -21.46 41.26
CA THR B 122 -19.98 -21.04 42.68
C THR B 122 -19.36 -19.66 42.86
N LYS B 123 -20.15 -18.71 43.34
CA LYS B 123 -19.66 -17.34 43.63
C LYS B 123 -18.90 -17.36 44.96
N VAL B 124 -17.69 -16.80 44.97
CA VAL B 124 -16.90 -16.54 46.21
C VAL B 124 -16.62 -15.03 46.26
N GLY B 125 -16.63 -14.45 47.46
CA GLY B 125 -16.49 -13.00 47.66
C GLY B 125 -17.42 -12.23 46.73
N LYS B 126 -16.88 -11.22 46.03
CA LYS B 126 -17.66 -10.27 45.19
C LYS B 126 -17.90 -10.83 43.78
N GLY B 127 -17.35 -12.01 43.45
CA GLY B 127 -17.46 -12.64 42.12
C GLY B 127 -16.78 -11.82 41.03
N LYS B 128 -17.42 -11.71 39.86
CA LYS B 128 -17.13 -10.71 38.79
C LYS B 128 -15.90 -11.08 37.94
N ILE B 129 -15.28 -12.23 38.17
CA ILE B 129 -14.42 -12.92 37.16
C ILE B 129 -14.77 -14.41 37.21
N LYS B 130 -14.89 -15.04 36.05
CA LYS B 130 -15.13 -16.50 35.94
C LYS B 130 -13.78 -17.19 35.90
N ILE B 131 -13.55 -18.11 36.84
CA ILE B 131 -12.31 -18.93 36.92
C ILE B 131 -12.72 -20.38 36.77
N ASN B 132 -12.25 -21.05 35.71
CA ASN B 132 -12.54 -22.48 35.44
C ASN B 132 -11.27 -23.27 35.66
N PHE B 133 -11.40 -24.50 36.16
CA PHE B 133 -10.30 -25.46 36.30
C PHE B 133 -10.72 -26.76 35.62
N LEU B 134 -9.82 -27.33 34.81
CA LEU B 134 -9.99 -28.67 34.20
C LEU B 134 -9.29 -29.66 35.13
N ILE B 135 -10.08 -30.50 35.79
CA ILE B 135 -9.62 -31.44 36.84
C ILE B 135 -10.12 -32.84 36.48
N ASN B 136 -9.20 -33.76 36.21
CA ASN B 136 -9.53 -35.10 35.69
C ASN B 136 -10.36 -34.91 34.41
N TYR B 137 -9.95 -33.92 33.61
CA TYR B 137 -10.56 -33.62 32.30
C TYR B 137 -9.93 -34.53 31.25
N GLY B 138 -10.67 -34.85 30.20
CA GLY B 138 -10.08 -35.47 29.00
C GLY B 138 -10.85 -35.08 27.77
N TRP B 139 -10.16 -34.82 26.66
CA TRP B 139 -10.81 -34.41 25.39
C TRP B 139 -11.77 -35.53 24.95
N TYR B 140 -11.38 -36.79 25.11
CA TYR B 140 -12.16 -37.97 24.64
C TYR B 140 -13.46 -38.06 25.47
N TRP B 141 -13.32 -38.03 26.79
CA TRP B 141 -14.44 -37.98 27.76
C TRP B 141 -15.39 -36.83 27.41
N ASP B 142 -14.83 -35.67 27.06
CA ASP B 142 -15.58 -34.42 26.78
C ASP B 142 -16.47 -34.63 25.54
N LEU B 143 -15.89 -35.09 24.43
CA LEU B 143 -16.63 -35.28 23.14
C LEU B 143 -17.63 -36.43 23.28
N THR B 144 -17.21 -37.54 23.91
CA THR B 144 -18.04 -38.77 24.01
C THR B 144 -19.21 -38.54 24.96
N TYR B 145 -19.13 -37.53 25.83
CA TYR B 145 -20.24 -37.12 26.74
C TYR B 145 -21.44 -36.70 25.88
N ALA B 146 -21.16 -36.02 24.77
CA ALA B 146 -22.14 -35.48 23.80
C ALA B 146 -22.74 -36.62 22.97
N TYR B 147 -21.89 -37.52 22.44
CA TYR B 147 -22.30 -38.68 21.61
C TYR B 147 -23.25 -39.59 22.42
N ASP B 148 -23.06 -39.67 23.73
CA ASP B 148 -23.83 -40.57 24.63
C ASP B 148 -25.17 -39.93 25.01
N ASN B 149 -25.15 -38.65 25.42
CA ASN B 149 -26.24 -38.00 26.20
C ASN B 149 -27.10 -37.09 25.32
N SER B 150 -26.82 -37.01 24.01
CA SER B 150 -27.66 -36.28 23.02
C SER B 150 -28.35 -37.29 22.09
N ASP B 152 -30.27 -34.53 18.74
CA ASP B 152 -29.05 -35.22 18.23
C ASP B 152 -28.52 -34.48 17.00
N GLY B 153 -27.24 -34.71 16.66
CA GLY B 153 -26.54 -34.05 15.54
C GLY B 153 -26.12 -32.64 15.92
N LYS B 154 -27.00 -31.67 15.71
CA LYS B 154 -26.77 -30.23 16.07
C LYS B 154 -26.73 -30.09 17.59
N LYS B 155 -27.50 -30.93 18.30
CA LYS B 155 -27.62 -30.92 19.79
C LYS B 155 -26.31 -31.43 20.41
N MET B 156 -25.71 -32.45 19.79
CA MET B 156 -24.45 -33.11 20.26
C MET B 156 -23.46 -32.05 20.77
N ILE B 157 -23.04 -31.14 19.88
CA ILE B 157 -21.94 -30.15 20.13
C ILE B 157 -22.26 -29.34 21.39
N GLU B 158 -23.53 -28.96 21.57
CA GLU B 158 -24.02 -28.09 22.67
C GLU B 158 -23.99 -28.86 24.00
N ASN B 159 -23.80 -30.18 23.94
CA ASN B 159 -23.95 -31.11 25.10
C ASN B 159 -22.64 -31.84 25.39
N ILE B 160 -21.50 -31.32 24.93
CA ILE B 160 -20.17 -31.85 25.39
C ILE B 160 -20.07 -31.59 26.89
N ALA B 161 -19.21 -32.34 27.59
CA ALA B 161 -19.05 -32.27 29.05
C ALA B 161 -18.67 -30.84 29.47
N SER B 162 -17.86 -30.15 28.65
CA SER B 162 -17.30 -28.81 28.96
C SER B 162 -18.19 -27.70 28.38
N ALA B 163 -19.46 -27.97 28.09
CA ALA B 163 -20.36 -27.05 27.35
C ALA B 163 -20.51 -25.71 28.08
N GLU B 164 -20.37 -25.66 29.41
CA GLU B 164 -20.51 -24.41 30.21
C GLU B 164 -19.33 -23.46 29.91
N ILE B 165 -18.20 -24.00 29.43
CA ILE B 165 -16.99 -23.19 29.12
C ILE B 165 -17.08 -22.71 27.69
N PRO B 166 -17.06 -21.37 27.44
CA PRO B 166 -17.22 -20.84 26.09
C PRO B 166 -15.91 -20.88 25.29
N ARG B 167 -16.01 -20.46 24.03
CA ARG B 167 -14.85 -20.35 23.10
C ARG B 167 -13.70 -19.64 23.80
N VAL B 168 -12.48 -20.14 23.58
CA VAL B 168 -11.21 -19.57 24.10
C VAL B 168 -10.67 -18.58 23.06
N ASP B 169 -10.46 -17.32 23.45
CA ASP B 169 -9.91 -16.28 22.55
C ASP B 169 -8.40 -16.47 22.44
N LEU B 170 -7.73 -16.60 23.58
CA LEU B 170 -6.26 -16.66 23.70
C LEU B 170 -5.89 -17.83 24.62
N LEU B 171 -4.97 -18.68 24.16
CA LEU B 171 -4.44 -19.78 24.97
C LEU B 171 -2.95 -19.49 25.19
N ILE B 172 -2.53 -19.49 26.45
CA ILE B 172 -1.12 -19.18 26.83
C ILE B 172 -0.55 -20.44 27.49
N ARG B 173 0.56 -20.94 26.95
CA ARG B 173 1.21 -22.15 27.48
C ARG B 173 2.63 -21.82 27.92
N TRP B 174 2.94 -22.14 29.17
CA TRP B 174 4.31 -22.04 29.76
C TRP B 174 5.06 -23.34 29.45
N GLY B 175 6.39 -23.32 29.55
CA GLY B 175 7.23 -24.52 29.43
C GLY B 175 7.67 -24.79 28.01
N GLY B 176 7.43 -23.85 27.09
CA GLY B 176 8.07 -23.83 25.76
C GLY B 176 7.53 -24.83 24.74
N ARG B 177 6.56 -25.69 25.08
CA ARG B 177 5.94 -26.62 24.10
C ARG B 177 4.75 -25.93 23.41
N CYS B 178 4.67 -26.01 22.08
CA CYS B 178 3.54 -25.44 21.32
C CYS B 178 2.59 -26.58 20.94
N ARG B 179 1.68 -26.90 21.85
CA ARG B 179 0.73 -28.02 21.68
C ARG B 179 -0.41 -27.81 22.67
N LEU B 180 -1.59 -28.35 22.38
CA LEU B 180 -2.82 -28.13 23.19
C LEU B 180 -2.93 -29.16 24.31
N SER B 181 -2.25 -30.30 24.22
CA SER B 181 -2.37 -31.43 25.17
C SER B 181 -3.86 -31.74 25.44
N GLY B 182 -4.69 -31.67 24.39
CA GLY B 182 -6.11 -32.06 24.43
C GLY B 182 -6.95 -31.08 25.24
N MET B 183 -6.52 -29.84 25.38
CA MET B 183 -7.33 -28.85 26.14
C MET B 183 -8.49 -28.38 25.26
N LEU B 184 -9.72 -28.76 25.61
CA LEU B 184 -10.97 -28.15 25.09
C LEU B 184 -10.88 -28.05 23.57
N PRO B 185 -10.79 -29.18 22.85
CA PRO B 185 -10.66 -29.15 21.40
C PRO B 185 -11.74 -28.32 20.70
N VAL B 186 -12.99 -28.38 21.18
CA VAL B 186 -14.11 -27.59 20.58
C VAL B 186 -13.87 -26.09 20.77
N GLN B 187 -13.52 -25.65 21.98
CA GLN B 187 -13.42 -24.22 22.33
C GLN B 187 -12.11 -23.62 21.78
N THR B 188 -11.17 -24.45 21.31
CA THR B 188 -9.82 -23.96 20.91
C THR B 188 -9.62 -24.03 19.39
N VAL B 189 -10.66 -24.35 18.62
CA VAL B 189 -10.48 -24.52 17.14
C VAL B 189 -9.90 -23.23 16.54
N TYR B 190 -10.27 -22.06 17.05
CA TYR B 190 -9.84 -20.75 16.47
C TYR B 190 -8.87 -20.01 17.39
N SER B 191 -8.57 -20.52 18.57
CA SER B 191 -7.78 -19.78 19.60
C SER B 191 -6.41 -19.39 19.04
N ASP B 192 -5.99 -18.16 19.30
CA ASP B 192 -4.58 -17.74 19.13
C ASP B 192 -3.79 -18.32 20.30
N ILE B 193 -2.66 -18.94 19.99
CA ILE B 193 -1.80 -19.65 20.96
C ILE B 193 -0.50 -18.87 21.12
N TYR B 194 -0.14 -18.59 22.38
CA TYR B 194 1.12 -17.89 22.74
C TYR B 194 1.89 -18.83 23.66
N VAL B 195 3.16 -19.09 23.33
CA VAL B 195 4.03 -19.99 24.13
C VAL B 195 5.09 -19.17 24.85
N VAL B 196 5.14 -19.34 26.17
CA VAL B 196 6.20 -18.76 27.04
C VAL B 196 7.28 -19.84 27.20
N ASP B 197 8.54 -19.50 26.98
CA ASP B 197 9.63 -20.51 27.02
C ASP B 197 9.91 -20.88 28.48
N GLU B 198 9.76 -19.95 29.43
CA GLU B 198 10.03 -20.22 30.86
C GLU B 198 9.02 -21.23 31.40
N MET B 199 9.46 -22.05 32.35
CA MET B 199 8.59 -23.02 33.05
C MET B 199 7.59 -22.24 33.92
N TRP B 200 6.39 -22.80 34.14
CA TRP B 200 5.29 -22.14 34.90
C TRP B 200 5.76 -21.58 36.24
N PRO B 201 6.53 -22.28 37.10
CA PRO B 201 6.94 -21.69 38.39
C PRO B 201 7.78 -20.41 38.25
N ASP B 202 8.36 -20.17 37.07
CA ASP B 202 9.14 -18.96 36.76
C ASP B 202 8.26 -17.87 36.14
N PHE B 203 6.94 -18.02 36.23
CA PHE B 203 5.97 -16.99 35.82
C PHE B 203 6.43 -15.58 36.24
N LYS B 204 6.28 -14.65 35.30
CA LYS B 204 6.43 -13.18 35.50
C LYS B 204 5.26 -12.47 34.84
N PRO B 205 4.80 -11.33 35.38
CA PRO B 205 3.70 -10.59 34.77
C PRO B 205 3.93 -10.31 33.27
N GLU B 206 5.19 -10.05 32.89
CA GLU B 206 5.60 -9.76 31.48
C GLU B 206 5.19 -10.91 30.55
N HIS B 207 5.16 -12.15 31.04
CA HIS B 207 4.71 -13.32 30.24
C HIS B 207 3.30 -13.07 29.74
N LEU B 208 2.41 -12.69 30.66
CA LEU B 208 0.99 -12.43 30.34
C LEU B 208 0.90 -11.14 29.51
N PHE B 209 1.69 -10.11 29.82
CA PHE B 209 1.64 -8.81 29.07
C PHE B 209 2.01 -9.08 27.61
N LYS B 210 3.08 -9.85 27.38
CA LYS B 210 3.57 -10.19 26.01
C LYS B 210 2.50 -11.00 25.28
N ALA B 211 1.83 -11.93 25.97
CA ALA B 211 0.74 -12.74 25.39
C ALA B 211 -0.42 -11.83 24.95
N LEU B 212 -0.76 -10.82 25.75
CA LEU B 212 -1.87 -9.88 25.45
C LEU B 212 -1.45 -8.94 24.32
N GLU B 213 -0.18 -8.52 24.27
CA GLU B 213 0.35 -7.73 23.12
C GLU B 213 0.19 -8.55 21.84
N PHE B 214 0.55 -9.84 21.89
CA PHE B 214 0.39 -10.78 20.76
C PHE B 214 -1.08 -10.83 20.34
N TYR B 215 -2.00 -11.02 21.29
CA TYR B 215 -3.44 -11.22 21.00
C TYR B 215 -3.98 -9.98 20.29
N GLN B 216 -3.65 -8.78 20.80
CA GLN B 216 -4.21 -7.51 20.27
C GLN B 216 -3.68 -7.28 18.84
N ASN B 217 -2.56 -7.89 18.46
CA ASN B 217 -1.97 -7.77 17.10
C ASN B 217 -2.61 -8.76 16.11
N GLN B 218 -3.42 -9.72 16.55
CA GLN B 218 -3.98 -10.78 15.66
C GLN B 218 -5.24 -10.26 14.93
N ASP B 219 -5.44 -10.74 13.70
CA ASP B 219 -6.72 -10.61 12.94
C ASP B 219 -7.58 -11.82 13.28
N ILE B 220 -8.75 -11.61 13.90
CA ILE B 220 -9.66 -12.66 14.43
C ILE B 220 -10.77 -12.89 13.41
N THR B 221 -10.82 -14.07 12.79
CA THR B 221 -11.82 -14.41 11.73
C THR B 221 -12.72 -15.58 12.17
N LEU B 222 -12.37 -16.30 13.25
CA LEU B 222 -13.14 -17.44 13.81
C LEU B 222 -13.57 -18.37 12.68
N GLY B 223 -12.61 -18.75 11.82
CA GLY B 223 -12.78 -19.76 10.76
C GLY B 223 -13.15 -19.12 9.43
N GLY B 224 -13.58 -17.86 9.45
CA GLY B 224 -14.01 -17.09 8.27
C GLY B 224 -12.84 -16.72 7.38
N ASP C 7 -30.92 7.71 -12.03
CA ASP C 7 -29.97 8.80 -12.45
C ASP C 7 -29.69 9.70 -11.24
N ILE C 8 -28.41 9.97 -10.98
CA ILE C 8 -27.92 10.71 -9.78
C ILE C 8 -27.55 12.14 -10.17
N PRO C 9 -28.03 13.17 -9.44
CA PRO C 9 -27.67 14.56 -9.72
C PRO C 9 -26.16 14.87 -9.53
N LYS C 10 -25.72 16.02 -10.06
CA LYS C 10 -24.36 16.58 -9.89
C LYS C 10 -24.30 17.34 -8.56
N PHE C 11 -23.24 17.14 -7.77
CA PHE C 11 -22.98 17.84 -6.49
C PHE C 11 -21.61 18.52 -6.56
N LYS C 12 -21.58 19.83 -6.29
CA LYS C 12 -20.36 20.67 -6.28
C LYS C 12 -19.50 20.31 -5.06
N ARG C 13 -20.13 20.23 -3.88
CA ARG C 13 -19.49 19.81 -2.61
C ARG C 13 -20.13 18.51 -2.13
N LEU C 14 -19.31 17.55 -1.69
CA LEU C 14 -19.76 16.27 -1.10
C LEU C 14 -19.12 16.11 0.28
N PRO C 15 -19.86 15.53 1.25
CA PRO C 15 -19.29 15.25 2.56
C PRO C 15 -18.35 14.04 2.42
N ARG C 16 -17.19 14.06 3.07
CA ARG C 16 -16.28 12.88 3.05
C ARG C 16 -16.91 11.76 3.85
N HIS C 17 -17.56 12.08 4.98
CA HIS C 17 -18.04 11.10 5.98
C HIS C 17 -19.52 11.39 6.32
N ILE C 18 -20.41 10.47 5.96
CA ILE C 18 -21.87 10.51 6.28
C ILE C 18 -22.18 9.53 7.40
N ALA C 19 -22.91 9.99 8.41
CA ALA C 19 -23.52 9.12 9.44
C ALA C 19 -25.01 8.94 9.10
N ILE C 20 -25.50 7.71 9.25
CA ILE C 20 -26.89 7.28 8.92
C ILE C 20 -27.54 6.74 10.19
N ILE C 21 -28.66 7.32 10.60
CA ILE C 21 -29.55 6.72 11.64
C ILE C 21 -30.78 6.17 10.93
N PRO C 22 -30.80 4.84 10.71
CA PRO C 22 -31.86 4.20 9.91
C PRO C 22 -33.07 3.87 10.79
N ASP C 23 -33.73 4.90 11.32
CA ASP C 23 -34.79 4.79 12.36
C ASP C 23 -36.16 4.66 11.68
N GLY C 24 -37.13 4.09 12.39
CA GLY C 24 -38.54 4.03 11.98
C GLY C 24 -39.00 2.63 11.60
N ASN C 25 -38.15 1.61 11.79
CA ASN C 25 -38.43 0.21 11.34
C ASN C 25 -39.66 -0.35 12.06
N ARG C 26 -39.80 -0.11 13.37
CA ARG C 26 -40.91 -0.69 14.16
C ARG C 26 -42.23 0.01 13.80
N ARG C 27 -42.23 1.35 13.74
CA ARG C 27 -43.41 2.16 13.33
C ARG C 27 -43.84 1.75 11.92
N TRP C 28 -42.88 1.57 11.00
CA TRP C 28 -43.12 1.12 9.61
C TRP C 28 -43.87 -0.22 9.63
N ALA C 29 -43.42 -1.17 10.43
CA ALA C 29 -43.97 -2.54 10.53
C ALA C 29 -45.41 -2.48 11.08
N LEU C 30 -45.62 -1.74 12.17
CA LEU C 30 -46.95 -1.56 12.79
C LEU C 30 -47.92 -0.93 11.79
N ALA C 31 -47.45 0.03 10.98
CA ALA C 31 -48.26 0.77 9.98
C ALA C 31 -48.80 -0.20 8.91
N ARG C 32 -48.07 -1.27 8.60
CA ARG C 32 -48.43 -2.27 7.56
C ARG C 32 -49.04 -3.52 8.18
N GLY C 33 -49.37 -3.47 9.48
CA GLY C 33 -50.06 -4.56 10.21
C GLY C 33 -49.16 -5.75 10.47
N LEU C 34 -47.85 -5.52 10.56
CA LEU C 34 -46.84 -6.54 10.93
C LEU C 34 -46.54 -6.41 12.43
N GLU C 35 -45.82 -7.39 12.99
CA GLU C 35 -45.27 -7.30 14.37
C GLU C 35 -44.13 -6.28 14.35
N LYS C 36 -43.94 -5.55 15.45
CA LYS C 36 -42.90 -4.48 15.60
C LYS C 36 -41.55 -4.98 15.05
N HIS C 37 -41.13 -6.18 15.45
CA HIS C 37 -39.77 -6.71 15.18
C HIS C 37 -39.58 -7.02 13.69
N GLU C 38 -40.65 -7.11 12.90
CA GLU C 38 -40.58 -7.54 11.47
C GLU C 38 -40.00 -6.43 10.59
N GLY C 39 -40.01 -5.17 11.06
CA GLY C 39 -39.55 -4.00 10.29
C GLY C 39 -38.09 -4.10 9.87
N TYR C 40 -37.23 -4.61 10.74
CA TYR C 40 -35.75 -4.62 10.56
C TYR C 40 -35.37 -5.41 9.30
N SER C 41 -36.12 -6.47 8.98
CA SER C 41 -35.85 -7.34 7.81
C SER C 41 -36.12 -6.59 6.50
N SER C 42 -36.80 -5.44 6.54
CA SER C 42 -37.01 -4.53 5.38
C SER C 42 -36.05 -3.33 5.45
N GLY C 43 -35.01 -3.40 6.29
CA GLY C 43 -34.03 -2.32 6.45
C GLY C 43 -32.74 -2.58 5.69
N ILE C 44 -32.60 -3.77 5.09
CA ILE C 44 -31.31 -4.20 4.48
C ILE C 44 -31.19 -3.59 3.08
N ILE C 45 -32.21 -3.73 2.22
CA ILE C 45 -32.12 -3.22 0.82
C ILE C 45 -31.92 -1.70 0.83
N PRO C 46 -32.63 -0.90 1.64
CA PRO C 46 -32.33 0.53 1.77
C PRO C 46 -30.83 0.83 2.03
N GLY C 47 -30.19 0.03 2.88
CA GLY C 47 -28.75 0.21 3.18
C GLY C 47 -27.89 -0.08 1.96
N LEU C 48 -28.26 -1.09 1.17
CA LEU C 48 -27.50 -1.40 -0.09
C LEU C 48 -27.72 -0.28 -1.11
N GLU C 49 -28.91 0.31 -1.15
CA GLU C 49 -29.19 1.44 -2.08
C GLU C 49 -28.30 2.63 -1.69
N VAL C 50 -28.17 2.92 -0.39
CA VAL C 50 -27.29 4.01 0.12
C VAL C 50 -25.84 3.68 -0.27
N TYR C 51 -25.40 2.44 -0.02
CA TYR C 51 -24.04 1.97 -0.40
C TYR C 51 -23.80 2.27 -1.87
N ASP C 52 -24.71 1.82 -2.74
CA ASP C 52 -24.52 1.91 -4.21
C ASP C 52 -24.42 3.39 -4.62
N ILE C 53 -25.29 4.25 -4.08
CA ILE C 53 -25.26 5.71 -4.41
C ILE C 53 -23.93 6.29 -3.92
N CYS C 54 -23.50 5.97 -2.71
CA CYS C 54 -22.29 6.57 -2.11
C CYS C 54 -21.05 6.17 -2.93
N VAL C 55 -20.99 4.92 -3.39
CA VAL C 55 -19.86 4.41 -4.22
C VAL C 55 -19.87 5.18 -5.55
N LYS C 56 -21.05 5.34 -6.15
CA LYS C 56 -21.20 5.99 -7.48
C LYS C 56 -20.70 7.45 -7.41
N ILE C 57 -21.08 8.20 -6.37
CA ILE C 57 -20.78 9.66 -6.29
C ILE C 57 -19.42 9.89 -5.60
N GLY C 58 -18.85 8.86 -4.96
CA GLY C 58 -17.49 8.88 -4.40
C GLY C 58 -17.43 9.43 -2.98
N ILE C 59 -18.45 9.13 -2.16
CA ILE C 59 -18.40 9.38 -0.68
C ILE C 59 -17.30 8.48 -0.11
N GLY C 60 -16.43 9.02 0.74
CA GLY C 60 -15.25 8.32 1.27
C GLY C 60 -15.60 7.32 2.36
N GLU C 61 -16.61 7.62 3.19
CA GLU C 61 -16.85 6.92 4.47
C GLU C 61 -18.32 7.07 4.87
N VAL C 62 -18.95 5.97 5.27
CA VAL C 62 -20.36 5.98 5.75
C VAL C 62 -20.43 5.16 7.04
N THR C 63 -20.96 5.74 8.11
CA THR C 63 -21.22 5.07 9.42
C THR C 63 -22.72 4.86 9.60
N PHE C 64 -23.12 3.61 9.80
CA PHE C 64 -24.52 3.20 10.04
C PHE C 64 -24.70 2.91 11.53
N PHE C 65 -25.74 3.51 12.13
CA PHE C 65 -26.18 3.23 13.52
C PHE C 65 -26.96 1.91 13.53
N GLY C 66 -26.32 0.83 13.99
CA GLY C 66 -26.92 -0.52 14.03
C GLY C 66 -27.79 -0.71 15.25
N PHE C 67 -27.20 -0.83 16.43
CA PHE C 67 -27.95 -0.85 17.72
C PHE C 67 -27.03 -0.43 18.86
N THR C 68 -27.65 0.12 19.92
CA THR C 68 -26.98 0.60 21.15
C THR C 68 -27.17 -0.42 22.29
N GLN C 69 -26.42 -0.25 23.38
CA GLN C 69 -26.54 -1.06 24.62
C GLN C 69 -27.96 -0.84 25.19
N ASP C 70 -28.47 0.40 25.13
CA ASP C 70 -29.83 0.78 25.61
C ASP C 70 -30.90 0.01 24.82
N ASN C 71 -30.69 -0.21 23.52
CA ASN C 71 -31.65 -0.93 22.63
C ASN C 71 -31.82 -2.39 23.11
N THR C 72 -30.79 -2.96 23.75
CA THR C 72 -30.77 -4.38 24.20
C THR C 72 -31.71 -4.58 25.38
N LYS C 73 -32.20 -3.50 26.00
CA LYS C 73 -33.17 -3.53 27.13
C LYS C 73 -34.58 -3.84 26.60
N ARG C 74 -34.80 -3.68 25.29
CA ARG C 74 -36.10 -3.93 24.62
C ARG C 74 -36.36 -5.44 24.54
N PRO C 75 -37.59 -5.89 24.23
CA PRO C 75 -37.93 -7.31 24.23
C PRO C 75 -36.99 -8.21 23.41
N GLN C 76 -36.84 -9.47 23.85
CA GLN C 76 -35.95 -10.50 23.26
C GLN C 76 -36.19 -10.60 21.74
N ILE C 77 -37.47 -10.64 21.32
CA ILE C 77 -37.87 -10.87 19.89
C ILE C 77 -37.39 -9.69 19.02
N GLN C 78 -37.38 -8.47 19.56
CA GLN C 78 -36.87 -7.27 18.85
C GLN C 78 -35.34 -7.30 18.79
N ARG C 79 -34.70 -7.65 19.90
CA ARG C 79 -33.21 -7.75 20.02
C ARG C 79 -32.69 -8.73 18.97
N LYS C 80 -33.31 -9.91 18.86
CA LYS C 80 -32.95 -10.94 17.86
C LYS C 80 -33.11 -10.35 16.45
N ALA C 81 -34.22 -9.66 16.19
CA ALA C 81 -34.60 -9.09 14.87
C ALA C 81 -33.57 -8.05 14.42
N PHE C 82 -33.25 -7.06 15.25
CA PHE C 82 -32.31 -5.97 14.87
C PHE C 82 -30.87 -6.54 14.86
N THR C 83 -30.56 -7.52 15.71
CA THR C 83 -29.22 -8.16 15.72
C THR C 83 -29.03 -8.93 14.41
N ASP C 84 -30.00 -9.76 14.03
CA ASP C 84 -29.99 -10.56 12.77
C ASP C 84 -29.88 -9.62 11.57
N ALA C 85 -30.62 -8.50 11.56
CA ALA C 85 -30.64 -7.52 10.45
C ALA C 85 -29.26 -6.84 10.33
N CYS C 86 -28.62 -6.50 11.46
CA CYS C 86 -27.25 -5.93 11.49
C CYS C 86 -26.25 -6.94 10.93
N ILE C 87 -26.34 -8.20 11.36
CA ILE C 87 -25.44 -9.29 10.87
C ILE C 87 -25.55 -9.36 9.35
N LYS C 88 -26.78 -9.49 8.84
CA LYS C 88 -27.09 -9.61 7.40
C LYS C 88 -26.54 -8.39 6.64
N SER C 89 -26.73 -7.19 7.19
CA SER C 89 -26.27 -5.93 6.56
C SER C 89 -24.74 -5.95 6.36
N VAL C 90 -23.99 -6.37 7.37
CA VAL C 90 -22.50 -6.41 7.30
C VAL C 90 -22.11 -7.47 6.25
N GLN C 91 -22.79 -8.62 6.28
CA GLN C 91 -22.52 -9.77 5.37
C GLN C 91 -22.78 -9.34 3.92
N GLU C 92 -23.78 -8.49 3.67
CA GLU C 92 -24.08 -7.97 2.31
C GLU C 92 -22.96 -7.02 1.87
N ILE C 93 -22.49 -6.13 2.74
CA ILE C 93 -21.36 -5.23 2.38
C ILE C 93 -20.11 -6.08 2.17
N ALA C 94 -20.00 -7.21 2.88
CA ALA C 94 -18.85 -8.14 2.80
C ALA C 94 -18.79 -8.79 1.41
N LYS C 95 -19.89 -8.79 0.64
CA LYS C 95 -19.93 -9.28 -0.76
C LYS C 95 -19.45 -8.23 -1.76
N ARG C 96 -19.19 -7.00 -1.31
CA ARG C 96 -19.03 -5.82 -2.19
C ARG C 96 -17.61 -5.23 -2.01
N ASP C 97 -17.36 -4.06 -2.61
CA ASP C 97 -16.06 -3.35 -2.55
C ASP C 97 -16.11 -2.35 -1.39
N ALA C 98 -15.44 -2.63 -0.28
CA ALA C 98 -15.47 -1.78 0.94
C ALA C 98 -14.30 -2.08 1.87
N GLU C 99 -13.94 -1.09 2.70
CA GLU C 99 -13.14 -1.25 3.94
C GLU C 99 -14.13 -1.23 5.11
N ILE C 100 -14.46 -2.40 5.67
CA ILE C 100 -15.53 -2.56 6.70
C ILE C 100 -14.92 -2.47 8.11
N LEU C 101 -15.54 -1.69 9.00
CA LEU C 101 -15.19 -1.64 10.45
C LEU C 101 -16.48 -1.71 11.27
N VAL C 102 -16.52 -2.61 12.26
CA VAL C 102 -17.59 -2.66 13.31
C VAL C 102 -17.00 -2.09 14.61
N VAL C 103 -17.72 -1.17 15.26
CA VAL C 103 -17.33 -0.52 16.55
C VAL C 103 -18.46 -0.73 17.55
N GLY C 104 -18.12 -1.19 18.75
CA GLY C 104 -19.10 -1.47 19.81
C GLY C 104 -18.50 -2.30 20.90
N ASN C 105 -19.27 -2.56 21.95
CA ASN C 105 -18.82 -3.29 23.15
C ASN C 105 -18.81 -4.78 22.83
N THR C 106 -17.63 -5.33 22.54
CA THR C 106 -17.43 -6.76 22.18
C THR C 106 -17.41 -7.62 23.45
N ASN C 107 -17.31 -7.00 24.63
CA ASN C 107 -17.21 -7.68 25.95
C ASN C 107 -18.62 -7.98 26.47
N SER C 108 -19.38 -8.79 25.74
CA SER C 108 -20.79 -9.12 26.01
C SER C 108 -21.26 -10.19 25.03
N ASP C 109 -22.05 -11.16 25.49
CA ASP C 109 -22.67 -12.21 24.65
C ASP C 109 -23.66 -11.57 23.66
N ILE C 110 -24.10 -10.33 23.96
CA ILE C 110 -25.07 -9.57 23.11
C ILE C 110 -24.39 -9.20 21.78
N PHE C 111 -23.08 -8.97 21.78
CA PHE C 111 -22.30 -8.70 20.54
C PHE C 111 -22.26 -9.97 19.69
N PRO C 112 -22.66 -9.92 18.40
CA PRO C 112 -22.64 -11.10 17.54
C PRO C 112 -21.22 -11.57 17.19
N GLU C 113 -20.93 -12.84 17.51
CA GLU C 113 -19.66 -13.55 17.18
C GLU C 113 -19.30 -13.33 15.70
N GLU C 114 -20.31 -13.29 14.83
CA GLU C 114 -20.18 -13.18 13.35
C GLU C 114 -19.43 -11.91 12.95
N LEU C 115 -19.46 -10.85 13.77
CA LEU C 115 -18.94 -9.50 13.39
C LEU C 115 -17.59 -9.22 14.07
N LEU C 116 -17.06 -10.15 14.87
CA LEU C 116 -15.77 -9.97 15.59
C LEU C 116 -14.62 -9.75 14.59
N GLU C 117 -14.70 -10.37 13.41
CA GLU C 117 -13.72 -10.24 12.30
C GLU C 117 -13.54 -8.77 11.91
N TYR C 118 -14.61 -7.97 11.97
CA TYR C 118 -14.68 -6.61 11.37
C TYR C 118 -14.30 -5.54 12.40
N THR C 119 -13.88 -5.92 13.61
CA THR C 119 -13.44 -4.97 14.66
C THR C 119 -12.03 -4.44 14.35
N LYS C 120 -11.38 -4.94 13.29
CA LYS C 120 -10.25 -4.27 12.60
C LYS C 120 -10.68 -4.01 11.14
N ARG C 121 -10.32 -2.85 10.58
CA ARG C 121 -10.73 -2.44 9.21
C ARG C 121 -10.29 -3.50 8.21
N THR C 122 -11.25 -4.16 7.54
CA THR C 122 -11.04 -5.30 6.60
C THR C 122 -11.40 -4.87 5.18
N LYS C 123 -10.43 -4.91 4.27
CA LYS C 123 -10.65 -4.70 2.82
C LYS C 123 -11.45 -5.89 2.26
N VAL C 124 -12.53 -5.61 1.54
CA VAL C 124 -13.29 -6.63 0.76
C VAL C 124 -13.42 -6.10 -0.67
N GLY C 125 -13.31 -7.00 -1.66
CA GLY C 125 -13.24 -6.62 -3.09
C GLY C 125 -12.14 -5.60 -3.32
N LYS C 126 -12.44 -4.52 -4.05
CA LYS C 126 -11.47 -3.45 -4.45
C LYS C 126 -11.36 -2.40 -3.33
N GLY C 127 -12.28 -2.41 -2.35
CA GLY C 127 -12.22 -1.57 -1.14
C GLY C 127 -12.32 -0.08 -1.44
N LYS C 128 -13.34 0.33 -2.20
CA LYS C 128 -13.47 1.71 -2.75
C LYS C 128 -13.85 2.71 -1.66
N ILE C 129 -14.45 2.25 -0.56
CA ILE C 129 -15.21 3.09 0.40
C ILE C 129 -15.07 2.49 1.80
N LYS C 130 -14.99 3.34 2.83
CA LYS C 130 -14.99 2.92 4.25
C LYS C 130 -16.44 2.83 4.72
N ILE C 131 -16.88 1.66 5.21
CA ILE C 131 -18.24 1.43 5.76
C ILE C 131 -18.09 1.01 7.23
N ASN C 132 -18.64 1.81 8.14
CA ASN C 132 -18.61 1.55 9.61
C ASN C 132 -20.02 1.19 10.08
N PHE C 133 -20.11 0.27 11.05
CA PHE C 133 -21.36 -0.12 11.74
C PHE C 133 -21.15 0.05 13.25
N LEU C 134 -22.08 0.74 13.92
CA LEU C 134 -22.12 0.78 15.41
C LEU C 134 -23.02 -0.35 15.89
N ILE C 135 -22.42 -1.36 16.52
CA ILE C 135 -23.10 -2.62 16.95
C ILE C 135 -22.86 -2.81 18.44
N ASN C 136 -23.91 -2.79 19.26
CA ASN C 136 -23.79 -2.80 20.74
C ASN C 136 -22.93 -1.60 21.16
N TYR C 137 -23.16 -0.46 20.52
CA TYR C 137 -22.45 0.81 20.78
C TYR C 137 -23.18 1.57 21.88
N GLY C 138 -22.46 2.39 22.63
CA GLY C 138 -23.04 3.31 23.64
C GLY C 138 -22.17 4.53 23.81
N TRP C 139 -22.77 5.73 23.85
CA TRP C 139 -21.98 6.98 23.97
C TRP C 139 -21.21 6.95 25.30
N TYR C 140 -21.84 6.42 26.35
CA TYR C 140 -21.28 6.34 27.72
C TYR C 140 -20.06 5.41 27.71
N TRP C 141 -20.24 4.18 27.19
CA TRP C 141 -19.17 3.18 26.96
C TRP C 141 -18.04 3.80 26.14
N ASP C 142 -18.38 4.58 25.11
CA ASP C 142 -17.41 5.18 24.15
C ASP C 142 -16.50 6.16 24.91
N LEU C 143 -17.08 7.07 25.68
CA LEU C 143 -16.31 8.13 26.39
C LEU C 143 -15.56 7.52 27.57
N THR C 144 -16.20 6.61 28.31
CA THR C 144 -15.63 6.00 29.55
C THR C 144 -14.50 5.04 29.19
N TYR C 145 -14.43 4.57 27.93
CA TYR C 145 -13.30 3.76 27.41
C TYR C 145 -12.01 4.59 27.48
N ALA C 146 -12.08 5.88 27.15
CA ALA C 146 -10.94 6.82 27.14
C ALA C 146 -10.49 7.11 28.59
N TYR C 147 -11.45 7.37 29.49
CA TYR C 147 -11.20 7.70 30.92
C TYR C 147 -10.45 6.54 31.60
N ASP C 148 -10.75 5.29 31.20
CA ASP C 148 -10.18 4.05 31.81
C ASP C 148 -8.82 3.73 31.19
N ASN C 149 -8.63 3.99 29.90
CA ASN C 149 -7.34 3.75 29.17
C ASN C 149 -6.43 4.97 29.37
N ASP C 152 -3.62 10.71 30.72
CA ASP C 152 -3.75 12.20 30.68
C ASP C 152 -4.93 12.58 29.78
N GLY C 153 -5.46 13.79 29.97
CA GLY C 153 -6.61 14.33 29.23
C GLY C 153 -6.25 14.68 27.79
N LYS C 154 -5.02 15.10 27.54
CA LYS C 154 -4.50 15.46 26.20
C LYS C 154 -4.64 14.25 25.26
N LYS C 155 -4.39 13.05 25.79
CA LYS C 155 -4.44 11.76 25.03
C LYS C 155 -5.89 11.26 24.96
N MET C 156 -6.69 11.49 26.01
CA MET C 156 -8.08 10.99 26.20
C MET C 156 -8.81 10.89 24.85
N ILE C 157 -8.95 12.01 24.16
CA ILE C 157 -9.85 12.18 22.97
C ILE C 157 -9.44 11.19 21.87
N GLU C 158 -8.14 10.91 21.75
CA GLU C 158 -7.56 10.00 20.73
C GLU C 158 -7.83 8.54 21.11
N ASN C 159 -8.36 8.28 22.31
CA ASN C 159 -8.44 6.92 22.93
C ASN C 159 -9.87 6.57 23.33
N ILE C 160 -10.89 7.32 22.88
CA ILE C 160 -12.32 6.86 22.96
C ILE C 160 -12.44 5.56 22.18
N ALA C 161 -13.48 4.76 22.47
CA ALA C 161 -13.71 3.42 21.87
C ALA C 161 -13.81 3.56 20.34
N SER C 162 -14.40 4.65 19.87
CA SER C 162 -14.71 4.90 18.44
C SER C 162 -13.63 5.75 17.76
N ALA C 163 -12.41 5.79 18.30
CA ALA C 163 -11.28 6.64 17.83
C ALA C 163 -10.98 6.42 16.34
N GLU C 164 -11.21 5.22 15.80
CA GLU C 164 -10.89 4.88 14.39
C GLU C 164 -11.90 5.56 13.45
N ILE C 165 -13.09 5.90 13.94
CA ILE C 165 -14.14 6.60 13.14
C ILE C 165 -13.87 8.10 13.22
N PRO C 166 -13.63 8.78 12.08
CA PRO C 166 -13.31 10.21 12.08
C PRO C 166 -14.56 11.09 12.16
N ARG C 167 -14.33 12.39 12.26
CA ARG C 167 -15.37 13.44 12.29
C ARG C 167 -16.44 13.16 11.22
N VAL C 168 -17.71 13.29 11.59
CA VAL C 168 -18.89 13.15 10.71
C VAL C 168 -19.18 14.51 10.08
N ASP C 169 -19.22 14.58 8.75
CA ASP C 169 -19.52 15.81 7.99
C ASP C 169 -21.04 16.05 7.99
N LEU C 170 -21.80 15.01 7.65
CA LEU C 170 -23.27 15.04 7.48
C LEU C 170 -23.88 13.85 8.20
N LEU C 171 -24.89 14.10 9.02
CA LEU C 171 -25.69 13.04 9.66
C LEU C 171 -27.11 13.09 9.10
N ILE C 172 -27.59 11.96 8.58
CA ILE C 172 -28.95 11.83 8.00
C ILE C 172 -29.73 10.84 8.85
N ARG C 173 -30.87 11.27 9.37
CA ARG C 173 -31.75 10.43 10.21
C ARG C 173 -33.12 10.27 9.54
N TRP C 174 -33.54 9.02 9.35
CA TRP C 174 -34.90 8.65 8.89
C TRP C 174 -35.83 8.54 10.10
N GLY C 175 -37.14 8.60 9.87
CA GLY C 175 -38.16 8.39 10.91
C GLY C 175 -38.58 9.69 11.59
N GLY C 176 -38.10 10.84 11.11
CA GLY C 176 -38.68 12.17 11.42
C GLY C 176 -38.25 12.75 12.76
N ARG C 177 -37.47 12.04 13.59
CA ARG C 177 -36.98 12.58 14.88
C ARG C 177 -35.69 13.37 14.63
N CYS C 178 -35.59 14.60 15.16
CA CYS C 178 -34.36 15.42 15.06
C CYS C 178 -33.61 15.31 16.39
N ARG C 179 -32.82 14.24 16.51
CA ARG C 179 -32.00 13.94 17.70
C ARG C 179 -30.92 12.94 17.29
N LEU C 180 -29.83 12.91 18.05
CA LEU C 180 -28.61 12.12 17.73
C LEU C 180 -28.71 10.71 18.35
N SER C 181 -29.57 10.52 19.35
CA SER C 181 -29.69 9.25 20.12
C SER C 181 -28.29 8.75 20.53
N GLY C 182 -27.40 9.67 20.91
CA GLY C 182 -26.05 9.36 21.43
C GLY C 182 -25.14 8.75 20.39
N MET C 183 -25.36 9.04 19.11
CA MET C 183 -24.46 8.55 18.02
C MET C 183 -23.17 9.40 18.02
N LEU C 184 -22.07 8.81 18.46
CA LEU C 184 -20.70 9.36 18.29
C LEU C 184 -20.67 10.83 18.71
N PRO C 185 -20.92 11.16 20.00
CA PRO C 185 -20.96 12.56 20.44
C PRO C 185 -19.71 13.37 20.07
N VAL C 186 -18.52 12.76 20.13
CA VAL C 186 -17.26 13.47 19.76
C VAL C 186 -17.24 13.79 18.26
N GLN C 187 -17.58 12.82 17.40
CA GLN C 187 -17.43 12.98 15.93
C GLN C 187 -18.57 13.84 15.36
N THR C 188 -19.63 14.11 16.14
CA THR C 188 -20.84 14.81 15.63
C THR C 188 -20.95 16.23 16.20
N VAL C 189 -19.96 16.73 16.94
CA VAL C 189 -20.05 18.09 17.56
C VAL C 189 -20.36 19.14 16.48
N TYR C 190 -19.82 19.00 15.26
CA TYR C 190 -19.98 20.02 14.20
C TYR C 190 -20.86 19.53 13.05
N SER C 191 -21.32 18.28 13.09
CA SER C 191 -22.06 17.65 11.96
C SER C 191 -23.29 18.46 11.61
N ASP C 192 -23.52 18.66 10.31
CA ASP C 192 -24.84 19.12 9.81
C ASP C 192 -25.80 17.94 9.85
N ILE C 193 -27.01 18.17 10.33
CA ILE C 193 -28.05 17.15 10.58
C ILE C 193 -29.22 17.37 9.62
N TYR C 194 -29.60 16.32 8.90
CA TYR C 194 -30.75 16.32 7.95
C TYR C 194 -31.71 15.23 8.39
N VAL C 195 -32.97 15.60 8.59
CA VAL C 195 -34.05 14.66 9.01
C VAL C 195 -34.95 14.35 7.80
N VAL C 196 -35.08 13.08 7.50
CA VAL C 196 -36.07 12.52 6.54
C VAL C 196 -37.29 12.08 7.36
N ASP C 197 -38.49 12.53 6.98
CA ASP C 197 -39.74 12.24 7.74
C ASP C 197 -40.11 10.76 7.57
N GLU C 198 -39.87 10.17 6.41
CA GLU C 198 -40.26 8.77 6.13
C GLU C 198 -39.41 7.81 6.97
N MET C 199 -40.01 6.68 7.37
CA MET C 199 -39.34 5.58 8.09
C MET C 199 -38.30 4.95 7.15
N TRP C 200 -37.23 4.40 7.71
CA TRP C 200 -36.06 3.86 6.96
C TRP C 200 -36.50 2.87 5.88
N PRO C 201 -37.41 1.90 6.13
CA PRO C 201 -37.80 0.96 5.08
C PRO C 201 -38.46 1.61 3.85
N ASP C 202 -38.93 2.86 3.98
CA ASP C 202 -39.51 3.67 2.87
C ASP C 202 -38.42 4.52 2.22
N PHE C 203 -37.14 4.20 2.45
CA PHE C 203 -35.99 4.89 1.80
C PHE C 203 -36.24 5.05 0.29
N LYS C 204 -35.89 6.23 -0.23
CA LYS C 204 -35.83 6.56 -1.67
C LYS C 204 -34.50 7.28 -1.94
N PRO C 205 -33.85 7.06 -3.10
CA PRO C 205 -32.65 7.81 -3.44
C PRO C 205 -32.78 9.32 -3.19
N GLU C 206 -33.94 9.89 -3.49
CA GLU C 206 -34.17 11.36 -3.36
C GLU C 206 -33.98 11.82 -1.92
N HIS C 207 -34.23 10.95 -0.93
CA HIS C 207 -33.94 11.23 0.50
C HIS C 207 -32.46 11.58 0.67
N LEU C 208 -31.57 10.75 0.11
CA LEU C 208 -30.10 10.98 0.21
C LEU C 208 -29.74 12.20 -0.64
N PHE C 209 -30.34 12.36 -1.83
CA PHE C 209 -30.04 13.49 -2.74
C PHE C 209 -30.39 14.81 -2.04
N LYS C 210 -31.54 14.88 -1.38
CA LYS C 210 -32.02 16.11 -0.67
C LYS C 210 -31.05 16.43 0.47
N ALA C 211 -30.58 15.42 1.20
CA ALA C 211 -29.60 15.58 2.30
C ALA C 211 -28.29 16.15 1.75
N LEU C 212 -27.84 15.68 0.58
CA LEU C 212 -26.56 16.12 -0.04
C LEU C 212 -26.71 17.56 -0.57
N GLU C 213 -27.88 17.91 -1.10
CA GLU C 213 -28.20 19.30 -1.55
C GLU C 213 -28.12 20.23 -0.34
N PHE C 214 -28.71 19.80 0.78
CA PHE C 214 -28.65 20.52 2.09
C PHE C 214 -27.18 20.74 2.49
N TYR C 215 -26.36 19.68 2.50
CA TYR C 215 -24.94 19.75 2.94
C TYR C 215 -24.17 20.73 2.06
N GLN C 216 -24.35 20.68 0.73
CA GLN C 216 -23.56 21.52 -0.21
C GLN C 216 -23.89 23.01 0.04
N ASN C 217 -25.06 23.32 0.64
CA ASN C 217 -25.51 24.71 0.91
C ASN C 217 -24.96 25.25 2.25
N GLN C 218 -24.39 24.39 3.11
CA GLN C 218 -23.95 24.78 4.48
C GLN C 218 -22.57 25.46 4.44
N ASP C 219 -22.38 26.41 5.35
CA ASP C 219 -21.07 27.03 5.70
C ASP C 219 -20.40 26.16 6.76
N ILE C 220 -19.33 25.45 6.40
CA ILE C 220 -18.58 24.53 7.31
C ILE C 220 -17.47 25.32 8.01
N THR C 221 -17.52 25.46 9.33
CA THR C 221 -16.50 26.20 10.13
C THR C 221 -15.90 25.30 11.22
N LEU C 222 -16.47 24.12 11.47
CA LEU C 222 -15.99 23.13 12.47
C LEU C 222 -15.71 23.83 13.81
N GLY C 223 -16.69 24.61 14.28
CA GLY C 223 -16.68 25.31 15.58
C GLY C 223 -16.11 26.72 15.46
N GLY C 224 -15.38 27.00 14.37
CA GLY C 224 -14.77 28.31 14.11
C GLY C 224 -15.81 29.32 13.67
N ASP D 7 -49.68 37.11 24.69
CA ASP D 7 -50.21 36.22 23.62
C ASP D 7 -49.46 34.88 23.66
N ILE D 8 -49.28 34.31 24.85
CA ILE D 8 -48.56 33.03 25.09
C ILE D 8 -49.56 31.87 25.04
N PRO D 9 -49.41 30.90 24.12
CA PRO D 9 -50.29 29.73 24.08
C PRO D 9 -50.23 28.88 25.36
N LYS D 10 -51.26 28.06 25.57
CA LYS D 10 -51.31 27.02 26.63
C LYS D 10 -50.65 25.74 26.08
N PHE D 11 -49.61 25.25 26.75
CA PHE D 11 -48.83 24.05 26.33
C PHE D 11 -49.28 22.83 27.15
N LYS D 12 -49.35 21.68 26.49
CA LYS D 12 -49.75 20.37 27.07
C LYS D 12 -48.59 19.81 27.91
N ARG D 13 -47.36 19.92 27.39
CA ARG D 13 -46.10 19.41 28.01
C ARG D 13 -45.02 20.48 27.80
N LEU D 14 -44.11 20.63 28.77
CA LEU D 14 -42.97 21.59 28.69
C LEU D 14 -41.67 20.86 28.98
N PRO D 15 -40.56 21.29 28.35
CA PRO D 15 -39.24 20.74 28.65
C PRO D 15 -38.74 21.25 30.01
N ARG D 16 -38.05 20.40 30.78
CA ARG D 16 -37.38 20.81 32.04
C ARG D 16 -36.25 21.80 31.73
N HIS D 17 -35.51 21.53 30.64
CA HIS D 17 -34.24 22.21 30.31
C HIS D 17 -34.20 22.53 28.82
N ILE D 18 -34.13 23.82 28.47
CA ILE D 18 -33.96 24.29 27.07
C ILE D 18 -32.52 24.78 26.88
N ALA D 19 -31.88 24.37 25.78
CA ALA D 19 -30.62 24.96 25.31
C ALA D 19 -30.93 25.91 24.16
N ILE D 20 -30.23 27.05 24.12
CA ILE D 20 -30.41 28.12 23.09
C ILE D 20 -29.09 28.35 22.39
N ILE D 21 -29.05 28.19 21.06
CA ILE D 21 -27.90 28.62 20.22
C ILE D 21 -28.33 29.85 19.44
N PRO D 22 -27.90 31.05 19.91
CA PRO D 22 -28.34 32.32 19.33
C PRO D 22 -27.49 32.70 18.11
N ASP D 23 -27.56 31.89 17.05
CA ASP D 23 -26.67 32.02 15.88
C ASP D 23 -27.29 32.97 14.85
N GLY D 24 -26.46 33.50 13.96
CA GLY D 24 -26.86 34.29 12.78
C GLY D 24 -26.60 35.77 12.92
N ASN D 25 -25.90 36.18 13.98
CA ASN D 25 -25.66 37.62 14.26
C ASN D 25 -24.83 38.27 13.14
N ARG D 26 -23.84 37.56 12.59
CA ARG D 26 -22.93 38.15 11.58
C ARG D 26 -23.67 38.28 10.25
N ARG D 27 -24.40 37.24 9.83
CA ARG D 27 -25.21 37.26 8.59
C ARG D 27 -26.27 38.37 8.70
N TRP D 28 -26.88 38.51 9.87
CA TRP D 28 -27.92 39.53 10.15
C TRP D 28 -27.31 40.92 9.92
N ALA D 29 -26.14 41.19 10.48
CA ALA D 29 -25.42 42.47 10.35
C ALA D 29 -25.10 42.72 8.87
N LEU D 30 -24.54 41.72 8.17
CA LEU D 30 -24.13 41.86 6.75
C LEU D 30 -25.35 42.21 5.89
N ALA D 31 -26.52 41.60 6.18
CA ALA D 31 -27.78 41.81 5.43
C ALA D 31 -28.27 43.27 5.59
N ARG D 32 -27.87 43.95 6.67
CA ARG D 32 -28.28 45.35 6.97
C ARG D 32 -27.15 46.32 6.60
N GLY D 33 -26.11 45.85 5.89
CA GLY D 33 -24.98 46.67 5.41
C GLY D 33 -24.03 47.06 6.54
N LEU D 34 -24.11 46.36 7.67
CA LEU D 34 -23.20 46.56 8.83
C LEU D 34 -22.00 45.61 8.70
N GLU D 35 -20.95 45.84 9.49
CA GLU D 35 -19.78 44.93 9.57
C GLU D 35 -20.19 43.69 10.38
N LYS D 36 -19.55 42.54 10.11
CA LYS D 36 -19.89 41.22 10.70
C LYS D 36 -20.04 41.33 12.22
N HIS D 37 -19.12 42.02 12.88
CA HIS D 37 -19.01 42.10 14.37
C HIS D 37 -20.15 42.93 14.98
N GLU D 38 -20.88 43.71 14.19
CA GLU D 38 -21.89 44.69 14.70
C GLU D 38 -23.21 44.00 15.09
N GLY D 39 -23.41 42.74 14.68
CA GLY D 39 -24.65 41.98 14.98
C GLY D 39 -24.79 41.65 16.44
N TYR D 40 -23.69 41.43 17.17
CA TYR D 40 -23.72 40.83 18.53
C TYR D 40 -24.49 41.74 19.49
N SER D 41 -24.34 43.05 19.39
CA SER D 41 -25.01 44.03 20.29
C SER D 41 -26.53 43.90 20.18
N SER D 42 -27.06 43.47 19.02
CA SER D 42 -28.51 43.28 18.75
C SER D 42 -29.00 41.89 19.18
N GLY D 43 -28.13 41.08 19.80
CA GLY D 43 -28.49 39.74 20.31
C GLY D 43 -28.83 39.75 21.79
N ILE D 44 -28.70 40.88 22.49
CA ILE D 44 -28.88 40.92 23.98
C ILE D 44 -30.38 40.94 24.28
N ILE D 45 -31.13 41.84 23.67
CA ILE D 45 -32.59 42.00 23.97
C ILE D 45 -33.34 40.71 23.61
N PRO D 46 -33.08 40.07 22.44
CA PRO D 46 -33.64 38.73 22.18
C PRO D 46 -33.46 37.76 23.37
N GLY D 47 -32.27 37.72 23.96
CA GLY D 47 -32.01 36.83 25.12
C GLY D 47 -32.90 37.16 26.30
N LEU D 48 -33.08 38.45 26.57
CA LEU D 48 -33.96 38.92 27.69
C LEU D 48 -35.42 38.54 27.40
N GLU D 49 -35.84 38.59 26.14
CA GLU D 49 -37.21 38.19 25.72
C GLU D 49 -37.40 36.69 25.96
N VAL D 50 -36.43 35.85 25.61
CA VAL D 50 -36.49 34.39 25.87
C VAL D 50 -36.57 34.17 27.38
N TYR D 51 -35.70 34.84 28.15
CA TYR D 51 -35.70 34.80 29.63
C TYR D 51 -37.12 35.10 30.13
N ASP D 52 -37.71 36.23 29.69
CA ASP D 52 -39.04 36.70 30.18
C ASP D 52 -40.10 35.63 29.87
N ILE D 53 -40.11 35.08 28.65
CA ILE D 53 -41.13 34.08 28.23
C ILE D 53 -40.96 32.82 29.10
N CYS D 54 -39.73 32.36 29.29
CA CYS D 54 -39.42 31.12 30.05
C CYS D 54 -39.83 31.28 31.52
N VAL D 55 -39.66 32.47 32.11
CA VAL D 55 -40.11 32.75 33.50
C VAL D 55 -41.64 32.62 33.55
N LYS D 56 -42.35 33.26 32.62
CA LYS D 56 -43.84 33.32 32.58
C LYS D 56 -44.44 31.90 32.47
N ILE D 57 -43.88 31.02 31.64
CA ILE D 57 -44.46 29.68 31.39
C ILE D 57 -43.88 28.66 32.39
N GLY D 58 -42.78 29.02 33.07
CA GLY D 58 -42.23 28.26 34.20
C GLY D 58 -41.23 27.20 33.77
N ILE D 59 -40.42 27.49 32.73
CA ILE D 59 -39.25 26.66 32.36
C ILE D 59 -38.26 26.72 33.53
N GLY D 60 -37.80 25.56 34.00
CA GLY D 60 -36.93 25.43 35.19
C GLY D 60 -35.49 25.84 34.91
N GLU D 61 -35.00 25.59 33.69
CA GLU D 61 -33.56 25.74 33.36
C GLU D 61 -33.39 26.09 31.88
N VAL D 62 -32.59 27.10 31.61
CA VAL D 62 -32.22 27.53 30.23
C VAL D 62 -30.71 27.72 30.17
N THR D 63 -30.06 27.11 29.18
CA THR D 63 -28.62 27.25 28.91
C THR D 63 -28.43 28.02 27.60
N PHE D 64 -27.74 29.16 27.65
CA PHE D 64 -27.39 29.97 26.46
C PHE D 64 -25.94 29.69 26.03
N PHE D 65 -25.76 29.34 24.76
CA PHE D 65 -24.45 29.31 24.05
C PHE D 65 -23.98 30.76 23.88
N GLY D 66 -22.94 31.15 24.61
CA GLY D 66 -22.33 32.49 24.50
C GLY D 66 -21.22 32.51 23.47
N PHE D 67 -20.06 31.96 23.82
CA PHE D 67 -18.98 31.72 22.84
C PHE D 67 -18.11 30.55 23.31
N THR D 68 -17.45 29.93 22.35
CA THR D 68 -16.59 28.76 22.57
C THR D 68 -15.13 29.14 22.35
N GLN D 69 -14.22 28.27 22.82
CA GLN D 69 -12.77 28.37 22.54
C GLN D 69 -12.58 28.38 21.01
N ASP D 70 -13.28 27.50 20.28
CA ASP D 70 -13.23 27.44 18.79
C ASP D 70 -13.60 28.82 18.20
N ASN D 71 -14.58 29.52 18.77
CA ASN D 71 -15.02 30.85 18.26
C ASN D 71 -13.90 31.88 18.39
N THR D 72 -12.97 31.72 19.33
CA THR D 72 -11.85 32.67 19.55
C THR D 72 -10.83 32.52 18.41
N LYS D 73 -11.04 31.60 17.45
CA LYS D 73 -10.24 31.53 16.20
C LYS D 73 -10.61 32.70 15.29
N ARG D 74 -11.78 33.31 15.48
CA ARG D 74 -12.31 34.42 14.63
C ARG D 74 -11.51 35.70 14.85
N PRO D 75 -11.53 36.64 13.87
CA PRO D 75 -10.85 37.94 14.00
C PRO D 75 -11.10 38.65 15.34
N GLN D 76 -10.06 39.31 15.85
CA GLN D 76 -10.08 40.03 17.14
C GLN D 76 -11.28 40.99 17.22
N ILE D 77 -11.63 41.68 16.12
CA ILE D 77 -12.73 42.68 16.17
C ILE D 77 -14.06 41.96 16.47
N GLN D 78 -14.20 40.72 16.01
CA GLN D 78 -15.38 39.86 16.28
C GLN D 78 -15.30 39.34 17.73
N ARG D 79 -14.12 38.90 18.17
CA ARG D 79 -13.92 38.36 19.54
C ARG D 79 -14.34 39.42 20.57
N LYS D 80 -13.88 40.66 20.40
CA LYS D 80 -14.22 41.74 21.36
C LYS D 80 -15.73 41.95 21.35
N ALA D 81 -16.36 41.94 20.17
CA ALA D 81 -17.81 42.20 20.00
C ALA D 81 -18.63 41.10 20.70
N PHE D 82 -18.35 39.83 20.46
CA PHE D 82 -19.19 38.74 21.05
C PHE D 82 -18.89 38.67 22.55
N THR D 83 -17.65 38.95 22.96
CA THR D 83 -17.26 38.87 24.39
C THR D 83 -18.01 40.01 25.13
N ASP D 84 -17.98 41.22 24.59
CA ASP D 84 -18.66 42.40 25.22
C ASP D 84 -20.16 42.11 25.36
N ALA D 85 -20.79 41.56 24.31
CA ALA D 85 -22.23 41.24 24.29
C ALA D 85 -22.56 40.15 25.33
N CYS D 86 -21.70 39.15 25.48
CA CYS D 86 -21.87 38.07 26.50
C CYS D 86 -21.79 38.68 27.90
N ILE D 87 -20.82 39.57 28.14
CA ILE D 87 -20.62 40.21 29.47
C ILE D 87 -21.91 40.96 29.83
N LYS D 88 -22.37 41.84 28.93
CA LYS D 88 -23.60 42.66 29.11
C LYS D 88 -24.80 41.75 29.36
N SER D 89 -24.92 40.63 28.63
CA SER D 89 -26.06 39.68 28.75
C SER D 89 -26.13 39.11 30.17
N VAL D 90 -25.00 38.66 30.71
CA VAL D 90 -24.96 38.06 32.08
C VAL D 90 -25.32 39.16 33.08
N GLN D 91 -24.76 40.36 32.89
CA GLN D 91 -24.98 41.53 33.78
C GLN D 91 -26.47 41.90 33.77
N GLU D 92 -27.15 41.79 32.62
CA GLU D 92 -28.60 42.10 32.49
C GLU D 92 -29.43 41.06 33.27
N ILE D 93 -29.07 39.77 33.18
CA ILE D 93 -29.79 38.71 33.95
C ILE D 93 -29.53 38.93 35.45
N ALA D 94 -28.34 39.45 35.81
CA ALA D 94 -27.93 39.70 37.21
C ALA D 94 -28.82 40.79 37.85
N LYS D 95 -29.49 41.61 37.03
CA LYS D 95 -30.44 42.66 37.48
C LYS D 95 -31.85 42.09 37.69
N ARG D 96 -32.08 40.81 37.39
CA ARG D 96 -33.45 40.22 37.35
C ARG D 96 -33.54 39.08 38.39
N ASP D 97 -34.34 38.04 38.12
CA ASP D 97 -34.62 36.90 39.03
C ASP D 97 -34.07 35.62 38.39
N ALA D 98 -32.97 35.09 38.91
CA ALA D 98 -32.31 33.89 38.33
C ALA D 98 -31.34 33.27 39.33
N GLU D 99 -31.07 31.98 39.15
CA GLU D 99 -29.83 31.31 39.63
C GLU D 99 -28.87 31.27 38.43
N ILE D 100 -27.85 32.11 38.42
CA ILE D 100 -26.93 32.30 37.26
C ILE D 100 -25.73 31.38 37.42
N LEU D 101 -25.39 30.62 36.39
CA LEU D 101 -24.13 29.87 36.34
C LEU D 101 -23.46 30.14 34.99
N VAL D 102 -22.20 30.58 35.02
CA VAL D 102 -21.34 30.67 33.82
C VAL D 102 -20.43 29.45 33.85
N VAL D 103 -20.38 28.69 32.75
CA VAL D 103 -19.46 27.52 32.60
C VAL D 103 -18.52 27.83 31.44
N GLY D 104 -17.22 27.75 31.69
CA GLY D 104 -16.20 27.99 30.67
C GLY D 104 -14.81 27.87 31.26
N ASN D 105 -13.81 27.89 30.40
CA ASN D 105 -12.38 27.78 30.79
C ASN D 105 -11.89 29.15 31.27
N THR D 106 -11.78 29.33 32.59
CA THR D 106 -11.37 30.60 33.23
C THR D 106 -9.86 30.81 33.05
N ASN D 107 -9.11 29.72 32.85
CA ASN D 107 -7.64 29.73 32.59
C ASN D 107 -7.39 30.19 31.15
N SER D 108 -7.57 31.49 30.89
CA SER D 108 -7.39 32.12 29.55
C SER D 108 -7.40 33.65 29.69
N ASP D 109 -6.67 34.34 28.81
CA ASP D 109 -6.67 35.81 28.66
C ASP D 109 -7.91 36.25 27.86
N ILE D 110 -8.73 35.29 27.44
CA ILE D 110 -9.97 35.51 26.64
C ILE D 110 -11.19 35.51 27.57
N PHE D 111 -11.19 34.67 28.62
CA PHE D 111 -12.30 34.62 29.61
C PHE D 111 -12.38 35.97 30.32
N PRO D 112 -13.54 36.65 30.27
CA PRO D 112 -13.68 37.97 30.88
C PRO D 112 -13.73 37.93 32.42
N GLU D 113 -12.85 38.72 33.05
CA GLU D 113 -12.74 38.86 34.52
C GLU D 113 -14.12 39.17 35.12
N GLU D 114 -14.94 39.95 34.40
CA GLU D 114 -16.28 40.43 34.85
C GLU D 114 -17.19 39.24 35.24
N LEU D 115 -16.96 38.04 34.69
CA LEU D 115 -17.91 36.89 34.83
C LEU D 115 -17.37 35.82 35.77
N LEU D 116 -16.14 35.96 36.32
CA LEU D 116 -15.57 34.98 37.27
C LEU D 116 -16.53 34.77 38.44
N GLU D 117 -17.18 35.83 38.94
CA GLU D 117 -18.06 35.75 40.15
C GLU D 117 -19.23 34.80 39.88
N TYR D 118 -19.60 34.58 38.61
CA TYR D 118 -20.78 33.76 38.22
C TYR D 118 -20.38 32.31 37.88
N THR D 119 -19.11 31.93 38.04
CA THR D 119 -18.64 30.54 37.79
C THR D 119 -19.00 29.64 38.98
N LYS D 120 -19.56 30.20 40.06
CA LYS D 120 -20.35 29.48 41.10
C LYS D 120 -21.79 29.97 41.01
N ARG D 121 -22.78 29.06 41.06
CA ARG D 121 -24.21 29.41 40.83
C ARG D 121 -24.61 30.49 41.83
N THR D 122 -25.12 31.60 41.32
CA THR D 122 -25.37 32.87 42.06
C THR D 122 -26.86 33.21 42.01
N LYS D 123 -27.51 33.27 43.16
CA LYS D 123 -28.95 33.63 43.27
C LYS D 123 -29.06 35.16 43.19
N VAL D 124 -29.86 35.66 42.24
CA VAL D 124 -30.17 37.11 42.11
C VAL D 124 -31.69 37.27 42.19
N GLY D 125 -32.16 38.34 42.84
CA GLY D 125 -33.60 38.56 43.12
C GLY D 125 -34.24 37.32 43.71
N LYS D 126 -35.40 36.92 43.18
CA LYS D 126 -36.24 35.82 43.73
C LYS D 126 -35.73 34.45 43.25
N GLY D 127 -34.75 34.41 42.34
CA GLY D 127 -34.27 33.16 41.70
C GLY D 127 -35.38 32.53 40.88
N LYS D 128 -35.64 31.24 41.09
CA LYS D 128 -36.83 30.49 40.61
C LYS D 128 -36.70 30.10 39.12
N ILE D 129 -35.61 30.48 38.45
CA ILE D 129 -35.21 29.91 37.13
C ILE D 129 -33.69 29.80 37.11
N LYS D 130 -33.17 28.69 36.61
CA LYS D 130 -31.73 28.47 36.40
C LYS D 130 -31.38 28.98 35.01
N ILE D 131 -30.45 29.94 34.94
CA ILE D 131 -29.93 30.49 33.66
C ILE D 131 -28.43 30.19 33.61
N ASN D 132 -28.04 29.34 32.66
CA ASN D 132 -26.61 29.00 32.44
C ASN D 132 -26.13 29.74 31.19
N PHE D 133 -24.86 30.15 31.20
CA PHE D 133 -24.15 30.70 30.03
C PHE D 133 -22.86 29.92 29.79
N LEU D 134 -22.66 29.49 28.55
CA LEU D 134 -21.39 28.87 28.11
C LEU D 134 -20.51 29.99 27.56
N ILE D 135 -19.44 30.32 28.29
CA ILE D 135 -18.53 31.47 28.01
C ILE D 135 -17.09 30.97 27.97
N ASN D 136 -16.44 31.05 26.82
CA ASN D 136 -15.11 30.42 26.60
C ASN D 136 -15.26 28.93 26.92
N TYR D 137 -16.40 28.36 26.55
CA TYR D 137 -16.71 26.92 26.73
C TYR D 137 -16.08 26.16 25.56
N GLY D 138 -15.70 24.90 25.79
CA GLY D 138 -15.25 24.00 24.72
C GLY D 138 -15.63 22.58 25.05
N TRP D 139 -16.16 21.83 24.07
CA TRP D 139 -16.57 20.43 24.28
C TRP D 139 -15.34 19.62 24.70
N TYR D 140 -14.17 19.91 24.13
CA TYR D 140 -12.90 19.17 24.39
C TYR D 140 -12.47 19.45 25.84
N TRP D 141 -12.39 20.73 26.20
CA TRP D 141 -12.11 21.22 27.58
C TRP D 141 -13.09 20.58 28.56
N ASP D 142 -14.36 20.49 28.17
CA ASP D 142 -15.46 19.97 29.03
C ASP D 142 -15.20 18.49 29.36
N LEU D 143 -14.94 17.67 28.34
CA LEU D 143 -14.79 16.20 28.52
C LEU D 143 -13.48 15.89 29.25
N THR D 144 -12.40 16.60 28.92
CA THR D 144 -11.02 16.35 29.43
C THR D 144 -10.87 16.90 30.86
N TYR D 145 -11.80 17.74 31.33
CA TYR D 145 -11.76 18.42 32.65
C TYR D 145 -11.66 17.40 33.77
N ALA D 146 -12.36 16.26 33.62
CA ALA D 146 -12.50 15.17 34.63
C ALA D 146 -11.15 14.78 35.22
N TYR D 147 -10.09 14.77 34.42
CA TYR D 147 -8.71 14.35 34.80
C TYR D 147 -8.18 15.28 35.90
N LYS D 155 -16.63 7.45 37.32
CA LYS D 155 -16.63 8.71 38.12
C LYS D 155 -16.31 9.90 37.20
N MET D 156 -15.29 9.75 36.33
CA MET D 156 -14.75 10.84 35.46
C MET D 156 -15.86 11.49 34.63
N ILE D 157 -16.79 10.69 34.10
CA ILE D 157 -17.94 11.17 33.27
C ILE D 157 -18.81 12.14 34.10
N GLU D 158 -18.99 11.86 35.40
CA GLU D 158 -19.83 12.68 36.31
C GLU D 158 -19.07 13.95 36.71
N ASN D 159 -17.79 14.08 36.33
CA ASN D 159 -16.87 15.17 36.74
C ASN D 159 -16.42 15.98 35.52
N ILE D 160 -17.17 15.94 34.42
CA ILE D 160 -16.98 16.90 33.28
C ILE D 160 -17.16 18.32 33.83
N ALA D 161 -16.58 19.32 33.17
CA ALA D 161 -16.64 20.75 33.59
C ALA D 161 -18.10 21.19 33.76
N SER D 162 -18.99 20.75 32.86
CA SER D 162 -20.42 21.15 32.79
C SER D 162 -21.32 20.24 33.63
N ALA D 163 -20.75 19.48 34.59
CA ALA D 163 -21.45 18.44 35.38
C ALA D 163 -22.69 19.01 36.07
N GLU D 164 -22.67 20.29 36.48
CA GLU D 164 -23.80 20.96 37.17
C GLU D 164 -24.99 21.18 36.22
N ILE D 165 -24.76 21.18 34.90
CA ILE D 165 -25.83 21.39 33.88
C ILE D 165 -26.40 20.02 33.52
N PRO D 166 -27.73 19.81 33.73
CA PRO D 166 -28.33 18.51 33.45
C PRO D 166 -28.64 18.29 31.96
N ARG D 167 -29.14 17.10 31.63
CA ARG D 167 -29.60 16.72 30.27
C ARG D 167 -30.44 17.86 29.67
N VAL D 168 -30.20 18.18 28.39
CA VAL D 168 -31.00 19.16 27.59
C VAL D 168 -32.20 18.42 26.99
N ASP D 169 -33.41 18.87 27.26
CA ASP D 169 -34.66 18.23 26.72
C ASP D 169 -34.90 18.75 25.31
N LEU D 170 -34.80 20.07 25.14
CA LEU D 170 -35.05 20.77 23.86
C LEU D 170 -33.90 21.72 23.56
N LEU D 171 -33.30 21.60 22.38
CA LEU D 171 -32.26 22.55 21.92
C LEU D 171 -32.87 23.35 20.77
N ILE D 172 -32.83 24.68 20.85
CA ILE D 172 -33.37 25.59 19.81
C ILE D 172 -32.20 26.39 19.24
N ARG D 173 -32.03 26.34 17.93
CA ARG D 173 -30.94 27.06 17.23
C ARG D 173 -31.55 28.01 16.20
N TRP D 174 -31.17 29.27 16.29
CA TRP D 174 -31.50 30.34 15.31
C TRP D 174 -30.46 30.34 14.20
N GLY D 175 -30.80 30.91 13.03
CA GLY D 175 -29.87 31.10 11.90
C GLY D 175 -29.87 29.93 10.93
N GLY D 176 -30.77 28.96 11.09
CA GLY D 176 -31.11 27.98 10.04
C GLY D 176 -30.16 26.78 9.96
N ARG D 177 -29.10 26.73 10.75
CA ARG D 177 -28.16 25.57 10.76
C ARG D 177 -28.66 24.52 11.76
N CYS D 178 -28.67 23.24 11.34
CA CYS D 178 -29.05 22.11 12.20
C CYS D 178 -27.77 21.39 12.63
N ARG D 179 -27.14 21.88 13.69
CA ARG D 179 -25.84 21.36 14.20
C ARG D 179 -25.63 21.88 15.61
N LEU D 180 -24.85 21.16 16.41
CA LEU D 180 -24.63 21.49 17.84
C LEU D 180 -23.52 22.52 18.03
N SER D 181 -22.57 22.63 17.08
CA SER D 181 -21.35 23.48 17.22
C SER D 181 -20.67 23.21 18.57
N GLY D 182 -20.66 21.94 18.99
CA GLY D 182 -19.95 21.47 20.20
C GLY D 182 -20.61 21.93 21.49
N MET D 183 -21.91 22.21 21.47
CA MET D 183 -22.63 22.55 22.73
C MET D 183 -22.92 21.26 23.51
N LEU D 184 -22.27 21.11 24.67
CA LEU D 184 -22.62 20.12 25.73
C LEU D 184 -22.89 18.75 25.10
N PRO D 185 -21.88 18.08 24.52
CA PRO D 185 -22.09 16.79 23.88
C PRO D 185 -22.74 15.75 24.80
N VAL D 186 -22.42 15.74 26.09
CA VAL D 186 -22.98 14.73 27.04
C VAL D 186 -24.48 15.01 27.23
N GLN D 187 -24.87 16.27 27.44
CA GLN D 187 -26.25 16.66 27.83
C GLN D 187 -27.16 16.65 26.59
N THR D 188 -26.61 16.61 25.38
CA THR D 188 -27.41 16.78 24.14
C THR D 188 -27.56 15.44 23.38
N VAL D 189 -27.05 14.32 23.90
CA VAL D 189 -27.12 13.00 23.22
C VAL D 189 -28.57 12.67 22.81
N TYR D 190 -29.57 13.03 23.61
CA TYR D 190 -31.00 12.64 23.37
C TYR D 190 -31.87 13.87 23.11
N SER D 191 -31.30 15.07 23.03
CA SER D 191 -32.06 16.33 22.89
C SER D 191 -32.88 16.33 21.58
N ASP D 192 -34.13 16.76 21.66
CA ASP D 192 -34.91 17.12 20.45
C ASP D 192 -34.43 18.51 19.99
N ILE D 193 -34.09 18.64 18.71
CA ILE D 193 -33.48 19.86 18.13
C ILE D 193 -34.50 20.53 17.22
N TYR D 194 -34.72 21.82 17.45
CA TYR D 194 -35.59 22.69 16.63
C TYR D 194 -34.76 23.82 16.05
N VAL D 195 -34.85 24.03 14.74
CA VAL D 195 -34.09 25.06 14.00
C VAL D 195 -35.06 26.15 13.54
N VAL D 196 -34.76 27.38 13.93
CA VAL D 196 -35.43 28.62 13.44
C VAL D 196 -34.60 29.16 12.28
N ASP D 197 -35.23 29.44 11.15
CA ASP D 197 -34.48 29.89 9.94
C ASP D 197 -34.01 31.33 10.13
N GLU D 198 -34.79 32.17 10.83
CA GLU D 198 -34.42 33.59 11.01
C GLU D 198 -33.17 33.68 11.91
N MET D 199 -32.33 34.68 11.64
CA MET D 199 -31.15 35.00 12.47
C MET D 199 -31.60 35.45 13.86
N TRP D 200 -30.77 35.17 14.87
CA TRP D 200 -31.08 35.44 16.30
C TRP D 200 -31.56 36.87 16.55
N PRO D 201 -30.92 37.93 15.99
CA PRO D 201 -31.41 39.29 16.24
C PRO D 201 -32.85 39.51 15.76
N ASP D 202 -33.37 38.65 14.87
CA ASP D 202 -34.77 38.71 14.37
C ASP D 202 -35.68 37.81 15.21
N PHE D 203 -35.25 37.43 16.42
CA PHE D 203 -36.06 36.65 17.38
C PHE D 203 -37.49 37.24 17.49
N LYS D 204 -38.49 36.36 17.46
CA LYS D 204 -39.90 36.66 17.79
C LYS D 204 -40.40 35.60 18.76
N PRO D 205 -41.32 35.93 19.70
CA PRO D 205 -41.88 34.93 20.61
C PRO D 205 -42.38 33.65 19.91
N GLU D 206 -42.97 33.79 18.71
CA GLU D 206 -43.56 32.66 17.95
C GLU D 206 -42.46 31.62 17.64
N HIS D 207 -41.21 32.05 17.46
CA HIS D 207 -40.06 31.14 17.29
C HIS D 207 -40.01 30.17 18.46
N LEU D 208 -40.06 30.69 19.69
CA LEU D 208 -39.98 29.87 20.93
C LEU D 208 -41.28 29.07 21.09
N PHE D 209 -42.44 29.66 20.77
CA PHE D 209 -43.76 28.97 20.86
C PHE D 209 -43.76 27.75 19.93
N LYS D 210 -43.30 27.92 18.68
CA LYS D 210 -43.25 26.84 17.65
C LYS D 210 -42.30 25.72 18.12
N ALA D 211 -41.17 26.08 18.73
CA ALA D 211 -40.19 25.12 19.29
C ALA D 211 -40.86 24.32 20.42
N LEU D 212 -41.67 24.96 21.26
CA LEU D 212 -42.35 24.29 22.39
C LEU D 212 -43.49 23.42 21.87
N GLU D 213 -44.19 23.85 20.83
CA GLU D 213 -45.21 23.01 20.13
C GLU D 213 -44.51 21.76 19.56
N PHE D 214 -43.35 21.93 18.92
CA PHE D 214 -42.52 20.82 18.39
C PHE D 214 -42.18 19.83 19.52
N TYR D 215 -41.69 20.33 20.67
CA TYR D 215 -41.24 19.47 21.79
C TYR D 215 -42.41 18.61 22.29
N GLN D 216 -43.58 19.21 22.51
CA GLN D 216 -44.75 18.52 23.13
C GLN D 216 -45.29 17.46 22.15
N ASN D 217 -44.97 17.54 20.87
CA ASN D 217 -45.45 16.60 19.82
C ASN D 217 -44.53 15.37 19.69
N GLN D 218 -43.34 15.40 20.31
CA GLN D 218 -42.35 14.29 20.23
C GLN D 218 -42.79 13.16 21.19
N ASP D 219 -42.23 11.96 21.01
CA ASP D 219 -42.43 10.78 21.89
C ASP D 219 -41.18 10.59 22.76
N ASP E 7 6.17 55.13 -4.08
CA ASP E 7 7.02 53.90 -4.07
C ASP E 7 6.46 52.87 -5.05
N ILE E 8 5.12 52.76 -5.15
CA ILE E 8 4.42 51.91 -6.15
C ILE E 8 4.45 52.62 -7.50
N PRO E 9 4.95 51.97 -8.59
CA PRO E 9 4.88 52.56 -9.92
C PRO E 9 3.43 52.72 -10.41
N LYS E 10 3.23 53.61 -11.39
CA LYS E 10 1.92 53.81 -12.09
C LYS E 10 1.85 52.83 -13.27
N PHE E 11 0.70 52.18 -13.45
CA PHE E 11 0.43 51.19 -14.52
C PHE E 11 -0.75 51.65 -15.37
N LYS E 12 -0.60 51.59 -16.69
CA LYS E 12 -1.63 51.98 -17.70
C LYS E 12 -2.67 50.86 -17.85
N ARG E 13 -2.26 49.60 -17.65
CA ARG E 13 -3.15 48.41 -17.75
C ARG E 13 -2.75 47.45 -16.63
N LEU E 14 -3.74 46.81 -16.00
CA LEU E 14 -3.53 45.82 -14.91
C LEU E 14 -4.22 44.51 -15.28
N PRO E 15 -3.64 43.34 -14.89
CA PRO E 15 -4.31 42.06 -15.07
C PRO E 15 -5.49 41.94 -14.09
N ARG E 16 -6.63 41.42 -14.54
CA ARG E 16 -7.80 41.19 -13.66
C ARG E 16 -7.47 40.06 -12.68
N HIS E 17 -6.73 39.05 -13.15
CA HIS E 17 -6.43 37.82 -12.38
C HIS E 17 -4.94 37.48 -12.53
N ILE E 18 -4.21 37.51 -11.40
CA ILE E 18 -2.80 37.05 -11.32
C ILE E 18 -2.76 35.65 -10.68
N ALA E 19 -1.98 34.74 -11.26
CA ALA E 19 -1.59 33.47 -10.62
C ALA E 19 -0.15 33.61 -10.11
N ILE E 20 0.09 33.13 -8.89
CA ILE E 20 1.41 33.16 -8.20
C ILE E 20 1.85 31.72 -7.95
N ILE E 21 3.02 31.34 -8.46
CA ILE E 21 3.71 30.09 -8.06
C ILE E 21 4.90 30.47 -7.19
N PRO E 22 4.76 30.33 -5.84
CA PRO E 22 5.75 30.80 -4.89
C PRO E 22 6.86 29.75 -4.66
N ASP E 23 7.59 29.45 -5.72
CA ASP E 23 8.56 28.32 -5.76
C ASP E 23 9.94 28.77 -5.28
N GLY E 24 10.76 27.81 -4.84
CA GLY E 24 12.16 28.02 -4.46
C GLY E 24 12.40 27.96 -2.97
N ASN E 25 11.38 27.59 -2.19
CA ASN E 25 11.46 27.58 -0.70
C ASN E 25 12.54 26.58 -0.25
N ARG E 26 12.58 25.40 -0.87
CA ARG E 26 13.52 24.32 -0.45
C ARG E 26 14.95 24.70 -0.85
N ARG E 27 15.16 25.13 -2.10
CA ARG E 27 16.50 25.57 -2.59
C ARG E 27 17.00 26.75 -1.75
N TRP E 28 16.10 27.68 -1.41
CA TRP E 28 16.42 28.85 -0.55
C TRP E 28 16.96 28.36 0.79
N ALA E 29 16.25 27.41 1.42
CA ALA E 29 16.59 26.83 2.73
C ALA E 29 17.95 26.14 2.65
N LEU E 30 18.15 25.30 1.63
CA LEU E 30 19.41 24.54 1.44
C LEU E 30 20.59 25.50 1.28
N ALA E 31 20.43 26.57 0.48
CA ALA E 31 21.47 27.60 0.21
C ALA E 31 21.91 28.27 1.51
N ARG E 32 21.01 28.36 2.51
CA ARG E 32 21.26 29.03 3.81
C ARG E 32 21.74 28.03 4.88
N GLY E 33 21.86 26.74 4.53
CA GLY E 33 22.33 25.68 5.44
C GLY E 33 21.24 25.19 6.37
N LEU E 34 19.97 25.46 6.04
CA LEU E 34 18.78 24.91 6.73
C LEU E 34 18.38 23.58 6.09
N GLU E 35 17.50 22.82 6.72
CA GLU E 35 16.85 21.63 6.11
C GLU E 35 15.87 22.10 5.04
N LYS E 36 15.69 21.32 3.97
CA LYS E 36 14.80 21.63 2.82
C LYS E 36 13.46 22.17 3.32
N HIS E 37 12.80 21.45 4.23
CA HIS E 37 11.39 21.69 4.66
C HIS E 37 11.27 23.01 5.42
N GLU E 38 12.37 23.58 5.92
CA GLU E 38 12.36 24.81 6.75
C GLU E 38 12.05 26.06 5.91
N GLY E 39 12.22 26.01 4.59
CA GLY E 39 12.02 27.17 3.71
C GLY E 39 10.58 27.69 3.72
N TYR E 40 9.61 26.79 3.84
CA TYR E 40 8.15 27.10 3.75
C TYR E 40 7.76 28.12 4.81
N SER E 41 8.36 28.06 6.00
CA SER E 41 8.02 28.97 7.12
C SER E 41 8.46 30.41 6.79
N SER E 42 9.36 30.60 5.82
CA SER E 42 9.78 31.94 5.34
C SER E 42 8.98 32.35 4.08
N GLY E 43 7.90 31.64 3.76
CA GLY E 43 7.10 31.92 2.55
C GLY E 43 5.82 32.67 2.87
N ILE E 44 5.55 32.95 4.14
CA ILE E 44 4.25 33.53 4.58
C ILE E 44 4.30 35.05 4.40
N ILE E 45 5.31 35.73 4.94
CA ILE E 45 5.37 37.22 4.86
C ILE E 45 5.45 37.67 3.39
N PRO E 46 6.26 37.03 2.50
CA PRO E 46 6.16 37.33 1.07
C PRO E 46 4.72 37.32 0.52
N GLY E 47 3.90 36.34 0.92
CA GLY E 47 2.50 36.27 0.49
C GLY E 47 1.71 37.46 0.99
N LEU E 48 1.95 37.89 2.23
CA LEU E 48 1.26 39.07 2.80
C LEU E 48 1.69 40.35 2.06
N GLU E 49 2.95 40.44 1.66
CA GLU E 49 3.44 41.61 0.89
C GLU E 49 2.74 41.63 -0.47
N VAL E 50 2.61 40.48 -1.13
CA VAL E 50 1.93 40.42 -2.44
C VAL E 50 0.49 40.86 -2.26
N TYR E 51 -0.19 40.34 -1.24
CA TYR E 51 -1.58 40.71 -0.87
C TYR E 51 -1.66 42.23 -0.72
N ASP E 52 -0.79 42.80 0.11
CA ASP E 52 -0.80 44.25 0.44
C ASP E 52 -0.64 45.08 -0.85
N ILE E 53 0.28 44.69 -1.74
CA ILE E 53 0.54 45.45 -2.99
C ILE E 53 -0.69 45.35 -3.89
N CYS E 54 -1.27 44.15 -4.02
CA CYS E 54 -2.42 43.89 -4.92
C CYS E 54 -3.65 44.69 -4.45
N VAL E 55 -3.90 44.74 -3.13
CA VAL E 55 -5.00 45.55 -2.55
C VAL E 55 -4.76 47.03 -2.88
N LYS E 56 -3.52 47.50 -2.71
CA LYS E 56 -3.13 48.92 -2.89
C LYS E 56 -3.36 49.34 -4.35
N ILE E 57 -2.99 48.50 -5.32
CA ILE E 57 -3.07 48.86 -6.76
C ILE E 57 -4.44 48.45 -7.33
N GLY E 58 -5.22 47.61 -6.64
CA GLY E 58 -6.60 47.25 -7.02
C GLY E 58 -6.68 46.06 -7.96
N ILE E 59 -5.76 45.09 -7.84
CA ILE E 59 -5.89 43.77 -8.53
C ILE E 59 -7.15 43.09 -8.00
N GLY E 60 -7.99 42.55 -8.90
CA GLY E 60 -9.29 41.98 -8.52
C GLY E 60 -9.15 40.59 -7.89
N GLU E 61 -8.21 39.80 -8.38
CA GLU E 61 -8.16 38.35 -8.06
C GLU E 61 -6.73 37.86 -8.16
N VAL E 62 -6.30 37.12 -7.14
CA VAL E 62 -4.95 36.49 -7.07
C VAL E 62 -5.15 35.04 -6.65
N THR E 63 -4.57 34.11 -7.41
CA THR E 63 -4.58 32.66 -7.09
C THR E 63 -3.16 32.24 -6.72
N PHE E 64 -3.00 31.66 -5.53
CA PHE E 64 -1.70 31.17 -5.03
C PHE E 64 -1.66 29.64 -5.14
N PHE E 65 -0.62 29.13 -5.78
CA PHE E 65 -0.26 27.70 -5.79
C PHE E 65 0.22 27.33 -4.38
N GLY E 66 -0.57 26.56 -3.64
CA GLY E 66 -0.23 26.07 -2.29
C GLY E 66 0.50 24.73 -2.34
N PHE E 67 -0.21 23.65 -2.62
CA PHE E 67 0.43 22.34 -2.89
C PHE E 67 -0.50 21.47 -3.72
N THR E 68 0.10 20.54 -4.46
CA THR E 68 -0.59 19.62 -5.39
C THR E 68 -0.60 18.20 -4.81
N GLN E 69 -1.45 17.35 -5.35
CA GLN E 69 -1.51 15.90 -4.99
C GLN E 69 -0.13 15.29 -5.28
N ASP E 70 0.52 15.70 -6.37
CA ASP E 70 1.86 15.21 -6.78
C ASP E 70 2.89 15.56 -5.68
N ASN E 71 2.78 16.75 -5.07
CA ASN E 71 3.69 17.22 -3.99
C ASN E 71 3.62 16.31 -2.76
N THR E 72 2.48 15.65 -2.53
CA THR E 72 2.24 14.79 -1.34
C THR E 72 2.99 13.46 -1.48
N LYS E 73 3.69 13.24 -2.59
CA LYS E 73 4.58 12.06 -2.79
C LYS E 73 5.94 12.34 -2.14
N ARG E 74 6.20 13.58 -1.72
CA ARG E 74 7.49 14.01 -1.10
C ARG E 74 7.55 13.52 0.35
N PRO E 75 8.74 13.55 1.00
CA PRO E 75 8.89 13.12 2.39
C PRO E 75 7.88 13.80 3.35
N GLN E 76 7.44 13.04 4.36
CA GLN E 76 6.42 13.43 5.37
C GLN E 76 6.78 14.79 5.98
N ILE E 77 8.06 15.01 6.31
CA ILE E 77 8.52 16.24 7.01
C ILE E 77 8.31 17.45 6.09
N GLN E 78 8.47 17.28 4.78
CA GLN E 78 8.20 18.35 3.78
C GLN E 78 6.69 18.57 3.67
N ARG E 79 5.90 17.49 3.59
CA ARG E 79 4.42 17.55 3.49
C ARG E 79 3.87 18.32 4.70
N LYS E 80 4.35 18.01 5.90
CA LYS E 80 3.90 18.70 7.14
C LYS E 80 4.23 20.19 7.02
N ALA E 81 5.45 20.51 6.57
CA ALA E 81 5.96 21.90 6.45
C ALA E 81 5.11 22.69 5.44
N PHE E 82 4.88 22.19 4.22
CA PHE E 82 4.15 23.00 3.21
C PHE E 82 2.67 23.06 3.58
N THR E 83 2.13 22.02 4.23
CA THR E 83 0.69 22.00 4.65
C THR E 83 0.53 23.05 5.75
N ASP E 84 1.43 23.05 6.75
CA ASP E 84 1.41 24.01 7.89
C ASP E 84 1.51 25.45 7.35
N ALA E 85 2.41 25.69 6.39
CA ALA E 85 2.64 27.02 5.79
C ALA E 85 1.38 27.46 5.01
N CYS E 86 0.73 26.54 4.30
CA CYS E 86 -0.53 26.85 3.58
C CYS E 86 -1.62 27.21 4.58
N ILE E 87 -1.78 26.44 5.65
CA ILE E 87 -2.83 26.72 6.68
C ILE E 87 -2.57 28.12 7.26
N LYS E 88 -1.34 28.42 7.68
CA LYS E 88 -0.98 29.72 8.30
C LYS E 88 -1.26 30.86 7.31
N SER E 89 -0.92 30.67 6.04
CA SER E 89 -1.12 31.67 4.96
C SER E 89 -2.60 32.04 4.85
N VAL E 90 -3.49 31.04 4.84
CA VAL E 90 -4.95 31.32 4.70
C VAL E 90 -5.41 32.04 5.96
N GLN E 91 -4.98 31.56 7.13
CA GLN E 91 -5.36 32.15 8.45
C GLN E 91 -4.93 33.62 8.52
N GLU E 92 -3.78 33.97 7.95
CA GLU E 92 -3.29 35.38 7.94
C GLU E 92 -4.17 36.21 7.01
N ILE E 93 -4.56 35.70 5.85
CA ILE E 93 -5.48 36.46 4.96
C ILE E 93 -6.83 36.58 5.68
N ALA E 94 -7.22 35.59 6.50
CA ALA E 94 -8.50 35.55 7.23
C ALA E 94 -8.56 36.67 8.29
N LYS E 95 -7.41 37.21 8.71
CA LYS E 95 -7.31 38.38 9.62
C LYS E 95 -7.51 39.69 8.85
N ARG E 96 -7.61 39.66 7.52
CA ARG E 96 -7.51 40.87 6.66
C ARG E 96 -8.81 41.01 5.84
N ASP E 97 -8.76 41.75 4.73
CA ASP E 97 -9.92 42.04 3.85
C ASP E 97 -9.77 41.23 2.56
N ALA E 98 -10.64 40.22 2.35
CA ALA E 98 -10.57 39.35 1.16
C ALA E 98 -11.88 38.56 1.02
N GLU E 99 -12.14 38.07 -0.20
CA GLU E 99 -13.06 36.93 -0.45
C GLU E 99 -12.19 35.71 -0.72
N ILE E 100 -12.08 34.82 0.26
CA ILE E 100 -11.13 33.67 0.23
C ILE E 100 -11.84 32.45 -0.37
N LEU E 101 -11.20 31.80 -1.35
CA LEU E 101 -11.64 30.47 -1.85
C LEU E 101 -10.44 29.52 -1.83
N VAL E 102 -10.64 28.31 -1.33
CA VAL E 102 -9.67 27.17 -1.43
C VAL E 102 -10.23 26.16 -2.43
N VAL E 103 -9.41 25.74 -3.41
CA VAL E 103 -9.78 24.71 -4.41
C VAL E 103 -8.79 23.55 -4.31
N GLY E 104 -9.30 22.34 -4.14
CA GLY E 104 -8.47 21.13 -4.06
C GLY E 104 -9.32 19.92 -3.71
N ASN E 105 -8.69 18.75 -3.69
CA ASN E 105 -9.37 17.47 -3.43
C ASN E 105 -9.54 17.33 -1.91
N THR E 106 -10.77 17.51 -1.42
CA THR E 106 -11.14 17.43 0.02
C THR E 106 -11.39 15.97 0.41
N ASN E 107 -11.44 15.05 -0.55
CA ASN E 107 -11.67 13.60 -0.32
C ASN E 107 -10.32 12.94 -0.06
N SER E 108 -9.64 13.37 1.01
CA SER E 108 -8.29 12.93 1.41
C SER E 108 -7.98 13.40 2.83
N ASP E 109 -7.33 12.55 3.62
CA ASP E 109 -6.83 12.86 4.99
C ASP E 109 -5.76 13.96 4.88
N ILE E 110 -5.20 14.16 3.68
CA ILE E 110 -4.11 15.12 3.39
C ILE E 110 -4.69 16.55 3.31
N PHE E 111 -5.95 16.70 2.91
CA PHE E 111 -6.62 18.03 2.88
C PHE E 111 -6.83 18.52 4.31
N PRO E 112 -6.32 19.70 4.69
CA PRO E 112 -6.45 20.18 6.06
C PRO E 112 -7.88 20.62 6.41
N GLU E 113 -8.45 19.95 7.41
CA GLU E 113 -9.72 20.27 8.11
C GLU E 113 -9.90 21.80 8.26
N GLU E 114 -8.83 22.50 8.64
CA GLU E 114 -8.84 23.97 8.96
C GLU E 114 -9.30 24.79 7.75
N LEU E 115 -9.20 24.27 6.52
CA LEU E 115 -9.47 25.05 5.28
C LEU E 115 -10.81 24.65 4.63
N LEU E 116 -11.56 23.68 5.18
CA LEU E 116 -12.89 23.27 4.63
C LEU E 116 -13.85 24.47 4.56
N GLU E 117 -13.77 25.39 5.51
CA GLU E 117 -14.61 26.61 5.56
C GLU E 117 -14.52 27.38 4.23
N TYR E 118 -13.34 27.35 3.60
CA TYR E 118 -13.00 28.24 2.46
C TYR E 118 -13.27 27.55 1.11
N THR E 119 -13.81 26.33 1.09
CA THR E 119 -14.16 25.60 -0.15
C THR E 119 -15.45 26.17 -0.76
N LYS E 120 -16.13 27.08 -0.05
CA LYS E 120 -17.05 28.10 -0.64
C LYS E 120 -16.46 29.48 -0.40
N ARG E 121 -16.51 30.38 -1.39
CA ARG E 121 -15.89 31.73 -1.29
C ARG E 121 -16.46 32.47 -0.07
N THR E 122 -15.61 32.81 0.90
CA THR E 122 -15.98 33.43 2.20
C THR E 122 -15.41 34.84 2.30
N LYS E 123 -16.27 35.83 2.57
CA LYS E 123 -15.88 37.24 2.80
C LYS E 123 -15.28 37.37 4.20
N VAL E 124 -14.04 37.87 4.29
CA VAL E 124 -13.37 38.23 5.57
C VAL E 124 -13.12 39.75 5.55
N GLY E 125 -13.28 40.42 6.70
CA GLY E 125 -13.20 41.90 6.81
C GLY E 125 -14.06 42.57 5.75
N LYS E 126 -13.48 43.51 4.99
CA LYS E 126 -14.22 44.38 4.03
C LYS E 126 -14.30 43.73 2.65
N GLY E 127 -13.66 42.57 2.46
CA GLY E 127 -13.57 41.88 1.15
C GLY E 127 -12.82 42.72 0.13
N LYS E 128 -13.34 42.84 -1.09
CA LYS E 128 -12.89 43.78 -2.17
C LYS E 128 -11.59 43.32 -2.83
N ILE E 129 -11.10 42.11 -2.52
CA ILE E 129 -10.12 41.39 -3.37
C ILE E 129 -10.40 39.88 -3.22
N LYS E 130 -10.40 39.16 -4.34
CA LYS E 130 -10.58 37.69 -4.36
C LYS E 130 -9.20 37.06 -4.20
N ILE E 131 -9.00 36.26 -3.15
CA ILE E 131 -7.75 35.49 -2.94
C ILE E 131 -8.11 34.00 -2.99
N ASN E 132 -7.50 33.26 -3.91
CA ASN E 132 -7.68 31.80 -4.08
C ASN E 132 -6.40 31.08 -3.67
N PHE E 133 -6.56 29.89 -3.08
CA PHE E 133 -5.45 28.97 -2.75
C PHE E 133 -5.71 27.60 -3.36
N LEU E 134 -4.72 27.03 -4.03
CA LEU E 134 -4.79 25.65 -4.56
C LEU E 134 -4.14 24.75 -3.52
N ILE E 135 -4.95 23.91 -2.87
CA ILE E 135 -4.57 23.11 -1.67
C ILE E 135 -4.95 21.65 -1.93
N ASN E 136 -3.97 20.76 -2.01
CA ASN E 136 -4.19 19.35 -2.47
C ASN E 136 -4.87 19.40 -3.84
N TYR E 137 -4.41 20.33 -4.68
CA TYR E 137 -4.92 20.53 -6.06
C TYR E 137 -4.18 19.57 -6.99
N GLY E 138 -4.82 19.16 -8.10
CA GLY E 138 -4.15 18.41 -9.17
C GLY E 138 -4.81 18.71 -10.50
N TRP E 139 -4.01 18.93 -11.55
CA TRP E 139 -4.55 19.21 -12.90
C TRP E 139 -5.43 18.04 -13.36
N TYR E 140 -5.02 16.80 -13.07
CA TYR E 140 -5.72 15.56 -13.51
C TYR E 140 -7.07 15.48 -12.78
N TRP E 141 -7.03 15.62 -11.46
CA TRP E 141 -8.24 15.71 -10.60
C TRP E 141 -9.18 16.81 -11.14
N ASP E 142 -8.64 17.96 -11.53
CA ASP E 142 -9.41 19.14 -11.97
C ASP E 142 -10.18 18.80 -13.26
N LEU E 143 -9.50 18.28 -14.28
CA LEU E 143 -10.11 17.96 -15.60
C LEU E 143 -11.09 16.78 -15.47
N THR E 144 -10.74 15.75 -14.69
CA THR E 144 -11.51 14.48 -14.59
C THR E 144 -12.78 14.70 -13.76
N TYR E 145 -12.84 15.76 -12.97
CA TYR E 145 -14.07 16.21 -12.25
C TYR E 145 -15.14 16.53 -13.32
N ALA E 146 -14.74 17.17 -14.41
CA ALA E 146 -15.62 17.58 -15.54
C ALA E 146 -16.11 16.34 -16.30
N TYR E 147 -15.22 15.38 -16.57
CA TYR E 147 -15.53 14.10 -17.28
C TYR E 147 -16.52 13.28 -16.45
N ASP E 148 -16.40 13.33 -15.12
CA ASP E 148 -17.29 12.63 -14.17
C ASP E 148 -18.56 13.48 -13.96
N ASP E 152 -22.15 15.80 -21.89
CA ASP E 152 -21.65 16.33 -23.18
C ASP E 152 -20.34 17.11 -22.95
N GLY E 153 -19.68 17.51 -24.04
CA GLY E 153 -18.40 18.25 -24.02
C GLY E 153 -18.59 19.75 -23.87
N LYS E 154 -19.75 20.28 -24.30
CA LYS E 154 -20.08 21.73 -24.28
C LYS E 154 -20.13 22.20 -22.82
N LYS E 155 -20.56 21.33 -21.90
CA LYS E 155 -20.78 21.64 -20.46
C LYS E 155 -19.53 21.36 -19.64
N MET E 156 -18.56 20.59 -20.18
CA MET E 156 -17.40 20.05 -19.42
C MET E 156 -16.58 21.21 -18.82
N ILE E 157 -16.25 22.21 -19.63
CA ILE E 157 -15.35 23.36 -19.25
C ILE E 157 -15.96 24.10 -18.05
N GLU E 158 -17.29 24.15 -17.96
CA GLU E 158 -18.03 24.86 -16.89
C GLU E 158 -18.04 24.01 -15.60
N ASN E 159 -17.63 22.74 -15.68
CA ASN E 159 -17.78 21.74 -14.60
C ASN E 159 -16.43 21.11 -14.21
N ILE E 160 -15.30 21.69 -14.62
CA ILE E 160 -13.97 21.34 -14.03
C ILE E 160 -14.04 21.75 -12.55
N ALA E 161 -13.25 21.11 -11.69
CA ALA E 161 -13.24 21.32 -10.23
C ALA E 161 -12.96 22.79 -9.91
N SER E 162 -12.09 23.45 -10.70
CA SER E 162 -11.65 24.85 -10.48
C SER E 162 -12.52 25.85 -11.26
N ALA E 163 -13.75 25.48 -11.64
CA ALA E 163 -14.62 26.28 -12.54
C ALA E 163 -14.87 27.69 -11.96
N GLU E 164 -14.88 27.84 -10.64
CA GLU E 164 -15.12 29.15 -9.96
C GLU E 164 -13.96 30.11 -10.22
N ILE E 165 -12.76 29.59 -10.53
CA ILE E 165 -11.55 30.43 -10.78
C ILE E 165 -11.52 30.77 -12.27
N PRO E 166 -11.53 32.08 -12.64
CA PRO E 166 -11.57 32.47 -14.03
C PRO E 166 -10.21 32.43 -14.73
N ARG E 167 -10.20 32.75 -16.03
CA ARG E 167 -8.98 32.87 -16.87
C ARG E 167 -7.90 33.65 -16.11
N VAL E 168 -6.65 33.17 -16.18
CA VAL E 168 -5.46 33.82 -15.59
C VAL E 168 -4.88 34.77 -16.65
N ASP E 169 -4.79 36.06 -16.33
CA ASP E 169 -4.23 37.09 -17.23
C ASP E 169 -2.70 36.99 -17.20
N LEU E 170 -2.13 36.92 -15.99
CA LEU E 170 -0.67 36.95 -15.74
C LEU E 170 -0.33 35.86 -14.72
N LEU E 171 0.65 35.02 -15.04
CA LEU E 171 1.20 34.01 -14.10
C LEU E 171 2.63 34.42 -13.76
N ILE E 172 2.93 34.56 -12.46
CA ILE E 172 4.27 34.97 -11.96
C ILE E 172 4.84 33.80 -11.15
N ARG E 173 6.01 33.32 -11.54
CA ARG E 173 6.66 32.19 -10.84
C ARG E 173 8.01 32.64 -10.29
N TRP E 174 8.22 32.43 -9.00
CA TRP E 174 9.52 32.66 -8.33
C TRP E 174 10.35 31.37 -8.44
N GLY E 175 11.66 31.49 -8.23
CA GLY E 175 12.58 30.33 -8.20
C GLY E 175 13.17 30.00 -9.56
N GLY E 176 12.92 30.83 -10.57
CA GLY E 176 13.67 30.83 -11.85
C GLY E 176 13.26 29.71 -12.82
N ARG E 177 12.32 28.83 -12.47
CA ARG E 177 11.83 27.80 -13.42
C ARG E 177 10.67 28.38 -14.24
N CYS E 178 10.68 28.16 -15.56
CA CYS E 178 9.58 28.59 -16.44
C CYS E 178 8.72 27.37 -16.75
N ARG E 179 7.76 27.07 -15.87
CA ARG E 179 6.89 25.87 -16.00
C ARG E 179 5.65 26.08 -15.13
N LEU E 180 4.55 25.45 -15.50
CA LEU E 180 3.22 25.67 -14.85
C LEU E 180 3.05 24.72 -13.66
N SER E 181 3.81 23.62 -13.60
CA SER E 181 3.66 22.58 -12.56
C SER E 181 2.17 22.20 -12.42
N GLY E 182 1.45 22.15 -13.55
CA GLY E 182 0.04 21.73 -13.62
C GLY E 182 -0.91 22.70 -12.94
N MET E 183 -0.57 23.97 -12.84
CA MET E 183 -1.51 24.98 -12.29
C MET E 183 -2.59 25.33 -13.32
N LEU E 184 -3.83 24.93 -13.09
CA LEU E 184 -5.03 25.44 -13.81
C LEU E 184 -4.79 25.39 -15.31
N PRO E 185 -4.58 24.20 -15.91
CA PRO E 185 -4.30 24.11 -17.33
C PRO E 185 -5.33 24.83 -18.21
N VAL E 186 -6.62 24.76 -17.84
CA VAL E 186 -7.70 25.42 -18.62
C VAL E 186 -7.53 26.94 -18.53
N GLN E 187 -7.33 27.51 -17.33
CA GLN E 187 -7.36 28.99 -17.12
C GLN E 187 -6.04 29.63 -17.61
N THR E 188 -5.01 28.83 -17.88
CA THR E 188 -3.65 29.32 -18.21
C THR E 188 -3.30 29.14 -19.70
N VAL E 189 -4.25 28.68 -20.52
CA VAL E 189 -3.95 28.38 -21.96
C VAL E 189 -3.38 29.63 -22.64
N TYR E 190 -3.86 30.83 -22.29
CA TYR E 190 -3.44 32.11 -22.94
C TYR E 190 -2.62 33.01 -22.01
N SER E 191 -2.38 32.59 -20.77
CA SER E 191 -1.71 33.44 -19.73
C SER E 191 -0.31 33.85 -20.18
N ASP E 192 0.03 35.12 -19.99
CA ASP E 192 1.43 35.61 -20.09
C ASP E 192 2.16 35.17 -18.81
N ILE E 193 3.35 34.63 -18.96
CA ILE E 193 4.16 34.02 -17.87
C ILE E 193 5.39 34.89 -17.65
N TYR E 194 5.60 35.32 -16.41
CA TYR E 194 6.78 36.09 -15.97
C TYR E 194 7.51 35.29 -14.90
N VAL E 195 8.82 35.10 -15.08
CA VAL E 195 9.67 34.32 -14.15
C VAL E 195 10.60 35.26 -13.38
N VAL E 196 10.55 35.16 -12.06
CA VAL E 196 11.50 35.84 -11.15
C VAL E 196 12.59 34.82 -10.77
N ASP E 197 13.86 35.20 -10.94
CA ASP E 197 14.98 34.25 -10.72
C ASP E 197 15.14 33.98 -9.23
N GLU E 198 14.88 34.98 -8.37
CA GLU E 198 15.03 34.85 -6.90
C GLU E 198 14.01 33.84 -6.38
N MET E 199 14.41 33.08 -5.35
CA MET E 199 13.51 32.13 -4.65
C MET E 199 12.45 32.94 -3.90
N TRP E 200 11.28 32.35 -3.70
CA TRP E 200 10.08 33.02 -3.12
C TRP E 200 10.42 33.71 -1.80
N PRO E 201 11.17 33.10 -0.85
CA PRO E 201 11.48 33.79 0.41
C PRO E 201 12.24 35.11 0.26
N ASP E 202 12.92 35.31 -0.88
CA ASP E 202 13.65 36.57 -1.22
C ASP E 202 12.76 37.54 -1.99
N PHE E 203 11.43 37.33 -1.97
CA PHE E 203 10.46 38.26 -2.58
C PHE E 203 10.81 39.72 -2.24
N LYS E 204 10.74 40.59 -3.24
CA LYS E 204 10.79 42.07 -3.09
C LYS E 204 9.66 42.67 -3.92
N PRO E 205 9.05 43.80 -3.48
CA PRO E 205 8.00 44.44 -4.27
C PRO E 205 8.37 44.63 -5.74
N GLU E 206 9.62 44.97 -6.05
CA GLU E 206 10.10 45.23 -7.44
C GLU E 206 9.86 43.99 -8.33
N HIS E 207 9.86 42.77 -7.78
CA HIS E 207 9.56 41.53 -8.52
C HIS E 207 8.16 41.63 -9.12
N LEU E 208 7.19 42.01 -8.29
CA LEU E 208 5.77 42.12 -8.70
C LEU E 208 5.64 43.31 -9.66
N PHE E 209 6.30 44.44 -9.36
CA PHE E 209 6.23 45.64 -10.23
C PHE E 209 6.75 45.29 -11.63
N LYS E 210 7.88 44.58 -11.71
CA LYS E 210 8.50 44.19 -13.01
C LYS E 210 7.56 43.25 -13.79
N ALA E 211 6.85 42.34 -13.10
CA ALA E 211 5.87 41.42 -13.73
C ALA E 211 4.71 42.21 -14.32
N LEU E 212 4.23 43.24 -13.61
CA LEU E 212 3.11 44.09 -14.06
C LEU E 212 3.54 44.97 -15.24
N GLU E 213 4.78 45.48 -15.21
CA GLU E 213 5.37 46.27 -16.33
C GLU E 213 5.39 45.38 -17.59
N PHE E 214 5.82 44.12 -17.42
CA PHE E 214 5.84 43.08 -18.48
C PHE E 214 4.42 42.89 -19.03
N TYR E 215 3.42 42.71 -18.15
CA TYR E 215 2.03 42.39 -18.56
C TYR E 215 1.47 43.50 -19.44
N GLN E 216 1.61 44.76 -19.01
CA GLN E 216 0.97 45.94 -19.68
C GLN E 216 1.61 46.15 -21.07
N ASN E 217 2.81 45.59 -21.31
CA ASN E 217 3.52 45.68 -22.62
C ASN E 217 3.02 44.60 -23.60
N GLN E 218 2.28 43.59 -23.14
CA GLN E 218 1.88 42.42 -23.96
C GLN E 218 0.67 42.75 -24.85
N ASP E 219 0.58 42.09 -26.00
CA ASP E 219 -0.58 42.14 -26.93
C ASP E 219 -1.50 40.94 -26.63
N ILE E 220 -2.68 41.20 -26.05
CA ILE E 220 -3.64 40.19 -25.52
C ILE E 220 -4.67 39.89 -26.61
N THR E 221 -4.67 38.68 -27.18
CA THR E 221 -5.60 38.23 -28.24
C THR E 221 -6.45 37.04 -27.77
N LEU E 222 -6.06 36.39 -26.67
CA LEU E 222 -6.77 35.22 -26.08
C LEU E 222 -7.11 34.21 -27.18
N GLY E 223 -6.11 33.81 -27.98
CA GLY E 223 -6.26 32.88 -29.11
C GLY E 223 -6.60 33.62 -30.40
N GLY E 224 -6.16 33.08 -31.55
CA GLY E 224 -6.36 33.70 -32.87
C GLY E 224 -5.91 35.15 -32.89
N ILE F 8 28.48 22.56 -33.14
CA ILE F 8 27.24 21.99 -32.51
C ILE F 8 27.57 21.59 -31.07
N PRO F 9 26.98 22.24 -30.04
CA PRO F 9 27.28 21.94 -28.64
C PRO F 9 26.90 20.50 -28.25
N LYS F 10 27.55 19.97 -27.20
CA LYS F 10 27.42 18.56 -26.72
C LYS F 10 26.62 18.55 -25.42
N PHE F 11 25.67 17.61 -25.28
CA PHE F 11 24.69 17.60 -24.17
C PHE F 11 24.75 16.30 -23.37
N LYS F 12 24.84 16.42 -22.04
CA LYS F 12 24.68 15.33 -21.06
C LYS F 12 23.20 15.02 -20.83
N ARG F 13 22.33 16.04 -20.89
CA ARG F 13 20.87 15.87 -20.71
C ARG F 13 20.16 16.43 -21.94
N LEU F 14 19.33 15.61 -22.57
CA LEU F 14 18.47 16.02 -23.71
C LEU F 14 17.02 15.74 -23.36
N PRO F 15 16.09 16.59 -23.82
CA PRO F 15 14.66 16.33 -23.64
C PRO F 15 14.24 15.17 -24.54
N ARG F 16 13.35 14.30 -24.07
CA ARG F 16 12.74 13.22 -24.90
C ARG F 16 11.84 13.85 -25.97
N HIS F 17 11.10 14.90 -25.61
CA HIS F 17 10.02 15.49 -26.43
C HIS F 17 10.12 17.01 -26.38
N ILE F 18 10.36 17.62 -27.53
CA ILE F 18 10.38 19.10 -27.70
C ILE F 18 9.09 19.54 -28.39
N ALA F 19 8.44 20.57 -27.85
CA ALA F 19 7.34 21.27 -28.55
C ALA F 19 7.91 22.58 -29.11
N ILE F 20 7.49 22.93 -30.31
CA ILE F 20 7.91 24.15 -31.06
C ILE F 20 6.67 25.00 -31.33
N ILE F 21 6.68 26.27 -30.90
CA ILE F 21 5.68 27.28 -31.32
C ILE F 21 6.39 28.27 -32.24
N PRO F 22 6.21 28.11 -33.57
CA PRO F 22 6.93 28.87 -34.57
C PRO F 22 6.23 30.21 -34.85
N ASP F 23 6.19 31.07 -33.83
CA ASP F 23 5.37 32.31 -33.83
C ASP F 23 6.19 33.47 -34.39
N GLY F 24 5.52 34.51 -34.89
CA GLY F 24 6.13 35.80 -35.26
C GLY F 24 6.21 36.01 -36.76
N ASN F 25 5.55 35.17 -37.56
CA ASN F 25 5.65 35.20 -39.04
C ASN F 25 5.04 36.50 -39.58
N ARG F 26 3.89 36.92 -39.04
CA ARG F 26 3.16 38.13 -39.52
C ARG F 26 3.97 39.38 -39.16
N ARG F 27 4.45 39.49 -37.92
CA ARG F 27 5.31 40.61 -37.46
C ARG F 27 6.58 40.65 -38.32
N TRP F 28 7.17 39.48 -38.60
CA TRP F 28 8.39 39.34 -39.45
C TRP F 28 8.13 39.95 -40.83
N ALA F 29 7.01 39.57 -41.44
CA ALA F 29 6.58 40.04 -42.79
C ALA F 29 6.39 41.56 -42.79
N LEU F 30 5.62 42.09 -41.81
CA LEU F 30 5.33 43.54 -41.69
C LEU F 30 6.63 44.33 -41.49
N ALA F 31 7.58 43.77 -40.74
CA ALA F 31 8.90 44.39 -40.43
C ALA F 31 9.75 44.51 -41.69
N ARG F 32 9.43 43.72 -42.74
CA ARG F 32 10.12 43.73 -44.06
C ARG F 32 9.23 44.41 -45.12
N GLY F 33 8.13 45.05 -44.70
CA GLY F 33 7.17 45.76 -45.57
C GLY F 33 6.45 44.82 -46.53
N LEU F 34 6.28 43.55 -46.14
CA LEU F 34 5.43 42.56 -46.86
C LEU F 34 4.04 42.55 -46.22
N GLU F 35 3.07 41.91 -46.87
CA GLU F 35 1.71 41.68 -46.31
C GLU F 35 1.82 40.63 -45.20
N LYS F 36 0.98 40.73 -44.17
CA LYS F 36 0.98 39.87 -42.96
C LYS F 36 1.14 38.40 -43.35
N HIS F 37 0.43 37.96 -44.39
CA HIS F 37 0.28 36.53 -44.80
C HIS F 37 1.54 36.01 -45.50
N GLU F 38 2.49 36.88 -45.88
CA GLU F 38 3.69 36.51 -46.69
C GLU F 38 4.79 35.90 -45.82
N GLY F 39 4.67 35.97 -44.48
CA GLY F 39 5.69 35.47 -43.55
C GLY F 39 5.72 33.94 -43.49
N TYR F 40 4.57 33.29 -43.64
CA TYR F 40 4.37 31.85 -43.37
C TYR F 40 5.23 31.00 -44.30
N SER F 41 5.39 31.39 -45.57
CA SER F 41 6.17 30.64 -46.58
C SER F 41 7.65 30.60 -46.19
N SER F 42 8.13 31.59 -45.41
CA SER F 42 9.53 31.66 -44.91
C SER F 42 9.69 30.89 -43.59
N GLY F 43 8.63 30.23 -43.13
CA GLY F 43 8.63 29.43 -41.87
C GLY F 43 8.88 27.96 -42.13
N ILE F 44 9.02 27.53 -43.38
CA ILE F 44 9.15 26.09 -43.73
C ILE F 44 10.60 25.65 -43.51
N ILE F 45 11.58 26.39 -44.05
CA ILE F 45 13.02 25.99 -43.98
C ILE F 45 13.47 25.94 -42.51
N PRO F 46 13.13 26.94 -41.66
CA PRO F 46 13.39 26.83 -40.22
C PRO F 46 12.95 25.47 -39.62
N GLY F 47 11.76 24.99 -40.00
CA GLY F 47 11.25 23.70 -39.51
C GLY F 47 12.15 22.55 -39.93
N LEU F 48 12.63 22.57 -41.17
CA LEU F 48 13.52 21.51 -41.69
C LEU F 48 14.88 21.57 -40.97
N GLU F 49 15.35 22.77 -40.62
CA GLU F 49 16.61 22.97 -39.87
C GLU F 49 16.45 22.36 -38.47
N VAL F 50 15.31 22.59 -37.80
CA VAL F 50 15.02 22.00 -36.47
C VAL F 50 15.00 20.47 -36.61
N TYR F 51 14.30 19.96 -37.62
CA TYR F 51 14.23 18.50 -37.90
C TYR F 51 15.65 17.94 -38.00
N ASP F 52 16.49 18.55 -38.83
CA ASP F 52 17.86 18.06 -39.11
C ASP F 52 18.69 18.05 -37.84
N ILE F 53 18.61 19.11 -37.01
CA ILE F 53 19.40 19.22 -35.75
C ILE F 53 18.91 18.13 -34.77
N CYS F 54 17.60 17.98 -34.62
CA CYS F 54 17.00 17.01 -33.67
C CYS F 54 17.39 15.58 -34.07
N VAL F 55 17.39 15.26 -35.37
CA VAL F 55 17.82 13.91 -35.85
C VAL F 55 19.29 13.72 -35.47
N LYS F 56 20.13 14.73 -35.72
CA LYS F 56 21.59 14.66 -35.50
C LYS F 56 21.88 14.37 -34.03
N ILE F 57 21.21 15.08 -33.10
CA ILE F 57 21.51 14.98 -31.64
C ILE F 57 20.69 13.85 -30.99
N GLY F 58 19.70 13.29 -31.69
CA GLY F 58 18.95 12.09 -31.25
C GLY F 58 17.73 12.42 -30.41
N ILE F 59 17.08 13.56 -30.67
CA ILE F 59 15.76 13.89 -30.02
C ILE F 59 14.73 12.87 -30.51
N GLY F 60 13.97 12.26 -29.60
CA GLY F 60 13.03 11.19 -29.95
C GLY F 60 11.75 11.72 -30.58
N GLU F 61 11.29 12.90 -30.15
CA GLU F 61 9.96 13.39 -30.55
C GLU F 61 9.94 14.92 -30.58
N VAL F 62 9.35 15.49 -31.64
CA VAL F 62 9.17 16.95 -31.81
C VAL F 62 7.73 17.20 -32.28
N THR F 63 7.02 18.09 -31.58
CA THR F 63 5.65 18.52 -31.95
C THR F 63 5.71 19.98 -32.40
N PHE F 64 5.27 20.26 -33.62
CA PHE F 64 5.15 21.63 -34.16
C PHE F 64 3.71 22.11 -34.05
N PHE F 65 3.53 23.30 -33.49
CA PHE F 65 2.24 24.02 -33.50
C PHE F 65 2.05 24.58 -34.91
N GLY F 66 1.13 24.00 -35.69
CA GLY F 66 0.80 24.46 -37.06
C GLY F 66 -0.19 25.60 -37.07
N PHE F 67 -1.47 25.34 -36.81
CA PHE F 67 -2.51 26.39 -36.65
C PHE F 67 -3.67 25.83 -35.83
N THR F 68 -4.45 26.74 -35.22
CA THR F 68 -5.61 26.42 -34.34
C THR F 68 -6.93 26.77 -35.04
N GLN F 69 -8.05 26.33 -34.45
CA GLN F 69 -9.42 26.66 -34.89
C GLN F 69 -9.68 28.15 -34.64
N ASP F 70 -9.03 28.74 -33.63
CA ASP F 70 -9.07 30.20 -33.31
C ASP F 70 -8.37 30.98 -34.43
N ASN F 71 -7.31 30.42 -35.02
CA ASN F 71 -6.51 31.04 -36.11
C ASN F 71 -7.33 31.12 -37.42
N THR F 72 -8.38 30.30 -37.55
CA THR F 72 -9.24 30.23 -38.77
C THR F 72 -10.21 31.40 -38.80
N LYS F 73 -10.37 32.12 -37.68
CA LYS F 73 -11.23 33.34 -37.57
C LYS F 73 -10.53 34.52 -38.26
N ARG F 74 -9.20 34.47 -38.38
CA ARG F 74 -8.36 35.50 -39.06
C ARG F 74 -8.72 35.54 -40.55
N PRO F 75 -8.32 36.61 -41.27
CA PRO F 75 -8.67 36.77 -42.69
C PRO F 75 -8.40 35.54 -43.57
N GLN F 76 -9.18 35.38 -44.64
CA GLN F 76 -9.10 34.26 -45.61
C GLN F 76 -7.69 34.18 -46.19
N ILE F 77 -7.10 35.33 -46.57
CA ILE F 77 -5.76 35.41 -47.22
C ILE F 77 -4.68 34.87 -46.26
N GLN F 78 -4.82 35.12 -44.96
CA GLN F 78 -3.89 34.62 -43.91
C GLN F 78 -4.07 33.10 -43.75
N ARG F 79 -5.34 32.65 -43.65
CA ARG F 79 -5.71 31.22 -43.46
C ARG F 79 -5.15 30.38 -44.61
N LYS F 80 -5.29 30.85 -45.86
CA LYS F 80 -4.74 30.16 -47.06
C LYS F 80 -3.21 30.07 -46.93
N ALA F 81 -2.56 31.15 -46.50
CA ALA F 81 -1.08 31.25 -46.41
C ALA F 81 -0.54 30.23 -45.39
N PHE F 82 -1.05 30.22 -44.16
CA PHE F 82 -0.51 29.34 -43.08
C PHE F 82 -0.94 27.89 -43.36
N THR F 83 -2.09 27.66 -44.00
CA THR F 83 -2.54 26.29 -44.37
C THR F 83 -1.60 25.73 -45.43
N ASP F 84 -1.34 26.47 -46.51
CA ASP F 84 -0.46 26.05 -47.62
C ASP F 84 0.94 25.74 -47.06
N ALA F 85 1.46 26.58 -46.16
CA ALA F 85 2.79 26.44 -45.54
C ALA F 85 2.84 25.18 -44.67
N CYS F 86 1.79 24.93 -43.90
CA CYS F 86 1.64 23.71 -43.05
C CYS F 86 1.65 22.45 -43.95
N ILE F 87 0.86 22.47 -45.03
CA ILE F 87 0.79 21.33 -45.99
C ILE F 87 2.20 21.05 -46.51
N LYS F 88 2.89 22.08 -47.01
CA LYS F 88 4.27 21.99 -47.58
C LYS F 88 5.21 21.36 -46.55
N SER F 89 5.12 21.81 -45.29
CA SER F 89 5.98 21.38 -44.17
C SER F 89 5.83 19.88 -43.93
N VAL F 90 4.59 19.39 -43.84
CA VAL F 90 4.33 17.94 -43.60
C VAL F 90 4.84 17.15 -44.81
N GLN F 91 4.57 17.63 -46.02
CA GLN F 91 5.02 16.96 -47.28
C GLN F 91 6.55 16.87 -47.31
N GLU F 92 7.28 17.89 -46.85
CA GLU F 92 8.77 17.88 -46.82
C GLU F 92 9.25 16.84 -45.80
N ILE F 93 8.62 16.76 -44.63
CA ILE F 93 9.01 15.74 -43.61
C ILE F 93 8.72 14.34 -44.17
N ALA F 94 7.67 14.21 -44.99
CA ALA F 94 7.23 12.94 -45.62
C ALA F 94 8.25 12.46 -46.67
N LYS F 95 9.17 13.31 -47.11
CA LYS F 95 10.26 12.94 -48.06
C LYS F 95 11.49 12.44 -47.29
N ARG F 96 11.43 12.43 -45.96
CA ARG F 96 12.61 12.15 -45.09
C ARG F 96 12.29 10.91 -44.23
N ASP F 97 13.04 10.72 -43.14
CA ASP F 97 12.86 9.61 -42.17
C ASP F 97 12.16 10.14 -40.92
N ALA F 98 10.92 9.72 -40.70
CA ALA F 98 10.12 10.19 -39.55
C ALA F 98 8.91 9.27 -39.33
N GLU F 99 8.44 9.20 -38.09
CA GLU F 99 7.05 8.78 -37.77
C GLU F 99 6.23 10.06 -37.72
N ILE F 100 5.30 10.24 -38.65
CA ILE F 100 4.54 11.51 -38.83
C ILE F 100 3.13 11.33 -38.26
N LEU F 101 2.72 12.27 -37.40
CA LEU F 101 1.34 12.37 -36.91
C LEU F 101 0.84 13.80 -37.06
N VAL F 102 -0.32 13.97 -37.67
CA VAL F 102 -1.08 15.25 -37.66
C VAL F 102 -2.25 15.08 -36.70
N VAL F 103 -2.40 16.01 -35.75
CA VAL F 103 -3.55 16.05 -34.80
C VAL F 103 -4.33 17.33 -35.05
N GLY F 104 -5.65 17.21 -35.28
CA GLY F 104 -6.53 18.35 -35.51
C GLY F 104 -7.92 17.89 -35.88
N ASN F 105 -8.85 18.84 -35.92
CA ASN F 105 -10.28 18.58 -36.24
C ASN F 105 -10.41 18.35 -37.74
N THR F 106 -10.62 17.09 -38.14
CA THR F 106 -10.81 16.67 -39.56
C THR F 106 -12.28 16.84 -39.97
N ASN F 107 -13.18 17.09 -39.01
CA ASN F 107 -14.64 17.34 -39.24
C ASN F 107 -14.83 18.82 -39.58
N SER F 108 -14.22 19.27 -40.70
CA SER F 108 -14.19 20.68 -41.16
C SER F 108 -13.58 20.74 -42.57
N ASP F 109 -14.08 21.65 -43.40
CA ASP F 109 -13.56 21.92 -44.77
C ASP F 109 -12.16 22.55 -44.66
N ILE F 110 -11.86 23.17 -43.53
CA ILE F 110 -10.58 23.91 -43.26
C ILE F 110 -9.42 22.90 -43.19
N PHE F 111 -9.65 21.69 -42.68
CA PHE F 111 -8.60 20.64 -42.58
C PHE F 111 -8.22 20.18 -43.99
N PRO F 112 -6.93 20.32 -44.38
CA PRO F 112 -6.51 19.96 -45.74
C PRO F 112 -6.52 18.45 -45.99
N GLU F 113 -7.18 18.04 -47.08
CA GLU F 113 -7.33 16.63 -47.54
C GLU F 113 -5.95 15.96 -47.65
N GLU F 114 -4.91 16.73 -48.02
CA GLU F 114 -3.52 16.24 -48.24
C GLU F 114 -2.96 15.57 -46.99
N LEU F 115 -3.42 15.96 -45.79
CA LEU F 115 -2.83 15.52 -44.50
C LEU F 115 -3.70 14.45 -43.81
N LEU F 116 -4.84 14.07 -44.38
CA LEU F 116 -5.72 13.04 -43.77
C LEU F 116 -4.94 11.74 -43.53
N GLU F 117 -4.05 11.35 -44.45
CA GLU F 117 -3.31 10.06 -44.38
C GLU F 117 -2.39 10.06 -43.15
N TYR F 118 -2.06 11.24 -42.59
CA TYR F 118 -1.12 11.38 -41.46
C TYR F 118 -1.85 11.55 -40.11
N THR F 119 -3.18 11.45 -40.07
CA THR F 119 -3.96 11.58 -38.80
C THR F 119 -3.94 10.24 -38.04
N LYS F 120 -3.37 9.19 -38.63
CA LYS F 120 -2.85 7.99 -37.91
C LYS F 120 -1.32 8.02 -38.06
N ARG F 121 -0.58 7.78 -36.97
CA ARG F 121 0.91 7.90 -36.97
C ARG F 121 1.45 7.02 -38.10
N THR F 122 2.21 7.61 -39.01
CA THR F 122 2.70 6.98 -40.27
C THR F 122 4.23 6.93 -40.25
N LYS F 123 4.81 5.72 -40.25
CA LYS F 123 6.27 5.53 -40.33
C LYS F 123 6.69 5.76 -41.77
N VAL F 124 7.57 6.73 -42.01
CA VAL F 124 8.11 7.07 -43.35
C VAL F 124 9.61 6.77 -43.35
N GLY F 125 10.11 6.06 -44.37
CA GLY F 125 11.51 5.61 -44.44
C GLY F 125 11.91 4.89 -43.16
N LYS F 126 13.02 5.29 -42.51
CA LYS F 126 13.61 4.57 -41.36
C LYS F 126 12.91 4.97 -40.05
N GLY F 127 12.09 6.03 -40.06
CA GLY F 127 11.31 6.50 -38.89
C GLY F 127 12.17 6.76 -37.66
N LYS F 128 13.29 7.46 -37.84
CA LYS F 128 14.32 7.68 -36.78
C LYS F 128 13.79 8.58 -35.66
N ILE F 129 12.69 9.31 -35.91
CA ILE F 129 12.21 10.40 -35.02
C ILE F 129 10.68 10.53 -35.20
N LYS F 130 9.98 10.90 -34.13
CA LYS F 130 8.52 11.20 -34.19
C LYS F 130 8.36 12.69 -34.41
N ILE F 131 7.70 13.07 -35.50
CA ILE F 131 7.35 14.48 -35.82
C ILE F 131 5.82 14.60 -35.83
N ASN F 132 5.29 15.40 -34.91
CA ASN F 132 3.85 15.67 -34.77
C ASN F 132 3.60 17.10 -35.26
N PHE F 133 2.44 17.32 -35.89
CA PHE F 133 1.95 18.66 -36.30
C PHE F 133 0.55 18.84 -35.73
N LEU F 134 0.30 19.98 -35.09
CA LEU F 134 -1.06 20.39 -34.68
C LEU F 134 -1.64 21.27 -35.79
N ILE F 135 -2.64 20.74 -36.51
CA ILE F 135 -3.23 21.35 -37.74
C ILE F 135 -4.75 21.42 -37.53
N ASN F 136 -5.30 22.64 -37.46
CA ASN F 136 -6.72 22.88 -37.11
C ASN F 136 -6.96 22.28 -35.73
N TYR F 137 -6.00 22.50 -34.82
CA TYR F 137 -6.00 22.01 -33.43
C TYR F 137 -6.68 23.06 -32.54
N GLY F 138 -7.32 22.61 -31.46
CA GLY F 138 -7.81 23.52 -30.40
C GLY F 138 -7.77 22.81 -29.06
N TRP F 139 -7.35 23.51 -28.01
CA TRP F 139 -7.26 22.89 -26.66
C TRP F 139 -8.65 22.39 -26.23
N TYR F 140 -9.70 23.16 -26.52
CA TYR F 140 -11.09 22.84 -26.12
C TYR F 140 -11.54 21.58 -26.86
N TRP F 141 -11.34 21.56 -28.17
CA TRP F 141 -11.65 20.41 -29.06
C TRP F 141 -10.88 19.18 -28.56
N ASP F 142 -9.61 19.37 -28.17
CA ASP F 142 -8.72 18.28 -27.70
C ASP F 142 -9.30 17.64 -26.42
N LEU F 143 -9.60 18.44 -25.40
CA LEU F 143 -10.09 17.94 -24.08
C LEU F 143 -11.46 17.29 -24.25
N THR F 144 -12.35 17.87 -25.08
CA THR F 144 -13.77 17.46 -25.21
C THR F 144 -13.91 16.28 -26.20
N TYR F 145 -12.85 15.94 -26.93
CA TYR F 145 -12.83 14.84 -27.95
C TYR F 145 -13.30 13.53 -27.32
N ALA F 146 -12.90 13.30 -26.05
CA ALA F 146 -13.14 12.08 -25.25
C ALA F 146 -14.60 11.61 -25.40
N TYR F 147 -15.57 12.54 -25.29
CA TYR F 147 -17.03 12.25 -25.35
C TYR F 147 -17.38 11.66 -26.71
N LYS F 155 -12.71 6.38 -19.12
CA LYS F 155 -11.25 6.70 -19.22
C LYS F 155 -11.06 7.86 -20.21
N MET F 156 -11.79 8.96 -19.99
CA MET F 156 -11.97 10.08 -20.96
C MET F 156 -10.65 10.83 -21.16
N ILE F 157 -9.88 11.06 -20.09
CA ILE F 157 -8.57 11.80 -20.13
C ILE F 157 -7.60 11.09 -21.07
N GLU F 158 -7.64 9.75 -21.11
CA GLU F 158 -6.76 8.90 -21.96
C GLU F 158 -7.21 8.95 -23.43
N ASN F 159 -8.44 9.44 -23.68
CA ASN F 159 -9.07 9.48 -25.03
C ASN F 159 -9.19 10.92 -25.53
N ILE F 160 -8.39 11.86 -25.01
CA ILE F 160 -8.27 13.21 -25.63
C ILE F 160 -7.75 13.02 -27.07
N ALA F 161 -7.99 14.00 -27.94
CA ALA F 161 -7.62 13.95 -29.38
C ALA F 161 -6.11 13.69 -29.52
N SER F 162 -5.28 14.32 -28.68
CA SER F 162 -3.81 14.30 -28.76
C SER F 162 -3.22 13.16 -27.91
N ALA F 163 -4.01 12.14 -27.58
CA ALA F 163 -3.63 11.07 -26.62
C ALA F 163 -2.34 10.36 -27.05
N GLU F 164 -2.05 10.29 -28.36
CA GLU F 164 -0.86 9.58 -28.88
C GLU F 164 0.40 10.42 -28.65
N ILE F 165 0.25 11.72 -28.34
CA ILE F 165 1.39 12.64 -28.08
C ILE F 165 1.67 12.64 -26.59
N PRO F 166 2.89 12.26 -26.16
CA PRO F 166 3.23 12.19 -24.73
C PRO F 166 3.61 13.55 -24.15
N ARG F 167 3.88 13.57 -22.86
CA ARG F 167 4.30 14.77 -22.10
C ARG F 167 5.45 15.48 -22.85
N VAL F 168 5.37 16.80 -22.94
CA VAL F 168 6.41 17.69 -23.52
C VAL F 168 7.44 17.99 -22.43
N ASP F 169 8.72 17.72 -22.70
CA ASP F 169 9.80 18.00 -21.72
C ASP F 169 10.21 19.47 -21.83
N LEU F 170 10.39 19.92 -23.06
CA LEU F 170 10.89 21.29 -23.37
C LEU F 170 9.98 21.91 -24.43
N LEU F 171 9.45 23.09 -24.16
CA LEU F 171 8.66 23.87 -25.14
C LEU F 171 9.45 25.11 -25.51
N ILE F 172 9.64 25.35 -26.81
CA ILE F 172 10.43 26.49 -27.31
C ILE F 172 9.51 27.34 -28.19
N ARG F 173 9.35 28.62 -27.83
CA ARG F 173 8.46 29.53 -28.57
C ARG F 173 9.30 30.67 -29.14
N TRP F 174 9.17 30.91 -30.44
CA TRP F 174 9.77 32.07 -31.14
C TRP F 174 8.79 33.25 -31.09
N GLY F 175 9.29 34.47 -31.31
CA GLY F 175 8.47 35.69 -31.37
C GLY F 175 8.29 36.40 -30.04
N GLY F 176 8.98 35.95 -28.98
CA GLY F 176 9.18 36.72 -27.74
C GLY F 176 8.03 36.63 -26.73
N ARG F 177 6.91 35.97 -27.05
CA ARG F 177 5.76 35.86 -26.11
C ARG F 177 5.96 34.61 -25.24
N CYS F 178 5.84 34.76 -23.91
CA CYS F 178 5.95 33.62 -22.96
C CYS F 178 4.53 33.18 -22.59
N ARG F 179 3.93 32.33 -23.42
CA ARG F 179 2.55 31.82 -23.28
C ARG F 179 2.41 30.56 -24.15
N LEU F 180 1.44 29.71 -23.82
CA LEU F 180 1.25 28.39 -24.48
C LEU F 180 0.32 28.53 -25.68
N SER F 181 -0.52 29.58 -25.71
CA SER F 181 -1.61 29.75 -26.70
C SER F 181 -2.39 28.44 -26.87
N GLY F 182 -2.66 27.73 -25.77
CA GLY F 182 -3.50 26.52 -25.74
C GLY F 182 -2.86 25.33 -26.44
N MET F 183 -1.53 25.27 -26.51
CA MET F 183 -0.82 24.08 -27.06
C MET F 183 -0.85 22.97 -26.02
N LEU F 184 -1.59 21.88 -26.29
CA LEU F 184 -1.49 20.60 -25.55
C LEU F 184 -1.50 20.86 -24.05
N PRO F 185 -2.61 21.39 -23.48
CA PRO F 185 -2.66 21.69 -22.06
C PRO F 185 -2.30 20.48 -21.16
N VAL F 186 -2.72 19.27 -21.54
CA VAL F 186 -2.40 18.03 -20.75
C VAL F 186 -0.89 17.79 -20.77
N GLN F 187 -0.25 17.84 -21.95
CA GLN F 187 1.16 17.41 -22.14
C GLN F 187 2.14 18.49 -21.64
N THR F 188 1.69 19.73 -21.44
CA THR F 188 2.58 20.88 -21.10
C THR F 188 2.52 21.22 -19.60
N VAL F 189 1.82 20.45 -18.77
CA VAL F 189 1.65 20.79 -17.33
C VAL F 189 3.02 20.95 -16.64
N TYR F 190 4.03 20.13 -16.98
CA TYR F 190 5.35 20.15 -16.32
C TYR F 190 6.47 20.62 -17.26
N SER F 191 6.16 21.03 -18.50
CA SER F 191 7.17 21.40 -19.51
C SER F 191 7.99 22.60 -19.03
N ASP F 192 9.31 22.54 -19.23
CA ASP F 192 10.18 23.74 -19.17
C ASP F 192 9.97 24.54 -20.46
N ILE F 193 9.77 25.86 -20.32
CA ILE F 193 9.44 26.78 -21.44
C ILE F 193 10.61 27.74 -21.68
N TYR F 194 11.08 27.83 -22.91
CA TYR F 194 12.17 28.72 -23.36
C TYR F 194 11.62 29.62 -24.46
N VAL F 195 11.82 30.94 -24.31
CA VAL F 195 11.33 31.95 -25.28
C VAL F 195 12.53 32.53 -26.05
N VAL F 196 12.45 32.45 -27.38
CA VAL F 196 13.37 33.11 -28.34
C VAL F 196 12.71 34.43 -28.76
N ASP F 197 13.43 35.54 -28.63
CA ASP F 197 12.89 36.90 -28.91
C ASP F 197 12.68 37.08 -30.40
N GLU F 198 13.57 36.52 -31.22
CA GLU F 198 13.51 36.63 -32.71
C GLU F 198 12.25 35.93 -33.23
N MET F 199 11.67 36.46 -34.30
CA MET F 199 10.50 35.85 -35.01
C MET F 199 10.96 34.54 -35.66
N TRP F 200 10.03 33.60 -35.89
CA TRP F 200 10.32 32.24 -36.39
C TRP F 200 11.10 32.26 -37.70
N PRO F 201 10.73 33.07 -38.72
CA PRO F 201 11.48 33.07 -39.98
C PRO F 201 12.97 33.42 -39.81
N ASP F 202 13.34 34.07 -38.69
CA ASP F 202 14.73 34.46 -38.34
C ASP F 202 15.40 33.36 -37.50
N PHE F 203 14.88 32.13 -37.52
CA PHE F 203 15.47 30.96 -36.83
C PHE F 203 16.98 30.87 -37.11
N LYS F 204 17.75 30.57 -36.06
CA LYS F 204 19.19 30.21 -36.14
C LYS F 204 19.41 28.98 -35.26
N PRO F 205 20.33 28.07 -35.62
CA PRO F 205 20.62 26.90 -34.78
C PRO F 205 20.87 27.27 -33.31
N GLU F 206 21.57 28.38 -33.05
CA GLU F 206 21.92 28.82 -31.67
C GLU F 206 20.65 29.03 -30.83
N HIS F 207 19.52 29.38 -31.45
CA HIS F 207 18.21 29.49 -30.76
C HIS F 207 17.89 28.14 -30.09
N LEU F 208 17.97 27.06 -30.86
CA LEU F 208 17.67 25.70 -30.36
C LEU F 208 18.78 25.26 -29.39
N PHE F 209 20.05 25.57 -29.66
CA PHE F 209 21.18 25.19 -28.78
C PHE F 209 20.98 25.86 -27.40
N LYS F 210 20.60 27.13 -27.37
CA LYS F 210 20.41 27.89 -26.11
C LYS F 210 19.23 27.29 -25.33
N ALA F 211 18.16 26.88 -26.02
CA ALA F 211 16.99 26.22 -25.39
C ALA F 211 17.44 24.92 -24.74
N LEU F 212 18.29 24.14 -25.42
CA LEU F 212 18.78 22.83 -24.90
C LEU F 212 19.73 23.06 -23.71
N GLU F 213 20.55 24.10 -23.76
CA GLU F 213 21.43 24.49 -22.64
C GLU F 213 20.56 24.79 -21.42
N PHE F 214 19.48 25.54 -21.62
CA PHE F 214 18.49 25.90 -20.58
C PHE F 214 17.87 24.63 -19.98
N TYR F 215 17.44 23.69 -20.82
CA TYR F 215 16.82 22.42 -20.35
C TYR F 215 17.84 21.65 -19.50
N GLN F 216 19.07 21.54 -19.98
CA GLN F 216 20.12 20.75 -19.28
C GLN F 216 20.41 21.38 -17.91
N ASN F 217 20.26 22.71 -17.79
CA ASN F 217 20.58 23.49 -16.55
C ASN F 217 19.46 23.37 -15.50
N GLN F 218 18.30 22.79 -15.86
CA GLN F 218 17.15 22.64 -14.91
C GLN F 218 17.45 21.50 -13.93
N ASP G 7 4.98 4.25 -11.95
CA ASP G 7 3.95 3.17 -12.04
C ASP G 7 4.66 1.81 -12.17
N ILE G 8 4.93 1.15 -11.04
CA ILE G 8 5.68 -0.13 -10.96
C ILE G 8 4.73 -1.30 -11.20
N PRO G 9 5.02 -2.20 -12.16
CA PRO G 9 4.24 -3.43 -12.35
C PRO G 9 4.19 -4.29 -11.08
N LYS G 10 3.17 -5.14 -10.97
CA LYS G 10 3.00 -6.08 -9.83
C LYS G 10 3.68 -7.39 -10.21
N PHE G 11 4.60 -7.87 -9.36
CA PHE G 11 5.40 -9.10 -9.57
C PHE G 11 5.00 -10.18 -8.56
N LYS G 12 4.76 -11.39 -9.07
CA LYS G 12 4.46 -12.60 -8.27
C LYS G 12 5.75 -13.32 -7.88
N ARG G 13 6.78 -13.22 -8.71
CA ARG G 13 8.11 -13.80 -8.41
C ARG G 13 9.12 -12.66 -8.52
N LEU G 14 9.95 -12.52 -7.49
CA LEU G 14 11.04 -11.51 -7.44
C LEU G 14 12.33 -12.19 -7.03
N PRO G 15 13.47 -11.74 -7.61
CA PRO G 15 14.78 -12.23 -7.18
C PRO G 15 15.15 -11.73 -5.78
N ARG G 16 15.81 -12.55 -4.98
CA ARG G 16 16.34 -12.12 -3.65
C ARG G 16 17.50 -11.15 -3.86
N HIS G 17 18.37 -11.43 -4.84
CA HIS G 17 19.68 -10.77 -5.03
C HIS G 17 19.84 -10.44 -6.50
N ILE G 18 19.91 -9.14 -6.83
CA ILE G 18 20.12 -8.65 -8.21
C ILE G 18 21.57 -8.16 -8.31
N ALA G 19 22.27 -8.55 -9.37
CA ALA G 19 23.56 -7.94 -9.74
C ALA G 19 23.33 -6.96 -10.90
N ILE G 20 24.03 -5.83 -10.86
CA ILE G 20 23.96 -4.73 -11.87
C ILE G 20 25.35 -4.52 -12.48
N ILE G 21 25.45 -4.65 -13.80
CA ILE G 21 26.65 -4.22 -14.56
C ILE G 21 26.26 -2.96 -15.32
N PRO G 22 26.67 -1.78 -14.79
CA PRO G 22 26.26 -0.49 -15.32
C PRO G 22 27.21 -0.05 -16.44
N ASP G 23 27.23 -0.83 -17.53
CA ASP G 23 28.21 -0.67 -18.64
C ASP G 23 27.66 0.30 -19.69
N GLY G 24 28.58 0.89 -20.48
CA GLY G 24 28.24 1.71 -21.66
C GLY G 24 28.47 3.19 -21.44
N ASN G 25 29.08 3.59 -20.33
CA ASN G 25 29.25 5.03 -19.97
C ASN G 25 30.13 5.73 -21.03
N ARG G 26 31.22 5.11 -21.46
CA ARG G 26 32.13 5.75 -22.45
C ARG G 26 31.44 5.86 -23.82
N ARG G 27 30.80 4.78 -24.28
CA ARG G 27 30.09 4.78 -25.59
C ARG G 27 28.98 5.83 -25.53
N TRP G 28 28.29 5.95 -24.40
CA TRP G 28 27.19 6.93 -24.21
C TRP G 28 27.75 8.34 -24.41
N ALA G 29 28.88 8.63 -23.76
CA ALA G 29 29.54 9.95 -23.82
C ALA G 29 29.96 10.24 -25.26
N LEU G 30 30.60 9.28 -25.92
CA LEU G 30 31.11 9.48 -27.31
C LEU G 30 29.95 9.71 -28.27
N ALA G 31 28.82 9.02 -28.09
CA ALA G 31 27.62 9.16 -28.94
C ALA G 31 27.06 10.58 -28.84
N ARG G 32 27.20 11.22 -27.67
CA ARG G 32 26.74 12.61 -27.41
C ARG G 32 27.79 13.64 -27.87
N GLY G 33 28.95 13.16 -28.32
CA GLY G 33 30.08 14.03 -28.71
C GLY G 33 30.83 14.59 -27.52
N LEU G 34 30.59 14.04 -26.32
CA LEU G 34 31.33 14.37 -25.07
C LEU G 34 32.67 13.62 -25.06
N GLU G 35 33.56 14.01 -24.14
CA GLU G 35 34.85 13.30 -23.90
C GLU G 35 34.55 11.93 -23.30
N LYS G 36 35.41 10.95 -23.55
CA LYS G 36 35.19 9.53 -23.15
C LYS G 36 34.84 9.42 -21.67
N HIS G 37 35.49 10.21 -20.79
CA HIS G 37 35.38 10.11 -19.32
C HIS G 37 34.09 10.78 -18.79
N GLU G 38 33.31 11.45 -19.63
CA GLU G 38 32.19 12.32 -19.17
C GLU G 38 30.91 11.50 -18.91
N GLY G 39 30.90 10.21 -19.22
CA GLY G 39 29.71 9.34 -19.02
C GLY G 39 29.50 9.00 -17.55
N TYR G 40 30.57 8.84 -16.77
CA TYR G 40 30.49 8.19 -15.44
C TYR G 40 29.64 9.03 -14.49
N SER G 41 29.77 10.35 -14.51
CA SER G 41 29.01 11.27 -13.62
C SER G 41 27.51 11.14 -13.88
N SER G 42 27.10 10.75 -15.09
CA SER G 42 25.68 10.57 -15.50
C SER G 42 25.19 9.15 -15.17
N GLY G 43 26.02 8.33 -14.53
CA GLY G 43 25.63 6.97 -14.11
C GLY G 43 25.26 6.90 -12.63
N ILE G 44 25.27 8.02 -11.90
CA ILE G 44 25.00 8.02 -10.43
C ILE G 44 23.47 7.97 -10.22
N ILE G 45 22.73 8.91 -10.79
CA ILE G 45 21.25 8.98 -10.64
C ILE G 45 20.60 7.67 -11.08
N PRO G 46 20.97 7.04 -12.24
CA PRO G 46 20.46 5.71 -12.55
C PRO G 46 20.60 4.69 -11.40
N GLY G 47 21.74 4.70 -10.69
CA GLY G 47 21.94 3.80 -9.54
C GLY G 47 20.94 4.08 -8.43
N LEU G 48 20.70 5.36 -8.16
CA LEU G 48 19.72 5.76 -7.11
C LEU G 48 18.30 5.37 -7.53
N GLU G 49 17.96 5.45 -8.82
CA GLU G 49 16.63 5.00 -9.34
C GLU G 49 16.49 3.49 -9.12
N VAL G 50 17.55 2.71 -9.40
CA VAL G 50 17.51 1.24 -9.15
C VAL G 50 17.31 1.00 -7.66
N TYR G 51 18.06 1.69 -6.80
CA TYR G 51 17.94 1.59 -5.32
C TYR G 51 16.46 1.83 -4.94
N ASP G 52 15.89 2.93 -5.43
CA ASP G 52 14.52 3.36 -5.05
C ASP G 52 13.51 2.28 -5.47
N ILE G 53 13.64 1.74 -6.68
CA ILE G 53 12.67 0.73 -7.20
C ILE G 53 12.82 -0.56 -6.38
N CYS G 54 14.06 -0.98 -6.11
CA CYS G 54 14.31 -2.25 -5.39
C CYS G 54 13.79 -2.16 -3.96
N VAL G 55 13.97 -1.01 -3.29
CA VAL G 55 13.40 -0.77 -1.92
C VAL G 55 11.87 -0.91 -2.01
N LYS G 56 11.25 -0.26 -2.99
CA LYS G 56 9.77 -0.19 -3.10
C LYS G 56 9.19 -1.60 -3.29
N ILE G 57 9.82 -2.44 -4.13
CA ILE G 57 9.25 -3.79 -4.46
C ILE G 57 9.76 -4.85 -3.49
N GLY G 58 10.75 -4.52 -2.66
CA GLY G 58 11.23 -5.39 -1.55
C GLY G 58 12.34 -6.34 -1.96
N ILE G 59 13.19 -5.93 -2.91
CA ILE G 59 14.41 -6.71 -3.24
C ILE G 59 15.34 -6.67 -2.02
N GLY G 60 15.90 -7.81 -1.63
CA GLY G 60 16.72 -7.94 -0.41
C GLY G 60 18.13 -7.40 -0.60
N GLU G 61 18.72 -7.60 -1.78
CA GLU G 61 20.17 -7.35 -1.96
C GLU G 61 20.43 -6.97 -3.42
N VAL G 62 21.23 -5.94 -3.62
CA VAL G 62 21.68 -5.48 -4.97
C VAL G 62 23.19 -5.25 -4.92
N THR G 63 23.92 -5.85 -5.87
CA THR G 63 25.39 -5.68 -6.03
C THR G 63 25.65 -4.94 -7.34
N PHE G 64 26.38 -3.82 -7.25
CA PHE G 64 26.77 -2.97 -8.38
C PHE G 64 28.24 -3.23 -8.69
N PHE G 65 28.54 -3.50 -9.96
CA PHE G 65 29.93 -3.61 -10.46
C PHE G 65 30.48 -2.20 -10.70
N GLY G 66 31.36 -1.72 -9.82
CA GLY G 66 31.89 -0.34 -9.88
C GLY G 66 33.04 -0.20 -10.85
N PHE G 67 34.24 -0.68 -10.51
CA PHE G 67 35.40 -0.74 -11.44
C PHE G 67 36.31 -1.89 -11.04
N THR G 68 37.07 -2.38 -12.01
CA THR G 68 38.01 -3.53 -11.88
C THR G 68 39.45 -3.03 -11.75
N GLN G 69 40.33 -3.91 -11.26
CA GLN G 69 41.80 -3.66 -11.18
C GLN G 69 42.31 -3.38 -12.61
N ASP G 70 41.83 -4.14 -13.59
CA ASP G 70 42.19 -4.01 -15.03
C ASP G 70 41.89 -2.59 -15.52
N ASN G 71 40.78 -1.99 -15.06
CA ASN G 71 40.31 -0.62 -15.46
C ASN G 71 41.33 0.44 -15.04
N THR G 72 42.26 0.12 -14.15
CA THR G 72 43.28 1.07 -13.63
C THR G 72 44.43 1.19 -14.64
N LYS G 73 44.40 0.39 -15.71
CA LYS G 73 45.31 0.49 -16.88
C LYS G 73 44.84 1.62 -17.81
N ARG G 74 43.58 2.06 -17.70
CA ARG G 74 42.98 3.10 -18.56
C ARG G 74 43.56 4.46 -18.17
N PRO G 75 43.44 5.49 -19.04
CA PRO G 75 44.03 6.81 -18.76
C PRO G 75 43.58 7.45 -17.44
N GLN G 76 44.47 8.25 -16.83
CA GLN G 76 44.28 8.94 -15.52
C GLN G 76 42.93 9.67 -15.51
N ILE G 77 42.58 10.37 -16.61
CA ILE G 77 41.36 11.23 -16.68
C ILE G 77 40.10 10.36 -16.56
N GLN G 78 40.12 9.16 -17.16
CA GLN G 78 38.99 8.18 -17.07
C GLN G 78 38.96 7.57 -15.67
N ARG G 79 40.13 7.15 -15.15
CA ARG G 79 40.27 6.55 -13.79
C ARG G 79 39.73 7.52 -12.73
N LYS G 80 40.10 8.80 -12.81
CA LYS G 80 39.61 9.85 -11.87
C LYS G 80 38.08 9.92 -11.96
N ALA G 81 37.54 9.95 -13.18
CA ALA G 81 36.10 10.11 -13.47
C ALA G 81 35.31 8.95 -12.87
N PHE G 82 35.69 7.70 -13.14
CA PHE G 82 34.91 6.52 -12.67
C PHE G 82 35.13 6.35 -11.17
N THR G 83 36.31 6.68 -10.64
CA THR G 83 36.61 6.55 -9.19
C THR G 83 35.75 7.58 -8.43
N ASP G 84 35.73 8.84 -8.89
CA ASP G 84 34.93 9.94 -8.26
C ASP G 84 33.46 9.56 -8.28
N ALA G 85 32.96 9.03 -9.42
CA ALA G 85 31.55 8.63 -9.58
C ALA G 85 31.22 7.47 -8.62
N CYS G 86 32.12 6.51 -8.47
CA CYS G 86 31.95 5.37 -7.53
C CYS G 86 31.88 5.92 -6.09
N ILE G 87 32.78 6.84 -5.72
CA ILE G 87 32.81 7.41 -4.33
C ILE G 87 31.47 8.09 -4.05
N LYS G 88 31.02 8.99 -4.94
CA LYS G 88 29.75 9.74 -4.82
C LYS G 88 28.58 8.76 -4.71
N SER G 89 28.58 7.69 -5.52
CA SER G 89 27.51 6.65 -5.52
C SER G 89 27.38 6.04 -4.12
N VAL G 90 28.49 5.61 -3.52
CA VAL G 90 28.45 4.94 -2.18
C VAL G 90 27.98 5.97 -1.15
N GLN G 91 28.49 7.20 -1.23
CA GLN G 91 28.16 8.29 -0.29
C GLN G 91 26.67 8.64 -0.38
N GLU G 92 26.07 8.54 -1.57
CA GLU G 92 24.63 8.80 -1.76
C GLU G 92 23.81 7.70 -1.09
N ILE G 93 24.19 6.44 -1.27
CA ILE G 93 23.49 5.30 -0.58
C ILE G 93 23.67 5.47 0.93
N ALA G 94 24.79 6.02 1.38
CA ALA G 94 25.10 6.21 2.82
C ALA G 94 24.19 7.29 3.43
N LYS G 95 23.51 8.10 2.61
CA LYS G 95 22.52 9.12 3.07
C LYS G 95 21.12 8.48 3.21
N ARG G 96 20.99 7.18 2.93
CA ARG G 96 19.68 6.48 2.82
C ARG G 96 19.66 5.31 3.82
N ASP G 97 18.63 4.47 3.75
CA ASP G 97 18.49 3.24 4.59
C ASP G 97 19.06 2.05 3.81
N ALA G 98 20.20 1.54 4.23
CA ALA G 98 20.89 0.41 3.56
C ALA G 98 21.91 -0.23 4.49
N GLU G 99 22.17 -1.52 4.25
CA GLU G 99 23.39 -2.20 4.74
C GLU G 99 24.40 -2.14 3.60
N ILE G 100 25.49 -1.40 3.77
CA ILE G 100 26.45 -1.06 2.69
C ILE G 100 27.72 -1.90 2.85
N LEU G 101 28.15 -2.53 1.76
CA LEU G 101 29.44 -3.26 1.75
C LEU G 101 30.17 -2.94 0.45
N VAL G 102 31.43 -2.54 0.56
CA VAL G 102 32.36 -2.39 -0.59
C VAL G 102 33.33 -3.57 -0.56
N VAL G 103 33.47 -4.27 -1.69
CA VAL G 103 34.44 -5.39 -1.84
C VAL G 103 35.43 -5.00 -2.94
N GLY G 104 36.72 -5.08 -2.63
CA GLY G 104 37.77 -4.72 -3.58
C GLY G 104 39.14 -4.78 -2.95
N ASN G 105 40.16 -4.65 -3.77
CA ASN G 105 41.58 -4.72 -3.31
C ASN G 105 41.93 -3.38 -2.67
N THR G 106 42.02 -3.35 -1.32
CA THR G 106 42.35 -2.15 -0.52
C THR G 106 43.87 -2.00 -0.40
N ASN G 107 44.64 -3.01 -0.82
CA ASN G 107 46.13 -3.01 -0.82
C ASN G 107 46.62 -2.35 -2.11
N SER G 108 46.40 -1.04 -2.24
CA SER G 108 46.81 -0.20 -3.40
C SER G 108 46.31 1.24 -3.20
N ASP G 109 47.06 2.21 -3.75
CA ASP G 109 46.71 3.66 -3.77
C ASP G 109 45.41 3.86 -4.55
N ILE G 110 45.09 2.94 -5.46
CA ILE G 110 43.93 3.05 -6.40
C ILE G 110 42.61 2.96 -5.62
N PHE G 111 42.57 2.19 -4.52
CA PHE G 111 41.36 2.07 -3.69
C PHE G 111 41.15 3.38 -2.95
N PRO G 112 39.96 4.04 -3.09
CA PRO G 112 39.72 5.32 -2.43
C PRO G 112 39.55 5.21 -0.91
N GLU G 113 40.31 6.03 -0.18
CA GLU G 113 40.31 6.11 1.32
C GLU G 113 38.88 6.31 1.83
N GLU G 114 38.06 7.07 1.09
CA GLU G 114 36.66 7.44 1.48
C GLU G 114 35.80 6.18 1.67
N LEU G 115 36.12 5.06 1.02
CA LEU G 115 35.26 3.85 1.02
C LEU G 115 35.80 2.76 1.96
N LEU G 116 36.96 2.96 2.61
CA LEU G 116 37.53 1.97 3.56
C LEU G 116 36.54 1.64 4.68
N GLU G 117 35.78 2.63 5.18
CA GLU G 117 34.83 2.43 6.30
C GLU G 117 33.72 1.45 5.88
N TYR G 118 33.51 1.25 4.57
CA TYR G 118 32.41 0.39 4.04
C TYR G 118 32.92 -1.01 3.65
N THR G 119 34.19 -1.33 3.87
CA THR G 119 34.77 -2.66 3.53
C THR G 119 34.39 -3.69 4.60
N LYS G 120 33.76 -3.25 5.70
CA LYS G 120 32.98 -4.13 6.60
C LYS G 120 31.52 -3.67 6.53
N ARG G 121 30.58 -4.59 6.34
CA ARG G 121 29.15 -4.25 6.10
C ARG G 121 28.67 -3.31 7.20
N THR G 122 28.20 -2.12 6.80
CA THR G 122 27.73 -1.04 7.72
C THR G 122 26.24 -0.83 7.51
N LYS G 123 25.47 -1.01 8.59
CA LYS G 123 24.01 -0.74 8.63
C LYS G 123 23.83 0.76 8.84
N VAL G 124 23.23 1.43 7.84
CA VAL G 124 22.90 2.87 7.88
C VAL G 124 21.38 2.99 8.03
N GLY G 125 20.94 3.73 9.06
CA GLY G 125 19.54 3.85 9.47
C GLY G 125 18.88 2.49 9.62
N LYS G 126 17.72 2.30 8.97
CA LYS G 126 16.87 1.08 9.13
C LYS G 126 17.48 -0.14 8.42
N GLY G 127 18.43 0.06 7.49
CA GLY G 127 19.09 -1.03 6.74
C GLY G 127 18.10 -2.00 6.10
N LYS G 128 17.10 -1.48 5.39
CA LYS G 128 15.97 -2.30 4.85
C LYS G 128 16.44 -3.06 3.60
N ILE G 129 17.61 -2.75 3.05
CA ILE G 129 18.15 -3.40 1.82
C ILE G 129 19.67 -3.49 1.92
N LYS G 130 20.25 -4.56 1.41
CA LYS G 130 21.72 -4.74 1.31
C LYS G 130 22.17 -4.19 -0.03
N ILE G 131 23.10 -3.23 -0.03
CA ILE G 131 23.69 -2.66 -1.26
C ILE G 131 25.19 -2.93 -1.21
N ASN G 132 25.69 -3.67 -2.20
CA ASN G 132 27.12 -4.03 -2.33
C ASN G 132 27.69 -3.28 -3.54
N PHE G 133 28.96 -2.88 -3.44
CA PHE G 133 29.72 -2.26 -4.55
C PHE G 133 31.02 -3.03 -4.72
N LEU G 134 31.35 -3.41 -5.95
CA LEU G 134 32.68 -3.99 -6.28
C LEU G 134 33.55 -2.84 -6.76
N ILE G 135 34.58 -2.50 -5.98
CA ILE G 135 35.43 -1.30 -6.19
C ILE G 135 36.90 -1.75 -6.19
N ASN G 136 37.60 -1.55 -7.31
CA ASN G 136 38.97 -2.10 -7.50
C ASN G 136 38.86 -3.62 -7.30
N TYR G 137 37.85 -4.22 -7.92
CA TYR G 137 37.54 -5.67 -7.83
C TYR G 137 38.19 -6.38 -9.02
N GLY G 138 38.66 -7.61 -8.80
CA GLY G 138 39.05 -8.55 -9.88
C GLY G 138 38.65 -9.97 -9.53
N TRP G 139 38.15 -10.74 -10.50
CA TRP G 139 37.71 -12.13 -10.26
C TRP G 139 38.89 -12.96 -9.74
N TYR G 140 40.09 -12.74 -10.29
CA TYR G 140 41.31 -13.53 -9.97
C TYR G 140 41.74 -13.21 -8.53
N TRP G 141 41.77 -11.91 -8.20
CA TRP G 141 42.05 -11.40 -6.83
C TRP G 141 41.03 -12.02 -5.85
N ASP G 142 39.77 -12.06 -6.25
CA ASP G 142 38.65 -12.58 -5.41
C ASP G 142 38.90 -14.06 -5.10
N LEU G 143 39.15 -14.89 -6.13
CA LEU G 143 39.28 -16.35 -5.94
C LEU G 143 40.56 -16.65 -5.14
N THR G 144 41.64 -15.91 -5.40
CA THR G 144 42.98 -16.18 -4.79
C THR G 144 43.10 -15.55 -3.39
N TYR G 145 42.14 -14.72 -2.99
CA TYR G 145 42.16 -13.98 -1.69
C TYR G 145 42.35 -14.97 -0.53
N ALA G 146 41.71 -16.14 -0.63
CA ALA G 146 41.60 -17.19 0.41
C ALA G 146 42.96 -17.45 1.07
N TYR G 147 44.03 -17.55 0.28
CA TYR G 147 45.40 -17.87 0.73
C TYR G 147 45.88 -16.82 1.74
N LYS G 155 37.47 -23.50 4.84
CA LYS G 155 37.69 -23.92 3.42
C LYS G 155 37.92 -22.67 2.56
N MET G 156 38.97 -22.67 1.73
CA MET G 156 39.43 -21.51 0.93
C MET G 156 38.31 -20.97 0.04
N ILE G 157 37.41 -21.84 -0.45
CA ILE G 157 36.22 -21.43 -1.27
C ILE G 157 35.35 -20.47 -0.45
N GLU G 158 35.19 -20.74 0.85
CA GLU G 158 34.33 -19.96 1.77
C GLU G 158 35.05 -18.68 2.22
N ASN G 159 36.32 -18.49 1.83
CA ASN G 159 37.16 -17.34 2.22
C ASN G 159 37.63 -16.55 0.99
N ILE G 160 36.91 -16.66 -0.13
CA ILE G 160 37.11 -15.71 -1.27
C ILE G 160 36.84 -14.30 -0.75
N ALA G 161 37.39 -13.27 -1.39
CA ALA G 161 37.26 -11.86 -0.96
C ALA G 161 35.77 -11.48 -0.83
N SER G 162 34.93 -11.94 -1.77
CA SER G 162 33.49 -11.59 -1.86
C SER G 162 32.61 -12.56 -1.05
N ALA G 163 33.14 -13.30 -0.08
CA ALA G 163 32.42 -14.38 0.66
C ALA G 163 31.11 -13.87 1.30
N GLU G 164 31.08 -12.60 1.73
CA GLU G 164 29.90 -12.00 2.42
C GLU G 164 28.78 -11.71 1.41
N ILE G 165 29.08 -11.74 0.12
CA ILE G 165 28.06 -11.52 -0.97
C ILE G 165 27.53 -12.88 -1.39
N PRO G 166 26.21 -13.14 -1.26
CA PRO G 166 25.67 -14.46 -1.57
C PRO G 166 25.39 -14.60 -3.07
N ARG G 167 24.90 -15.78 -3.43
CA ARG G 167 24.48 -16.14 -4.81
C ARG G 167 23.59 -15.04 -5.41
N VAL G 168 23.84 -14.71 -6.68
CA VAL G 168 23.09 -13.74 -7.51
C VAL G 168 21.95 -14.48 -8.21
N ASP G 169 20.71 -14.04 -8.02
CA ASP G 169 19.53 -14.68 -8.66
C ASP G 169 19.40 -14.18 -10.10
N LEU G 170 19.52 -12.88 -10.27
CA LEU G 170 19.31 -12.18 -11.56
C LEU G 170 20.44 -11.18 -11.74
N LEU G 171 21.12 -11.24 -12.88
CA LEU G 171 22.17 -10.28 -13.27
C LEU G 171 21.64 -9.47 -14.45
N ILE G 172 21.67 -8.16 -14.33
CA ILE G 172 21.18 -7.23 -15.38
C ILE G 172 22.36 -6.39 -15.85
N ARG G 173 22.65 -6.44 -17.15
CA ARG G 173 23.79 -5.71 -17.75
C ARG G 173 23.27 -4.71 -18.78
N TRP G 174 23.65 -3.45 -18.62
CA TRP G 174 23.40 -2.37 -19.59
C TRP G 174 24.55 -2.33 -20.61
N GLY G 175 24.33 -1.69 -21.76
CA GLY G 175 25.35 -1.50 -22.80
C GLY G 175 25.42 -2.64 -23.80
N GLY G 176 24.47 -3.59 -23.76
CA GLY G 176 24.21 -4.55 -24.86
C GLY G 176 25.20 -5.72 -24.98
N ARG G 177 26.20 -5.86 -24.11
CA ARG G 177 27.15 -7.00 -24.18
C ARG G 177 26.60 -8.12 -23.29
N CYS G 178 26.51 -9.36 -23.80
CA CYS G 178 26.05 -10.52 -23.01
C CYS G 178 27.28 -11.30 -22.53
N ARG G 179 27.89 -10.84 -21.44
CA ARG G 179 29.07 -11.45 -20.79
C ARG G 179 29.12 -10.97 -19.34
N LEU G 180 29.78 -11.73 -18.48
CA LEU G 180 29.88 -11.42 -17.02
C LEU G 180 31.03 -10.43 -16.74
N SER G 181 32.04 -10.34 -17.62
CA SER G 181 33.27 -9.53 -17.41
C SER G 181 33.86 -9.84 -16.04
N GLY G 182 33.79 -11.09 -15.59
CA GLY G 182 34.42 -11.55 -14.35
C GLY G 182 33.72 -11.01 -13.11
N MET G 183 32.43 -10.70 -13.19
CA MET G 183 31.69 -10.30 -11.97
C MET G 183 31.38 -11.57 -11.17
N LEU G 184 32.01 -11.73 -10.01
CA LEU G 184 31.62 -12.71 -8.96
C LEU G 184 31.42 -14.07 -9.59
N PRO G 185 32.46 -14.72 -10.14
CA PRO G 185 32.29 -16.02 -10.80
C PRO G 185 31.61 -17.06 -9.89
N VAL G 186 31.92 -17.08 -8.60
CA VAL G 186 31.31 -18.07 -7.66
C VAL G 186 29.80 -17.83 -7.54
N GLN G 187 29.38 -16.57 -7.35
CA GLN G 187 27.97 -16.19 -7.05
C GLN G 187 27.11 -16.19 -8.31
N THR G 188 27.69 -16.24 -9.51
CA THR G 188 26.93 -16.10 -10.78
C THR G 188 26.81 -17.43 -11.52
N VAL G 189 27.27 -18.55 -10.93
CA VAL G 189 27.25 -19.88 -11.61
C VAL G 189 25.82 -20.23 -12.09
N TYR G 190 24.78 -19.86 -11.34
CA TYR G 190 23.36 -20.21 -11.67
C TYR G 190 22.51 -18.96 -11.99
N SER G 191 23.11 -17.77 -12.08
CA SER G 191 22.36 -16.51 -12.28
C SER G 191 21.66 -16.49 -13.65
N ASP G 192 20.39 -16.09 -13.68
CA ASP G 192 19.71 -15.70 -14.94
C ASP G 192 20.24 -14.32 -15.33
N ILE G 193 20.62 -14.17 -16.60
CA ILE G 193 21.27 -12.94 -17.14
C ILE G 193 20.30 -12.24 -18.10
N TYR G 194 20.10 -10.95 -17.89
CA TYR G 194 19.26 -10.09 -18.77
C TYR G 194 20.13 -8.93 -19.27
N VAL G 195 20.11 -8.70 -20.58
CA VAL G 195 20.91 -7.61 -21.22
C VAL G 195 19.96 -6.53 -21.73
N VAL G 196 20.22 -5.30 -21.29
CA VAL G 196 19.61 -4.04 -21.80
C VAL G 196 20.56 -3.49 -22.88
N ASP G 197 20.03 -3.21 -24.07
CA ASP G 197 20.87 -2.71 -25.18
C ASP G 197 21.33 -1.28 -24.90
N GLU G 198 20.51 -0.46 -24.26
CA GLU G 198 20.80 0.97 -23.95
CA GLU G 198 20.86 0.98 -24.02
C GLU G 198 22.02 1.08 -23.02
N MET G 199 22.84 2.11 -23.18
CA MET G 199 23.99 2.39 -22.28
C MET G 199 23.45 2.79 -20.91
N TRP G 200 24.24 2.54 -19.86
CA TRP G 200 23.80 2.73 -18.45
C TRP G 200 23.27 4.15 -18.21
N PRO G 201 23.91 5.24 -18.69
CA PRO G 201 23.35 6.59 -18.44
C PRO G 201 21.96 6.83 -19.03
N ASP G 202 21.53 5.99 -19.98
CA ASP G 202 20.16 6.05 -20.58
C ASP G 202 19.19 5.13 -19.83
N PHE G 203 19.55 4.69 -18.62
CA PHE G 203 18.67 3.88 -17.75
C PHE G 203 17.25 4.47 -17.72
N LYS G 204 16.25 3.59 -17.86
CA LYS G 204 14.83 3.87 -17.62
C LYS G 204 14.28 2.80 -16.68
N PRO G 205 13.32 3.12 -15.79
CA PRO G 205 12.69 2.08 -14.97
C PRO G 205 12.24 0.86 -15.78
N GLU G 206 11.72 1.07 -16.99
CA GLU G 206 11.21 0.00 -17.88
C GLU G 206 12.29 -1.06 -18.11
N HIS G 207 13.56 -0.67 -18.16
CA HIS G 207 14.70 -1.61 -18.30
C HIS G 207 14.69 -2.63 -17.15
N LEU G 208 14.59 -2.14 -15.92
CA LEU G 208 14.58 -2.99 -14.71
C LEU G 208 13.27 -3.79 -14.69
N PHE G 209 12.14 -3.18 -15.05
CA PHE G 209 10.83 -3.86 -15.10
C PHE G 209 10.91 -5.05 -16.06
N LYS G 210 11.48 -4.85 -17.26
CA LYS G 210 11.57 -5.93 -18.28
C LYS G 210 12.48 -7.05 -17.76
N ALA G 211 13.58 -6.72 -17.08
CA ALA G 211 14.49 -7.72 -16.48
C ALA G 211 13.72 -8.56 -15.44
N LEU G 212 12.90 -7.91 -14.63
CA LEU G 212 12.09 -8.59 -13.58
C LEU G 212 11.00 -9.44 -14.23
N GLU G 213 10.39 -8.98 -15.32
CA GLU G 213 9.38 -9.78 -16.08
C GLU G 213 10.08 -11.04 -16.63
N PHE G 214 11.29 -10.89 -17.16
CA PHE G 214 12.14 -12.01 -17.65
C PHE G 214 12.34 -13.04 -16.52
N TYR G 215 12.78 -12.58 -15.35
CA TYR G 215 13.05 -13.45 -14.17
C TYR G 215 11.77 -14.18 -13.78
N GLN G 216 10.65 -13.45 -13.72
CA GLN G 216 9.34 -14.01 -13.29
C GLN G 216 8.86 -15.05 -14.30
N ASN G 217 9.21 -14.89 -15.58
CA ASN G 217 8.74 -15.76 -16.69
C ASN G 217 9.56 -17.06 -16.76
N GLN G 218 10.63 -17.19 -15.97
CA GLN G 218 11.50 -18.39 -15.99
C GLN G 218 10.74 -19.58 -15.42
N ASP G 219 10.99 -20.77 -15.98
CA ASP G 219 10.38 -22.06 -15.55
C ASP G 219 10.94 -22.39 -14.15
N ILE G 220 10.04 -22.49 -13.16
CA ILE G 220 10.36 -22.71 -11.71
C ILE G 220 11.08 -21.47 -11.17
N PRO H 2 32.03 -35.45 -43.87
CA PRO H 2 30.94 -34.46 -43.70
C PRO H 2 29.55 -35.11 -43.61
N GLY H 3 28.67 -34.53 -42.79
CA GLY H 3 27.29 -35.00 -42.59
C GLY H 3 26.47 -34.91 -43.86
N TYR H 4 25.95 -33.72 -44.17
CA TYR H 4 25.19 -33.40 -45.41
C TYR H 4 25.59 -32.01 -45.91
N GLN H 5 25.24 -31.67 -47.15
CA GLN H 5 25.65 -30.42 -47.82
C GLN H 5 24.90 -29.23 -47.19
N MET H 6 25.63 -28.19 -46.82
CA MET H 6 25.05 -26.92 -46.32
C MET H 6 25.65 -25.75 -47.10
N ASP H 7 24.91 -24.64 -47.15
CA ASP H 7 25.36 -23.32 -47.64
C ASP H 7 25.75 -22.50 -46.40
N ILE H 8 27.01 -22.63 -45.99
CA ILE H 8 27.52 -22.00 -44.72
C ILE H 8 27.92 -20.57 -45.03
N PRO H 9 27.45 -19.57 -44.23
CA PRO H 9 27.90 -18.19 -44.37
C PRO H 9 29.42 -18.04 -44.22
N LYS H 10 29.99 -17.01 -44.84
CA LYS H 10 31.42 -16.63 -44.70
C LYS H 10 31.55 -15.75 -43.45
N PHE H 11 32.57 -15.99 -42.63
CA PHE H 11 32.78 -15.27 -41.34
C PHE H 11 34.11 -14.50 -41.40
N LYS H 12 34.08 -13.25 -40.91
CA LYS H 12 35.24 -12.32 -40.83
C LYS H 12 36.06 -12.58 -39.56
N ARG H 13 35.39 -13.03 -38.48
CA ARG H 13 36.01 -13.36 -37.18
C ARG H 13 35.40 -14.67 -36.70
N LEU H 14 36.20 -15.58 -36.17
CA LEU H 14 35.70 -16.84 -35.56
C LEU H 14 36.22 -16.96 -34.14
N PRO H 15 35.42 -17.55 -33.23
CA PRO H 15 35.90 -17.83 -31.89
C PRO H 15 36.94 -18.97 -31.92
N ARG H 16 38.01 -18.87 -31.12
CA ARG H 16 39.01 -19.96 -30.96
C ARG H 16 38.34 -21.15 -30.28
N HIS H 17 37.49 -20.86 -29.30
CA HIS H 17 36.91 -21.86 -28.36
C HIS H 17 35.42 -21.56 -28.16
N ILE H 18 34.57 -22.49 -28.59
CA ILE H 18 33.10 -22.47 -28.37
C ILE H 18 32.75 -23.42 -27.23
N ALA H 19 31.92 -22.96 -26.31
CA ALA H 19 31.25 -23.82 -25.30
C ALA H 19 29.80 -24.02 -25.73
N ILE H 20 29.31 -25.24 -25.58
CA ILE H 20 27.92 -25.64 -25.95
C ILE H 20 27.21 -26.15 -24.70
N ILE H 21 26.10 -25.52 -24.35
CA ILE H 21 25.17 -26.08 -23.33
C ILE H 21 23.94 -26.61 -24.06
N PRO H 22 23.87 -27.95 -24.24
CA PRO H 22 22.81 -28.58 -25.04
C PRO H 22 21.55 -28.85 -24.20
N ASP H 23 20.95 -27.79 -23.68
CA ASP H 23 19.82 -27.85 -22.72
C ASP H 23 18.48 -27.95 -23.47
N GLY H 24 17.46 -28.47 -22.80
CA GLY H 24 16.06 -28.51 -23.29
C GLY H 24 15.58 -29.91 -23.62
N ASN H 25 16.39 -30.95 -23.36
CA ASN H 25 16.09 -32.33 -23.80
C ASN H 25 14.84 -32.83 -23.08
N ARG H 26 14.71 -32.53 -21.79
CA ARG H 26 13.58 -33.03 -20.96
C ARG H 26 12.28 -32.31 -21.40
N ARG H 27 12.30 -30.99 -21.55
CA ARG H 27 11.12 -30.21 -22.03
C ARG H 27 10.74 -30.67 -23.43
N TRP H 28 11.74 -30.89 -24.29
CA TRP H 28 11.52 -31.36 -25.68
C TRP H 28 10.73 -32.68 -25.63
N ALA H 29 11.17 -33.62 -24.79
CA ALA H 29 10.56 -34.96 -24.64
C ALA H 29 9.12 -34.82 -24.12
N LEU H 30 8.91 -33.99 -23.09
CA LEU H 30 7.56 -33.79 -22.50
C LEU H 30 6.62 -33.20 -23.55
N ALA H 31 7.11 -32.28 -24.39
CA ALA H 31 6.33 -31.55 -25.41
C ALA H 31 5.81 -32.52 -26.49
N ARG H 32 6.52 -33.62 -26.74
CA ARG H 32 6.17 -34.63 -27.77
C ARG H 32 5.50 -35.85 -27.13
N GLY H 33 5.11 -35.74 -25.85
CA GLY H 33 4.36 -36.79 -25.12
C GLY H 33 5.22 -38.00 -24.80
N LEU H 34 6.53 -37.81 -24.63
CA LEU H 34 7.49 -38.85 -24.16
C LEU H 34 7.77 -38.64 -22.67
N GLU H 35 8.39 -39.61 -22.00
CA GLU H 35 8.91 -39.46 -20.62
C GLU H 35 10.11 -38.50 -20.67
N LYS H 36 10.33 -37.74 -19.59
CA LYS H 36 11.38 -36.69 -19.47
C LYS H 36 12.74 -37.24 -19.94
N HIS H 37 13.12 -38.44 -19.50
CA HIS H 37 14.48 -39.02 -19.71
C HIS H 37 14.71 -39.38 -21.19
N GLU H 38 13.65 -39.49 -22.00
CA GLU H 38 13.75 -40.00 -23.40
C GLU H 38 14.36 -38.92 -24.31
N GLY H 39 14.39 -37.66 -23.89
CA GLY H 39 14.88 -36.54 -24.71
C GLY H 39 16.35 -36.70 -25.05
N TYR H 40 17.14 -37.26 -24.13
CA TYR H 40 18.62 -37.32 -24.23
C TYR H 40 19.03 -38.14 -25.47
N SER H 41 18.27 -39.16 -25.84
CA SER H 41 18.58 -40.06 -26.99
C SER H 41 18.41 -39.32 -28.32
N SER H 42 17.76 -38.14 -28.32
CA SER H 42 17.61 -37.26 -29.51
C SER H 42 18.63 -36.10 -29.46
N GLY H 43 19.59 -36.14 -28.54
CA GLY H 43 20.60 -35.08 -28.35
C GLY H 43 21.91 -35.40 -29.05
N ILE H 44 22.04 -36.58 -29.64
CA ILE H 44 23.34 -37.05 -30.20
C ILE H 44 23.54 -36.46 -31.61
N ILE H 45 22.55 -36.62 -32.51
CA ILE H 45 22.69 -36.14 -33.91
C ILE H 45 22.92 -34.62 -33.92
N PRO H 46 22.18 -33.78 -33.15
CA PRO H 46 22.54 -32.35 -33.06
C PRO H 46 24.03 -32.09 -32.75
N GLY H 47 24.62 -32.86 -31.85
CA GLY H 47 26.06 -32.73 -31.53
C GLY H 47 26.94 -33.07 -32.72
N LEU H 48 26.56 -34.08 -33.51
CA LEU H 48 27.33 -34.47 -34.72
C LEU H 48 27.23 -33.37 -35.76
N GLU H 49 26.07 -32.71 -35.86
CA GLU H 49 25.84 -31.60 -36.82
C GLU H 49 26.73 -30.43 -36.39
N VAL H 50 26.78 -30.12 -35.10
CA VAL H 50 27.67 -29.03 -34.60
C VAL H 50 29.13 -29.40 -34.92
N TYR H 51 29.52 -30.64 -34.66
CA TYR H 51 30.90 -31.14 -34.92
C TYR H 51 31.23 -30.90 -36.41
N ASP H 52 30.35 -31.35 -37.30
CA ASP H 52 30.57 -31.27 -38.77
C ASP H 52 30.69 -29.80 -39.20
N ILE H 53 29.86 -28.90 -38.66
CA ILE H 53 29.89 -27.47 -39.06
C ILE H 53 31.20 -26.87 -38.55
N CYS H 54 31.57 -27.17 -37.31
CA CYS H 54 32.80 -26.60 -36.68
C CYS H 54 34.04 -27.06 -37.46
N VAL H 55 34.09 -28.33 -37.87
CA VAL H 55 35.18 -28.87 -38.72
C VAL H 55 35.23 -28.08 -40.03
N LYS H 56 34.08 -27.90 -40.69
CA LYS H 56 33.97 -27.26 -42.03
C LYS H 56 34.50 -25.83 -41.96
N ILE H 57 34.14 -25.07 -40.93
CA ILE H 57 34.52 -23.63 -40.84
C ILE H 57 35.89 -23.46 -40.15
N GLY H 58 36.39 -24.49 -39.46
CA GLY H 58 37.76 -24.53 -38.90
C GLY H 58 37.84 -24.02 -37.46
N ILE H 59 36.79 -24.21 -36.67
CA ILE H 59 36.82 -23.91 -35.21
C ILE H 59 37.86 -24.81 -34.55
N GLY H 60 38.73 -24.25 -33.70
CA GLY H 60 39.85 -25.00 -33.12
C GLY H 60 39.43 -25.89 -31.97
N GLU H 61 38.46 -25.47 -31.16
CA GLU H 61 38.13 -26.16 -29.88
C GLU H 61 36.66 -25.97 -29.55
N VAL H 62 35.99 -27.05 -29.16
CA VAL H 62 34.56 -27.02 -28.74
C VAL H 62 34.45 -27.83 -27.44
N THR H 63 33.84 -27.24 -26.41
CA THR H 63 33.59 -27.91 -25.12
C THR H 63 32.08 -28.10 -24.99
N PHE H 64 31.63 -29.34 -24.81
CA PHE H 64 30.21 -29.70 -24.62
C PHE H 64 29.98 -29.96 -23.12
N PHE H 65 28.97 -29.29 -22.57
CA PHE H 65 28.39 -29.58 -21.24
C PHE H 65 27.63 -30.91 -21.34
N GLY H 66 28.16 -31.97 -20.73
CA GLY H 66 27.54 -33.31 -20.66
C GLY H 66 26.65 -33.46 -19.45
N PHE H 67 27.23 -33.60 -18.25
CA PHE H 67 26.44 -33.53 -16.99
C PHE H 67 27.35 -33.14 -15.84
N THR H 68 26.73 -32.56 -14.81
CA THR H 68 27.38 -32.03 -13.59
C THR H 68 27.05 -32.94 -12.40
N GLN H 69 27.79 -32.79 -11.31
CA GLN H 69 27.52 -33.52 -10.04
C GLN H 69 26.12 -33.13 -9.55
N ASP H 70 25.71 -31.87 -9.72
CA ASP H 70 24.37 -31.36 -9.29
C ASP H 70 23.27 -32.09 -10.07
N ASN H 71 23.50 -32.42 -11.34
CA ASN H 71 22.55 -33.16 -12.22
C ASN H 71 22.29 -34.56 -11.66
N THR H 72 23.25 -35.14 -10.91
CA THR H 72 23.16 -36.53 -10.37
C THR H 72 22.19 -36.59 -9.18
N LYS H 73 21.62 -35.46 -8.75
CA LYS H 73 20.55 -35.41 -7.70
C LYS H 73 19.20 -35.75 -8.34
N ARG H 74 19.12 -35.80 -9.67
CA ARG H 74 17.88 -36.09 -10.45
C ARG H 74 17.56 -37.57 -10.35
N PRO H 75 16.31 -38.00 -10.71
CA PRO H 75 15.95 -39.42 -10.65
C PRO H 75 16.89 -40.34 -11.44
N GLN H 76 17.08 -41.57 -10.93
CA GLN H 76 17.98 -42.62 -11.48
C GLN H 76 17.73 -42.81 -12.99
N ILE H 77 16.47 -42.85 -13.42
CA ILE H 77 16.09 -43.12 -14.84
C ILE H 77 16.61 -41.98 -15.73
N GLN H 78 16.66 -40.76 -15.20
CA GLN H 78 17.23 -39.58 -15.91
C GLN H 78 18.76 -39.70 -15.93
N ARG H 79 19.37 -40.05 -14.79
CA ARG H 79 20.85 -40.22 -14.66
C ARG H 79 21.33 -41.25 -15.70
N LYS H 80 20.68 -42.40 -15.77
CA LYS H 80 21.04 -43.48 -16.74
C LYS H 80 20.97 -42.92 -18.16
N ALA H 81 19.91 -42.17 -18.48
CA ALA H 81 19.63 -41.63 -19.83
C ALA H 81 20.70 -40.60 -20.23
N PHE H 82 21.02 -39.62 -19.37
CA PHE H 82 22.00 -38.57 -19.76
C PHE H 82 23.42 -39.18 -19.76
N THR H 83 23.70 -40.15 -18.90
CA THR H 83 25.02 -40.85 -18.87
C THR H 83 25.16 -41.65 -20.17
N ASP H 84 24.15 -42.43 -20.55
CA ASP H 84 24.17 -43.26 -21.78
C ASP H 84 24.41 -42.34 -22.98
N ALA H 85 23.71 -41.21 -23.04
CA ALA H 85 23.79 -40.24 -24.17
C ALA H 85 25.19 -39.63 -24.22
N CYS H 86 25.78 -39.31 -23.06
CA CYS H 86 27.15 -38.76 -22.98
C CYS H 86 28.15 -39.80 -23.49
N ILE H 87 28.03 -41.05 -23.04
CA ILE H 87 28.93 -42.14 -23.50
C ILE H 87 28.85 -42.25 -25.03
N LYS H 88 27.63 -42.33 -25.57
CA LYS H 88 27.38 -42.49 -27.03
C LYS H 88 27.98 -41.30 -27.80
N SER H 89 27.81 -40.09 -27.28
CA SER H 89 28.32 -38.84 -27.90
C SER H 89 29.83 -38.92 -28.06
N VAL H 90 30.55 -39.31 -27.00
CA VAL H 90 32.04 -39.40 -27.04
C VAL H 90 32.42 -40.47 -28.08
N GLN H 91 31.71 -41.60 -28.06
CA GLN H 91 31.99 -42.76 -28.95
C GLN H 91 31.77 -42.36 -30.42
N GLU H 92 30.80 -41.48 -30.69
CA GLU H 92 30.51 -41.01 -32.07
C GLU H 92 31.64 -40.08 -32.54
N ILE H 93 32.12 -39.19 -31.68
CA ILE H 93 33.28 -38.32 -32.04
C ILE H 93 34.52 -39.21 -32.23
N ALA H 94 34.62 -40.31 -31.48
CA ALA H 94 35.75 -41.28 -31.58
C ALA H 94 35.77 -41.99 -32.94
N LYS H 95 34.64 -42.02 -33.66
CA LYS H 95 34.57 -42.58 -35.04
C LYS H 95 35.07 -41.57 -36.08
N ARG H 96 35.39 -40.34 -35.68
CA ARG H 96 35.63 -39.19 -36.59
C ARG H 96 37.05 -38.68 -36.37
N ASP H 97 37.32 -37.42 -36.72
CA ASP H 97 38.65 -36.76 -36.62
C ASP H 97 38.60 -35.74 -35.49
N ALA H 98 39.29 -35.99 -34.38
CA ALA H 98 39.28 -35.09 -33.21
C ALA H 98 40.43 -35.41 -32.24
N GLU H 99 40.77 -34.44 -31.40
CA GLU H 99 41.52 -34.63 -30.14
C GLU H 99 40.51 -34.54 -29.01
N ILE H 100 40.15 -35.70 -28.42
CA ILE H 100 39.02 -35.81 -27.45
C ILE H 100 39.57 -35.71 -26.03
N LEU H 101 39.01 -34.83 -25.21
CA LEU H 101 39.30 -34.78 -23.75
C LEU H 101 37.99 -34.81 -22.98
N VAL H 102 37.90 -35.67 -21.97
CA VAL H 102 36.79 -35.68 -20.97
C VAL H 102 37.35 -35.12 -19.66
N VAL H 103 36.65 -34.14 -19.07
CA VAL H 103 36.99 -33.55 -17.76
C VAL H 103 35.82 -33.74 -16.80
N GLY H 104 36.11 -34.25 -15.60
CA GLY H 104 35.12 -34.40 -14.53
C GLY H 104 35.67 -35.22 -13.39
N ASN H 105 34.84 -35.48 -12.37
CA ASN H 105 35.24 -36.21 -11.15
C ASN H 105 35.20 -37.72 -11.45
N THR H 106 36.37 -38.34 -11.63
CA THR H 106 36.53 -39.79 -11.94
C THR H 106 36.45 -40.61 -10.65
N ASN H 107 36.69 -39.99 -9.49
CA ASN H 107 36.63 -40.63 -8.15
C ASN H 107 35.17 -40.77 -7.71
N SER H 108 34.37 -41.49 -8.49
CA SER H 108 32.91 -41.64 -8.31
C SER H 108 32.39 -42.81 -9.15
N ASP H 109 31.41 -43.56 -8.62
CA ASP H 109 30.72 -44.67 -9.31
C ASP H 109 29.94 -44.12 -10.50
N ILE H 110 29.56 -42.83 -10.45
CA ILE H 110 28.70 -42.14 -11.46
C ILE H 110 29.51 -41.92 -12.75
N PHE H 111 30.82 -41.70 -12.66
CA PHE H 111 31.70 -41.48 -13.85
C PHE H 111 31.82 -42.79 -14.62
N PRO H 112 31.50 -42.82 -15.94
CA PRO H 112 31.49 -44.06 -16.70
C PRO H 112 32.90 -44.59 -17.03
N GLU H 113 33.15 -45.86 -16.68
CA GLU H 113 34.38 -46.64 -17.00
C GLU H 113 34.77 -46.45 -18.47
N GLU H 114 33.78 -46.39 -19.37
CA GLU H 114 33.96 -46.35 -20.84
C GLU H 114 34.71 -45.08 -21.28
N LEU H 115 34.74 -44.04 -20.44
CA LEU H 115 35.27 -42.69 -20.81
C LEU H 115 36.59 -42.41 -20.10
N LEU H 116 37.08 -43.31 -19.24
CA LEU H 116 38.38 -43.14 -18.53
C LEU H 116 39.51 -42.95 -19.55
N GLU H 117 39.45 -43.62 -20.69
CA GLU H 117 40.45 -43.53 -21.79
C GLU H 117 40.64 -42.08 -22.24
N TYR H 118 39.59 -41.25 -22.14
CA TYR H 118 39.55 -39.90 -22.74
C TYR H 118 39.88 -38.82 -21.70
N THR H 119 40.24 -39.21 -20.47
CA THR H 119 40.66 -38.27 -19.39
C THR H 119 42.09 -37.76 -19.65
N LYS H 120 42.79 -38.33 -20.64
CA LYS H 120 43.97 -37.71 -21.32
C LYS H 120 43.59 -37.44 -22.78
N ARG H 121 43.96 -36.28 -23.33
CA ARG H 121 43.54 -35.87 -24.69
C ARG H 121 43.99 -36.95 -25.69
N THR H 122 43.02 -37.58 -26.35
CA THR H 122 43.21 -38.76 -27.25
C THR H 122 42.92 -38.35 -28.70
N LYS H 123 43.90 -38.52 -29.59
CA LYS H 123 43.75 -38.28 -31.05
C LYS H 123 42.98 -39.45 -31.68
N VAL H 124 41.91 -39.15 -32.42
CA VAL H 124 41.13 -40.13 -33.24
C VAL H 124 41.11 -39.61 -34.68
N GLY H 125 41.27 -40.51 -35.65
CA GLY H 125 41.41 -40.16 -37.08
C GLY H 125 42.54 -39.15 -37.28
N LYS H 126 42.25 -38.06 -38.01
CA LYS H 126 43.27 -37.05 -38.42
C LYS H 126 43.39 -35.93 -37.39
N GLY H 127 42.57 -35.94 -36.33
CA GLY H 127 42.56 -34.90 -35.27
C GLY H 127 42.02 -33.58 -35.80
N LYS H 128 42.83 -32.51 -35.70
CA LYS H 128 42.63 -31.16 -36.30
C LYS H 128 41.39 -30.44 -35.75
N ILE H 129 40.78 -30.94 -34.66
CA ILE H 129 39.82 -30.17 -33.82
C ILE H 129 39.85 -30.76 -32.40
N LYS H 130 39.87 -29.90 -31.39
CA LYS H 130 39.80 -30.31 -29.97
C LYS H 130 38.33 -30.36 -29.56
N ILE H 131 37.85 -31.53 -29.12
CA ILE H 131 36.47 -31.69 -28.60
C ILE H 131 36.58 -32.11 -27.14
N ASN H 132 36.07 -31.27 -26.24
CA ASN H 132 36.04 -31.51 -24.78
C ASN H 132 34.61 -31.85 -24.37
N PHE H 133 34.47 -32.74 -23.40
CA PHE H 133 33.19 -33.10 -22.74
C PHE H 133 33.34 -32.93 -21.24
N LEU H 134 32.41 -32.21 -20.61
CA LEU H 134 32.30 -32.10 -19.14
C LEU H 134 31.36 -33.21 -18.68
N ILE H 135 31.91 -34.21 -17.98
CA ILE H 135 31.21 -35.45 -17.57
C ILE H 135 31.43 -35.64 -16.07
N ASN H 136 30.37 -35.56 -15.28
CA ASN H 136 30.43 -35.56 -13.79
C ASN H 136 31.34 -34.39 -13.37
N TYR H 137 31.18 -33.27 -14.07
CA TYR H 137 31.88 -32.00 -13.80
C TYR H 137 31.12 -31.23 -12.70
N GLY H 138 31.84 -30.46 -11.91
CA GLY H 138 31.23 -29.51 -10.95
C GLY H 138 32.09 -28.28 -10.79
N TRP H 139 31.48 -27.09 -10.78
CA TRP H 139 32.25 -25.83 -10.63
C TRP H 139 32.99 -25.84 -9.29
N TYR H 140 32.37 -26.36 -8.23
CA TYR H 140 32.91 -26.36 -6.85
C TYR H 140 34.12 -27.31 -6.80
N TRP H 141 33.94 -28.54 -7.28
CA TRP H 141 35.01 -29.56 -7.48
C TRP H 141 36.17 -28.96 -8.30
N ASP H 142 35.87 -28.18 -9.34
CA ASP H 142 36.89 -27.62 -10.26
C ASP H 142 37.76 -26.61 -9.51
N LEU H 143 37.14 -25.65 -8.82
CA LEU H 143 37.85 -24.57 -8.12
C LEU H 143 38.62 -25.16 -6.92
N THR H 144 37.99 -26.07 -6.16
CA THR H 144 38.54 -26.65 -4.90
C THR H 144 39.73 -27.57 -5.22
N TYR H 145 39.80 -28.10 -6.44
CA TYR H 145 40.96 -28.88 -6.96
C TYR H 145 42.22 -28.04 -6.82
N ALA H 146 42.13 -26.74 -7.15
CA ALA H 146 43.26 -25.77 -7.16
C ALA H 146 43.66 -25.42 -5.72
N TYR H 147 42.68 -25.17 -4.83
CA TYR H 147 42.90 -24.80 -3.42
C TYR H 147 43.65 -25.93 -2.69
N ASP H 148 43.30 -27.19 -2.99
CA ASP H 148 43.92 -28.40 -2.39
C ASP H 148 45.30 -28.63 -3.03
N ASP H 152 50.20 -21.52 -3.03
CA ASP H 152 50.05 -20.07 -3.34
C ASP H 152 48.89 -19.85 -4.31
N GLY H 153 48.36 -18.62 -4.37
CA GLY H 153 47.25 -18.22 -5.26
C GLY H 153 47.71 -18.03 -6.70
N LYS H 154 48.96 -17.62 -6.90
CA LYS H 154 49.59 -17.39 -8.23
C LYS H 154 49.54 -18.69 -9.05
N LYS H 155 49.66 -19.85 -8.37
CA LYS H 155 49.76 -21.20 -8.98
C LYS H 155 48.37 -21.82 -9.15
N MET H 156 47.39 -21.44 -8.31
CA MET H 156 46.05 -22.09 -8.23
C MET H 156 45.40 -22.14 -9.61
N ILE H 157 45.39 -21.02 -10.34
CA ILE H 157 44.65 -20.83 -11.62
C ILE H 157 45.14 -21.86 -12.64
N GLU H 158 46.42 -22.22 -12.58
CA GLU H 158 47.07 -23.22 -13.46
C GLU H 158 46.63 -24.63 -13.03
N ASN H 159 46.05 -24.77 -11.84
CA ASN H 159 45.85 -26.09 -11.17
C ASN H 159 44.39 -26.34 -10.81
N ILE H 160 43.43 -25.60 -11.38
CA ILE H 160 42.00 -26.00 -11.35
C ILE H 160 41.89 -27.32 -12.13
N ALA H 161 40.86 -28.12 -11.82
CA ALA H 161 40.65 -29.45 -12.43
C ALA H 161 40.59 -29.33 -13.96
N SER H 162 39.99 -28.25 -14.47
CA SER H 162 39.74 -28.03 -15.92
C SER H 162 40.86 -27.21 -16.58
N ALA H 163 42.06 -27.17 -15.98
CA ALA H 163 43.17 -26.28 -16.40
C ALA H 163 43.55 -26.51 -17.87
N GLU H 164 43.38 -27.74 -18.39
CA GLU H 164 43.71 -28.11 -19.80
C GLU H 164 42.76 -27.40 -20.78
N ILE H 165 41.57 -27.00 -20.33
CA ILE H 165 40.53 -26.33 -21.18
C ILE H 165 40.77 -24.83 -21.10
N PRO H 166 41.05 -24.15 -22.23
CA PRO H 166 41.36 -22.73 -22.20
C PRO H 166 40.10 -21.85 -22.15
N ARG H 167 40.32 -20.54 -22.07
CA ARG H 167 39.25 -19.51 -22.04
C ARG H 167 38.21 -19.79 -23.14
N VAL H 168 36.93 -19.67 -22.81
CA VAL H 168 35.77 -19.80 -23.76
C VAL H 168 35.50 -18.44 -24.40
N ASP H 169 35.55 -18.37 -25.73
CA ASP H 169 35.31 -17.10 -26.48
C ASP H 169 33.81 -16.89 -26.62
N LEU H 170 33.11 -17.94 -27.05
CA LEU H 170 31.66 -17.91 -27.34
C LEU H 170 31.01 -19.10 -26.65
N LEU H 171 29.98 -18.82 -25.84
CA LEU H 171 29.15 -19.86 -25.20
C LEU H 171 27.77 -19.80 -25.84
N ILE H 172 27.28 -20.95 -26.32
CA ILE H 172 25.97 -21.06 -26.99
C ILE H 172 25.11 -22.01 -26.17
N ARG H 173 23.94 -21.55 -25.74
CA ARG H 173 23.03 -22.36 -24.88
C ARG H 173 21.68 -22.50 -25.58
N TRP H 174 21.24 -23.74 -25.78
CA TRP H 174 19.89 -24.10 -26.27
C TRP H 174 18.91 -24.15 -25.08
N GLY H 175 17.62 -24.12 -25.38
CA GLY H 175 16.56 -24.26 -24.37
C GLY H 175 16.17 -22.95 -23.72
N GLY H 176 16.70 -21.82 -24.20
CA GLY H 176 16.16 -20.48 -23.94
C GLY H 176 16.52 -19.89 -22.59
N ARG H 177 17.31 -20.57 -21.74
CA ARG H 177 17.75 -20.01 -20.44
C ARG H 177 19.08 -19.29 -20.66
N CYS H 178 19.22 -18.07 -20.13
CA CYS H 178 20.49 -17.31 -20.18
C CYS H 178 21.18 -17.47 -18.81
N ARG H 179 21.92 -18.56 -18.66
CA ARG H 179 22.63 -18.90 -17.41
C ARG H 179 23.71 -19.93 -17.72
N LEU H 180 24.74 -19.97 -16.90
CA LEU H 180 25.94 -20.81 -17.13
C LEU H 180 25.73 -22.21 -16.53
N SER H 181 24.81 -22.36 -15.57
CA SER H 181 24.59 -23.63 -14.83
C SER H 181 25.95 -24.19 -14.36
N GLY H 182 26.84 -23.31 -13.88
CA GLY H 182 28.14 -23.68 -13.29
C GLY H 182 29.12 -24.24 -14.30
N MET H 183 28.98 -23.88 -15.58
CA MET H 183 29.97 -24.34 -16.59
C MET H 183 31.24 -23.48 -16.50
N LEU H 184 32.35 -24.08 -16.09
CA LEU H 184 33.72 -23.52 -16.23
C LEU H 184 33.76 -22.05 -15.82
N PRO H 185 33.52 -21.72 -14.52
CA PRO H 185 33.47 -20.33 -14.08
C PRO H 185 34.74 -19.54 -14.45
N VAL H 186 35.91 -20.18 -14.38
CA VAL H 186 37.20 -19.49 -14.70
C VAL H 186 37.23 -19.16 -16.19
N GLN H 187 36.94 -20.12 -17.06
CA GLN H 187 37.11 -19.96 -18.52
C GLN H 187 35.99 -19.08 -19.11
N THR H 188 34.90 -18.83 -18.38
CA THR H 188 33.71 -18.13 -18.92
C THR H 188 33.62 -16.68 -18.42
N VAL H 189 34.61 -16.17 -17.66
CA VAL H 189 34.54 -14.78 -17.10
C VAL H 189 34.31 -13.75 -18.23
N TYR H 190 34.89 -13.97 -19.42
CA TYR H 190 34.81 -12.99 -20.55
C TYR H 190 34.03 -13.56 -21.74
N SER H 191 33.39 -14.73 -21.60
CA SER H 191 32.64 -15.38 -22.70
C SER H 191 31.46 -14.51 -23.16
N ASP H 192 31.33 -14.29 -24.46
CA ASP H 192 30.06 -13.76 -25.03
C ASP H 192 29.08 -14.92 -25.09
N ILE H 193 27.85 -14.69 -24.63
CA ILE H 193 26.81 -15.72 -24.45
C ILE H 193 25.69 -15.48 -25.47
N TYR H 194 25.34 -16.52 -26.21
CA TYR H 194 24.25 -16.51 -27.20
C TYR H 194 23.25 -17.59 -26.80
N VAL H 195 21.98 -17.22 -26.68
CA VAL H 195 20.89 -18.13 -26.26
C VAL H 195 19.99 -18.44 -27.45
N VAL H 196 19.82 -19.72 -27.73
CA VAL H 196 18.85 -20.23 -28.73
C VAL H 196 17.59 -20.66 -27.96
N ASP H 197 16.42 -20.15 -28.37
CA ASP H 197 15.16 -20.42 -27.64
C ASP H 197 14.75 -21.89 -27.83
N GLU H 198 15.03 -22.47 -29.00
CA GLU H 198 14.67 -23.89 -29.30
C GLU H 198 15.43 -24.83 -28.39
N MET H 199 14.79 -25.95 -28.01
CA MET H 199 15.41 -27.04 -27.22
C MET H 199 16.47 -27.72 -28.09
N TRP H 200 17.50 -28.26 -27.45
CA TRP H 200 18.69 -28.86 -28.13
C TRP H 200 18.29 -29.87 -29.22
N PRO H 201 17.36 -30.84 -28.99
CA PRO H 201 16.98 -31.76 -30.05
C PRO H 201 16.42 -31.11 -31.33
N ASP H 202 15.99 -29.84 -31.24
CA ASP H 202 15.46 -29.04 -32.38
C ASP H 202 16.58 -28.23 -33.03
N PHE H 203 17.84 -28.57 -32.73
CA PHE H 203 19.02 -27.93 -33.36
C PHE H 203 18.82 -27.79 -34.87
N LYS H 204 19.17 -26.62 -35.39
CA LYS H 204 19.28 -26.32 -36.84
C LYS H 204 20.62 -25.64 -37.08
N PRO H 205 21.29 -25.88 -38.23
CA PRO H 205 22.54 -25.18 -38.53
C PRO H 205 22.46 -23.66 -38.34
N GLU H 206 21.31 -23.04 -38.66
CA GLU H 206 21.08 -21.57 -38.53
C GLU H 206 21.33 -21.11 -37.09
N HIS H 207 21.02 -21.95 -36.10
CA HIS H 207 21.31 -21.65 -34.67
C HIS H 207 22.79 -21.34 -34.51
N LEU H 208 23.66 -22.20 -35.04
CA LEU H 208 25.13 -22.02 -34.90
C LEU H 208 25.57 -20.85 -35.78
N PHE H 209 25.03 -20.73 -36.99
CA PHE H 209 25.38 -19.61 -37.91
C PHE H 209 25.08 -18.28 -37.23
N LYS H 210 23.89 -18.14 -36.62
CA LYS H 210 23.48 -16.85 -36.00
C LYS H 210 24.36 -16.57 -34.78
N ALA H 211 24.71 -17.59 -33.98
CA ALA H 211 25.62 -17.43 -32.83
C ALA H 211 26.99 -16.93 -33.31
N LEU H 212 27.49 -17.46 -34.44
CA LEU H 212 28.80 -17.03 -34.99
C LEU H 212 28.70 -15.61 -35.56
N GLU H 213 27.57 -15.25 -36.17
CA GLU H 213 27.30 -13.88 -36.66
C GLU H 213 27.34 -12.92 -35.47
N PHE H 214 26.64 -13.28 -34.39
CA PHE H 214 26.66 -12.55 -33.09
C PHE H 214 28.10 -12.32 -32.65
N TYR H 215 28.92 -13.38 -32.60
CA TYR H 215 30.32 -13.28 -32.11
C TYR H 215 31.09 -12.30 -33.01
N GLN H 216 30.97 -12.44 -34.33
CA GLN H 216 31.76 -11.60 -35.28
C GLN H 216 31.27 -10.14 -35.19
N ASN H 217 30.05 -9.89 -34.73
CA ASN H 217 29.45 -8.53 -34.65
C ASN H 217 29.82 -7.85 -33.32
N GLN H 218 30.55 -8.52 -32.43
CA GLN H 218 30.94 -7.92 -31.13
C GLN H 218 32.03 -6.87 -31.37
N ASP H 219 31.94 -5.78 -30.61
CA ASP H 219 32.92 -4.67 -30.65
C ASP H 219 34.18 -5.13 -29.89
N ILE H 220 35.30 -5.28 -30.59
CA ILE H 220 36.57 -5.81 -30.01
C ILE H 220 37.39 -4.67 -29.39
N THR H 221 36.88 -3.44 -29.38
CA THR H 221 37.64 -2.26 -28.86
C THR H 221 37.34 -2.00 -27.39
N LEU H 222 36.40 -2.74 -26.79
CA LEU H 222 35.78 -2.39 -25.48
C LEU H 222 36.55 -2.99 -24.30
N GLY H 223 37.46 -3.94 -24.54
CA GLY H 223 38.14 -4.68 -23.46
C GLY H 223 37.22 -5.73 -22.84
N GLY H 224 37.65 -6.35 -21.75
CA GLY H 224 36.94 -7.47 -21.12
C GLY H 224 35.57 -7.09 -20.58
#